data_5NW2
#
_entry.id   5NW2
#
_cell.length_a   94.604
_cell.length_b   94.604
_cell.length_c   368.640
_cell.angle_alpha   90.000
_cell.angle_beta   90.000
_cell.angle_gamma   90.000
#
_symmetry.space_group_name_H-M   'P 41 2 2'
#
loop_
_entity.id
_entity.type
_entity.pdbx_description
1 polymer Elongin-B
2 polymer Elongin-C
3 polymer 'Von Hippel-Lindau disease tumor suppressor'
4 non-polymer (2~{S},4~{R})-1-[(2~{S})-3,3-dimethyl-2-(oxetan-3-ylcarbonylamino)butanoyl]-~{N}-[[4-(4-methyl-1,3-thiazol-5-yl)phenyl]methyl]-4-oxidanyl-pyrrolidine-2-carboxamide
5 water water
#
loop_
_entity_poly.entity_id
_entity_poly.type
_entity_poly.pdbx_seq_one_letter_code
_entity_poly.pdbx_strand_id
1 'polypeptide(L)'
;MDVFLMIRRHKTTIFTDAKESSTVFELKRIVEGILKRPPDEQRLYKDDQLLDDGKTLGE(CAS)GFTSQTARPQAPATVG
LAFRADDTFEAL(CAS)IEPFSSPPELPDVMK
;
A,D,G,J
2 'polypeptide(L)'
;MMYVKLISSDGHEFIVKREHALTSGTIKAMLSGPGQFAENETNEVNFREIPSHVLSKVCMYFTYKVRYTNSSTEIPEFPI
APEIALELLMAANFLDC
;
B,E,H,K
3 'polypeptide(L)'
;GSMEAGRPRPVLRSVNSREPSQVIF(CAS)NRSPRVVLPVWLNFDGEPQPYPTLPPGTGRRIHSYRGHLWLFRDAGTHDG
LLVNQTELFVPSLNVDGQPIFANITLPVYTLKERCLQVVRSLVKPENYRRLDIVRSLYEDLEDHPNVQKDLERLTQERIA
HQRMGD
;
C,F,I,L
#
# COMPACT_ATOMS: atom_id res chain seq x y z
N MET A 1 -21.41 36.65 -1.73
CA MET A 1 -20.26 35.86 -2.26
C MET A 1 -19.99 36.25 -3.71
N ASP A 2 -18.71 36.43 -4.02
CA ASP A 2 -18.27 36.72 -5.39
C ASP A 2 -18.26 35.44 -6.26
N VAL A 3 -18.65 35.60 -7.52
CA VAL A 3 -18.48 34.56 -8.55
C VAL A 3 -17.65 35.16 -9.67
N PHE A 4 -16.82 34.31 -10.29
CA PHE A 4 -15.82 34.75 -11.26
C PHE A 4 -16.13 34.15 -12.62
N LEU A 5 -16.27 35.03 -13.60
CA LEU A 5 -16.90 34.69 -14.88
C LEU A 5 -16.03 35.04 -16.10
N MET A 6 -16.30 34.35 -17.20
CA MET A 6 -15.88 34.71 -18.54
C MET A 6 -17.18 34.92 -19.38
N ILE A 7 -17.41 36.13 -19.88
CA ILE A 7 -18.59 36.41 -20.70
C ILE A 7 -18.11 36.38 -22.13
N ARG A 8 -18.63 35.43 -22.92
CA ARG A 8 -18.04 35.11 -24.21
C ARG A 8 -18.99 35.20 -25.39
N ARG A 9 -18.52 35.86 -26.45
CA ARG A 9 -19.23 35.93 -27.73
C ARG A 9 -18.24 35.96 -28.87
N HIS A 10 -18.46 35.10 -29.88
CA HIS A 10 -17.59 35.04 -31.07
C HIS A 10 -16.11 34.94 -30.61
N LYS A 11 -15.29 35.95 -30.89
CA LYS A 11 -13.88 35.96 -30.41
C LYS A 11 -13.62 36.99 -29.30
N THR A 12 -14.67 37.35 -28.55
CA THR A 12 -14.58 38.28 -27.43
C THR A 12 -14.74 37.48 -26.13
N THR A 13 -13.95 37.80 -25.11
CA THR A 13 -14.05 37.15 -23.80
C THR A 13 -13.82 38.21 -22.70
N ILE A 14 -14.82 38.43 -21.84
CA ILE A 14 -14.69 39.41 -20.74
C ILE A 14 -14.43 38.69 -19.42
N PHE A 15 -13.35 39.04 -18.73
CA PHE A 15 -13.10 38.54 -17.37
C PHE A 15 -13.65 39.56 -16.37
N THR A 16 -14.54 39.11 -15.48
CA THR A 16 -15.11 39.97 -14.44
C THR A 16 -15.72 39.11 -13.32
N ASP A 17 -16.08 39.75 -12.21
CA ASP A 17 -16.78 39.09 -11.12
C ASP A 17 -18.11 39.79 -10.86
N ALA A 18 -18.98 39.13 -10.11
CA ALA A 18 -20.28 39.69 -9.69
C ALA A 18 -20.75 38.97 -8.44
N LYS A 19 -21.78 39.48 -7.77
CA LYS A 19 -22.34 38.82 -6.58
C LYS A 19 -23.24 37.67 -6.99
N GLU A 20 -23.27 36.64 -6.17
CA GLU A 20 -24.16 35.52 -6.38
C GLU A 20 -25.62 36.01 -6.34
N SER A 21 -25.90 37.01 -5.51
CA SER A 21 -27.25 37.58 -5.36
C SER A 21 -27.63 38.58 -6.47
N SER A 22 -26.70 38.93 -7.36
CA SER A 22 -27.02 39.89 -8.43
C SER A 22 -27.78 39.22 -9.56
N THR A 23 -28.47 40.04 -10.35
CA THR A 23 -29.37 39.51 -11.39
C THR A 23 -28.72 39.44 -12.75
N VAL A 24 -29.32 38.62 -13.62
CA VAL A 24 -28.98 38.54 -15.03
C VAL A 24 -28.99 39.93 -15.67
N PHE A 25 -30.05 40.69 -15.42
CA PHE A 25 -30.18 42.04 -16.00
C PHE A 25 -29.03 42.95 -15.57
N GLU A 26 -28.67 42.88 -14.29
CA GLU A 26 -27.52 43.66 -13.77
C GLU A 26 -26.21 43.27 -14.48
N LEU A 27 -26.04 41.99 -14.81
CA LEU A 27 -24.88 41.57 -15.62
C LEU A 27 -24.88 42.17 -17.04
N LYS A 28 -26.07 42.36 -17.64
CA LYS A 28 -26.16 43.04 -18.94
C LYS A 28 -25.73 44.53 -18.84
N ARG A 29 -26.02 45.17 -17.72
CA ARG A 29 -25.56 46.55 -17.49
C ARG A 29 -24.04 46.61 -17.42
N ILE A 30 -23.42 45.57 -16.85
CA ILE A 30 -21.94 45.43 -16.86
C ILE A 30 -21.44 45.27 -18.30
N VAL A 31 -22.05 44.38 -19.06
CA VAL A 31 -21.65 44.20 -20.46
C VAL A 31 -21.87 45.50 -21.24
N GLU A 32 -22.93 46.25 -20.92
CA GLU A 32 -23.22 47.52 -21.61
C GLU A 32 -22.12 48.57 -21.45
N GLY A 33 -21.60 48.72 -20.23
CA GLY A 33 -20.50 49.63 -19.94
C GLY A 33 -19.20 49.30 -20.66
N ILE A 34 -19.03 48.04 -21.06
CA ILE A 34 -17.78 47.58 -21.70
C ILE A 34 -17.91 47.55 -23.23
N LEU A 35 -18.96 46.92 -23.75
CA LEU A 35 -19.16 46.76 -25.20
C LEU A 35 -20.17 47.73 -25.85
N LYS A 36 -20.77 48.60 -25.04
CA LYS A 36 -21.62 49.68 -25.54
C LYS A 36 -22.85 49.20 -26.31
N ARG A 37 -23.50 48.15 -25.84
CA ARG A 37 -24.76 47.69 -26.40
C ARG A 37 -25.76 47.53 -25.25
N PRO A 38 -26.98 48.06 -25.41
CA PRO A 38 -27.93 48.05 -24.29
C PRO A 38 -28.48 46.67 -23.96
N PRO A 39 -29.00 46.49 -22.73
CA PRO A 39 -29.54 45.19 -22.30
C PRO A 39 -30.54 44.55 -23.26
N ASP A 40 -31.46 45.35 -23.82
CA ASP A 40 -32.45 44.80 -24.76
C ASP A 40 -31.87 44.31 -26.10
N GLU A 41 -30.58 44.56 -26.35
CA GLU A 41 -29.90 43.97 -27.51
C GLU A 41 -28.96 42.81 -27.16
N GLN A 42 -29.07 42.32 -25.92
CA GLN A 42 -28.27 41.21 -25.40
C GLN A 42 -29.12 40.00 -25.00
N ARG A 43 -28.62 38.80 -25.29
CA ARG A 43 -29.12 37.57 -24.67
C ARG A 43 -27.97 36.88 -23.94
N LEU A 44 -28.21 36.44 -22.71
CA LEU A 44 -27.19 35.74 -21.92
C LEU A 44 -27.62 34.28 -21.73
N TYR A 45 -26.63 33.38 -21.76
CA TYR A 45 -26.87 31.93 -21.74
C TYR A 45 -25.99 31.20 -20.73
N LYS A 46 -26.52 30.11 -20.19
CA LYS A 46 -25.70 29.11 -19.52
C LYS A 46 -25.83 27.85 -20.37
N ASP A 47 -24.71 27.43 -20.95
CA ASP A 47 -24.70 26.39 -21.98
C ASP A 47 -25.71 26.82 -23.05
N ASP A 48 -26.74 26.02 -23.33
CA ASP A 48 -27.71 26.42 -24.38
C ASP A 48 -28.94 27.14 -23.83
N GLN A 49 -29.01 27.35 -22.52
CA GLN A 49 -30.20 27.91 -21.89
C GLN A 49 -30.21 29.44 -21.84
N LEU A 50 -31.26 30.05 -22.41
CA LEU A 50 -31.44 31.50 -22.32
C LEU A 50 -31.77 31.88 -20.88
N LEU A 51 -31.05 32.85 -20.34
CA LEU A 51 -31.25 33.29 -18.95
C LEU A 51 -32.28 34.43 -18.86
N ASP A 52 -33.16 34.35 -17.85
CA ASP A 52 -34.18 35.37 -17.57
C ASP A 52 -33.64 36.53 -16.72
N ASP A 53 -33.95 37.77 -17.14
CA ASP A 53 -33.43 39.01 -16.53
C ASP A 53 -33.53 39.13 -15.01
N GLY A 54 -34.67 38.74 -14.44
CA GLY A 54 -34.94 38.88 -13.01
C GLY A 54 -34.31 37.82 -12.10
N LYS A 55 -33.73 36.79 -12.68
CA LYS A 55 -33.14 35.72 -11.86
C LYS A 55 -31.76 36.09 -11.34
N THR A 56 -31.41 35.60 -10.14
CA THR A 56 -30.07 35.78 -9.62
C THR A 56 -29.08 34.83 -10.29
N LEU A 57 -27.80 35.20 -10.26
CA LEU A 57 -26.77 34.37 -10.87
C LEU A 57 -26.69 33.02 -10.16
N GLY A 58 -26.88 33.04 -8.84
CA GLY A 58 -26.92 31.83 -8.03
C GLY A 58 -28.06 30.88 -8.40
N GLU A 59 -29.26 31.45 -8.60
CA GLU A 59 -30.41 30.70 -9.09
C GLU A 59 -30.17 30.04 -10.45
N GLY A 61 -27.27 28.93 -11.38
CA GLY A 61 -26.20 27.95 -11.26
C GLY A 61 -24.77 28.48 -11.17
N PHE A 62 -24.60 29.80 -11.09
CA PHE A 62 -23.27 30.37 -10.91
C PHE A 62 -23.06 30.60 -9.43
N THR A 63 -22.34 29.69 -8.79
CA THR A 63 -22.08 29.74 -7.37
C THR A 63 -20.61 29.94 -7.07
N SER A 64 -20.33 30.40 -5.86
CA SER A 64 -18.97 30.83 -5.51
C SER A 64 -17.96 29.69 -5.55
N GLN A 65 -18.43 28.48 -5.35
CA GLN A 65 -17.54 27.33 -5.36
C GLN A 65 -17.47 26.60 -6.71
N THR A 66 -18.24 27.03 -7.70
CA THR A 66 -18.09 26.53 -9.08
C THR A 66 -17.61 27.59 -10.06
N ALA A 67 -17.64 28.86 -9.67
CA ALA A 67 -17.17 29.92 -10.52
C ALA A 67 -16.00 30.61 -9.79
N ARG A 68 -14.81 30.03 -9.96
CA ARG A 68 -13.65 30.32 -9.14
C ARG A 68 -12.65 31.22 -9.87
N PRO A 69 -11.85 32.01 -9.11
CA PRO A 69 -10.87 32.89 -9.73
C PRO A 69 -9.97 32.20 -10.75
N GLN A 70 -9.45 31.03 -10.40
CA GLN A 70 -8.50 30.28 -11.23
C GLN A 70 -9.17 29.36 -12.24
N ALA A 71 -10.51 29.32 -12.24
CA ALA A 71 -11.28 28.45 -13.14
C ALA A 71 -12.69 29.03 -13.23
N PRO A 72 -12.84 30.16 -13.93
CA PRO A 72 -14.13 30.88 -13.94
C PRO A 72 -15.16 30.18 -14.82
N ALA A 73 -16.44 30.43 -14.52
CA ALA A 73 -17.57 29.84 -15.28
C ALA A 73 -17.85 30.70 -16.51
N THR A 74 -18.41 30.09 -17.54
CA THR A 74 -18.71 30.77 -18.81
C THR A 74 -20.18 31.18 -18.96
N VAL A 75 -20.39 32.43 -19.36
CA VAL A 75 -21.71 32.95 -19.71
C VAL A 75 -21.67 33.29 -21.18
N GLY A 76 -22.56 32.69 -21.97
CA GLY A 76 -22.65 32.98 -23.40
C GLY A 76 -23.35 34.30 -23.64
N LEU A 77 -22.99 34.98 -24.72
CA LEU A 77 -23.58 36.27 -25.06
C LEU A 77 -23.94 36.33 -26.55
N ALA A 78 -25.14 36.80 -26.88
CA ALA A 78 -25.53 37.05 -28.27
C ALA A 78 -26.16 38.44 -28.45
N PHE A 79 -25.84 39.09 -29.56
CA PHE A 79 -26.34 40.43 -29.89
C PHE A 79 -27.49 40.42 -30.91
N ARG A 80 -28.33 41.44 -30.83
CA ARG A 80 -29.39 41.68 -31.82
C ARG A 80 -28.90 42.67 -32.88
N ALA A 81 -28.90 42.23 -34.13
CA ALA A 81 -28.62 43.11 -35.26
C ALA A 81 -29.96 43.46 -35.90
N ASP A 82 -30.21 44.76 -36.07
CA ASP A 82 -31.45 45.24 -36.68
C ASP A 82 -32.69 44.68 -35.95
N ASP A 83 -33.47 43.84 -36.61
CA ASP A 83 -34.74 43.36 -36.06
C ASP A 83 -34.56 42.15 -35.12
N THR A 84 -33.67 41.22 -35.47
CA THR A 84 -33.60 39.90 -34.81
C THR A 84 -32.23 39.54 -34.21
N PHE A 85 -32.25 38.54 -33.32
CA PHE A 85 -31.05 38.06 -32.64
C PHE A 85 -30.25 37.07 -33.46
N GLU A 86 -28.94 37.24 -33.49
CA GLU A 86 -28.00 36.24 -34.01
C GLU A 86 -28.10 34.98 -33.14
N ALA A 87 -27.62 33.85 -33.67
CA ALA A 87 -27.50 32.63 -32.88
C ALA A 87 -26.27 32.72 -31.97
N LEU A 88 -26.30 31.99 -30.85
CA LEU A 88 -25.13 31.90 -29.96
C LEU A 88 -23.96 31.25 -30.68
N ILE A 90 -19.72 30.82 -30.01
CA ILE A 90 -18.52 31.06 -29.19
C ILE A 90 -17.36 30.35 -29.87
N GLU A 91 -16.39 31.11 -30.35
CA GLU A 91 -15.21 30.54 -31.01
C GLU A 91 -14.34 29.81 -30.01
N PRO A 92 -13.96 28.56 -30.33
CA PRO A 92 -13.09 27.87 -29.39
C PRO A 92 -11.67 28.46 -29.32
N PHE A 93 -11.01 28.31 -28.17
CA PHE A 93 -9.61 28.68 -28.05
C PHE A 93 -8.76 27.72 -28.92
N SER A 94 -7.54 28.13 -29.21
CA SER A 94 -6.61 27.31 -29.99
C SER A 94 -6.30 25.97 -29.30
N SER A 95 -5.81 25.00 -30.06
CA SER A 95 -5.44 23.68 -29.54
C SER A 95 -3.96 23.65 -29.15
N PRO A 96 -3.63 23.09 -27.98
CA PRO A 96 -2.22 22.89 -27.63
C PRO A 96 -1.53 21.91 -28.57
N PRO A 97 -0.23 22.07 -28.79
CA PRO A 97 0.46 21.11 -29.62
C PRO A 97 0.63 19.79 -28.86
N GLU A 98 1.18 18.79 -29.54
CA GLU A 98 1.52 17.51 -28.90
C GLU A 98 2.59 17.70 -27.83
N LEU A 99 2.49 16.92 -26.76
CA LEU A 99 3.54 16.91 -25.74
C LEU A 99 4.86 16.49 -26.37
N PRO A 100 5.93 17.29 -26.19
CA PRO A 100 7.25 16.86 -26.61
C PRO A 100 7.61 15.51 -25.99
N ASP A 101 8.49 14.75 -26.65
CA ASP A 101 8.80 13.40 -26.18
C ASP A 101 9.31 13.38 -24.74
N VAL A 102 10.22 14.30 -24.41
CA VAL A 102 10.77 14.36 -23.06
C VAL A 102 9.74 14.63 -21.95
N MET A 103 8.56 15.13 -22.31
CA MET A 103 7.47 15.36 -21.34
C MET A 103 6.47 14.21 -21.24
N LYS A 104 6.69 13.13 -22.00
CA LYS A 104 5.79 11.97 -21.97
C LYS A 104 6.25 10.91 -20.97
N MET B 1 -15.47 51.53 -14.20
CA MET B 1 -14.28 50.65 -14.08
C MET B 1 -13.48 50.66 -15.38
N MET B 2 -12.16 50.66 -15.26
CA MET B 2 -11.29 50.76 -16.43
C MET B 2 -10.82 49.37 -16.85
N TYR B 3 -11.10 49.04 -18.11
CA TYR B 3 -10.70 47.78 -18.71
C TYR B 3 -9.65 48.00 -19.80
N VAL B 4 -8.90 46.95 -20.11
CA VAL B 4 -7.98 46.94 -21.26
C VAL B 4 -8.19 45.66 -22.05
N LYS B 5 -7.70 45.66 -23.28
CA LYS B 5 -7.90 44.54 -24.21
C LYS B 5 -6.57 43.91 -24.57
N LEU B 6 -6.46 42.60 -24.34
CA LEU B 6 -5.29 41.82 -24.70
C LEU B 6 -5.65 40.85 -25.82
N ILE B 7 -4.99 40.99 -26.98
CA ILE B 7 -5.31 40.21 -28.17
C ILE B 7 -4.24 39.13 -28.46
N SER B 8 -4.70 37.86 -28.57
CA SER B 8 -3.83 36.73 -28.82
C SER B 8 -3.40 36.67 -30.28
N SER B 9 -2.46 35.77 -30.59
CA SER B 9 -1.92 35.67 -31.95
C SER B 9 -2.98 35.21 -32.96
N ASP B 10 -3.89 34.35 -32.51
CA ASP B 10 -5.01 33.89 -33.34
C ASP B 10 -6.25 34.82 -33.30
N GLY B 11 -6.11 36.04 -32.75
CA GLY B 11 -7.17 37.04 -32.81
C GLY B 11 -8.24 37.02 -31.71
N HIS B 12 -8.07 36.22 -30.66
CA HIS B 12 -9.01 36.27 -29.52
C HIS B 12 -8.76 37.53 -28.66
N GLU B 13 -9.84 38.25 -28.34
CA GLU B 13 -9.77 39.52 -27.60
C GLU B 13 -10.25 39.33 -26.18
N PHE B 14 -9.31 39.44 -25.24
CA PHE B 14 -9.57 39.24 -23.83
C PHE B 14 -9.65 40.61 -23.16
N ILE B 15 -10.78 40.88 -22.52
CA ILE B 15 -11.02 42.15 -21.86
C ILE B 15 -10.95 41.96 -20.35
N VAL B 16 -9.98 42.61 -19.71
CA VAL B 16 -9.72 42.43 -18.27
C VAL B 16 -9.54 43.79 -17.58
N LYS B 17 -9.71 43.85 -16.26
CA LYS B 17 -9.45 45.09 -15.52
C LYS B 17 -8.01 45.58 -15.72
N ARG B 18 -7.85 46.88 -15.88
CA ARG B 18 -6.53 47.51 -16.03
C ARG B 18 -5.57 47.13 -14.89
N GLU B 19 -6.07 47.23 -13.66
CA GLU B 19 -5.33 46.86 -12.45
C GLU B 19 -4.81 45.42 -12.53
N HIS B 20 -5.63 44.50 -13.04
CA HIS B 20 -5.21 43.11 -13.19
C HIS B 20 -4.06 42.97 -14.19
N ALA B 21 -4.16 43.66 -15.31
CA ALA B 21 -3.17 43.53 -16.38
C ALA B 21 -1.83 44.12 -15.96
N LEU B 22 -1.85 45.11 -15.06
CA LEU B 22 -0.62 45.71 -14.52
C LEU B 22 0.16 44.79 -13.57
N THR B 23 -0.38 43.62 -13.25
CA THR B 23 0.44 42.55 -12.68
C THR B 23 1.76 42.37 -13.49
N SER B 24 1.67 42.54 -14.81
CA SER B 24 2.83 42.43 -15.70
C SER B 24 3.47 43.78 -15.98
N GLY B 25 4.75 43.91 -15.61
CA GLY B 25 5.53 45.10 -15.92
C GLY B 25 5.72 45.28 -17.42
N THR B 26 5.80 44.16 -18.15
CA THR B 26 5.86 44.22 -19.61
C THR B 26 4.62 44.86 -20.23
N ILE B 27 3.44 44.44 -19.78
CA ILE B 27 2.19 44.98 -20.29
C ILE B 27 2.04 46.46 -19.94
N LYS B 28 2.48 46.85 -18.74
CA LYS B 28 2.48 48.26 -18.35
C LYS B 28 3.23 49.09 -19.38
N ALA B 29 4.42 48.63 -19.78
CA ALA B 29 5.26 49.35 -20.74
C ALA B 29 4.65 49.36 -22.14
N MET B 30 3.92 48.30 -22.49
CA MET B 30 3.24 48.25 -23.79
C MET B 30 2.01 49.18 -23.86
N LEU B 31 1.37 49.43 -22.72
CA LEU B 31 0.24 50.37 -22.67
C LEU B 31 0.74 51.82 -22.60
N SER B 32 1.81 52.05 -21.83
CA SER B 32 2.32 53.39 -21.54
C SER B 32 3.84 53.41 -21.62
N ASN B 43 -5.25 51.54 -25.16
CA ASN B 43 -5.86 50.53 -24.28
C ASN B 43 -5.99 49.14 -24.91
N GLU B 44 -5.22 48.86 -25.97
CA GLU B 44 -5.16 47.53 -26.57
C GLU B 44 -3.72 47.11 -26.80
N VAL B 45 -3.42 45.83 -26.52
CA VAL B 45 -2.10 45.24 -26.80
C VAL B 45 -2.24 43.96 -27.62
N ASN B 46 -1.46 43.84 -28.69
CA ASN B 46 -1.42 42.61 -29.49
C ASN B 46 -0.22 41.74 -29.13
N PHE B 47 -0.45 40.44 -28.98
CA PHE B 47 0.61 39.49 -28.64
C PHE B 47 0.79 38.51 -29.81
N ARG B 48 1.81 38.75 -30.62
CA ARG B 48 2.04 37.96 -31.84
C ARG B 48 2.51 36.54 -31.59
N GLU B 49 3.02 36.27 -30.39
CA GLU B 49 3.54 34.94 -30.07
C GLU B 49 2.75 34.20 -29.02
N ILE B 50 1.68 34.79 -28.48
CA ILE B 50 0.91 34.11 -27.44
C ILE B 50 -0.45 33.71 -27.99
N PRO B 51 -0.67 32.41 -28.23
CA PRO B 51 -1.99 31.93 -28.67
C PRO B 51 -3.03 31.93 -27.55
N SER B 52 -4.31 31.84 -27.94
CA SER B 52 -5.42 32.00 -27.00
C SER B 52 -5.47 30.95 -25.88
N HIS B 53 -5.09 29.70 -26.17
CA HIS B 53 -5.09 28.68 -25.09
C HIS B 53 -4.06 28.99 -23.98
N VAL B 54 -3.14 29.90 -24.26
CA VAL B 54 -2.18 30.37 -23.28
C VAL B 54 -2.62 31.69 -22.64
N LEU B 55 -3.00 32.66 -23.46
CA LEU B 55 -3.36 33.99 -22.93
C LEU B 55 -4.61 33.95 -22.02
N SER B 56 -5.55 33.05 -22.33
CA SER B 56 -6.70 32.84 -21.44
C SER B 56 -6.25 32.45 -20.03
N LYS B 57 -5.32 31.49 -19.95
CA LYS B 57 -4.76 31.08 -18.66
C LYS B 57 -4.00 32.21 -17.96
N VAL B 58 -3.22 32.99 -18.70
CA VAL B 58 -2.59 34.18 -18.14
C VAL B 58 -3.64 35.08 -17.45
N CYS B 59 -4.77 35.33 -18.13
CA CYS B 59 -5.81 36.20 -17.54
C CYS B 59 -6.38 35.62 -16.24
N MET B 60 -6.55 34.31 -16.21
CA MET B 60 -7.04 33.59 -15.04
C MET B 60 -6.05 33.73 -13.86
N TYR B 61 -4.76 33.72 -14.16
CA TYR B 61 -3.75 33.94 -13.13
C TYR B 61 -3.90 35.31 -12.49
N PHE B 62 -4.14 36.35 -13.29
CA PHE B 62 -4.32 37.71 -12.74
C PHE B 62 -5.44 37.72 -11.70
N THR B 63 -6.58 37.13 -12.05
CA THR B 63 -7.72 37.04 -11.15
C THR B 63 -7.35 36.32 -9.84
N TYR B 64 -6.68 35.18 -9.99
CA TYR B 64 -6.25 34.36 -8.87
C TYR B 64 -5.29 35.15 -7.97
N LYS B 65 -4.31 35.79 -8.58
CA LYS B 65 -3.32 36.55 -7.82
C LYS B 65 -3.93 37.70 -7.04
N VAL B 66 -4.77 38.48 -7.71
CA VAL B 66 -5.41 39.65 -7.06
C VAL B 66 -6.32 39.18 -5.91
N ARG B 67 -7.04 38.09 -6.14
CA ARG B 67 -7.94 37.55 -5.11
C ARG B 67 -7.22 36.99 -3.88
N TYR B 68 -6.09 36.32 -4.08
CA TYR B 68 -5.48 35.60 -2.96
C TYR B 68 -4.26 36.29 -2.35
N THR B 69 -3.73 37.32 -3.00
CA THR B 69 -2.65 38.10 -2.38
C THR B 69 -3.18 38.79 -1.11
N ASN B 70 -2.46 38.62 -0.01
CA ASN B 70 -2.85 39.16 1.31
C ASN B 70 -4.22 38.69 1.81
N SER B 71 -4.41 37.36 1.80
CA SER B 71 -5.58 36.71 2.39
C SER B 71 -5.10 35.55 3.27
N SER B 72 -5.71 35.39 4.44
CA SER B 72 -5.43 34.25 5.32
C SER B 72 -6.34 33.05 5.03
N THR B 73 -7.45 33.26 4.30
CA THR B 73 -8.26 32.15 3.78
C THR B 73 -7.37 31.21 2.97
N GLU B 74 -7.50 29.91 3.24
CA GLU B 74 -6.64 28.89 2.63
C GLU B 74 -6.54 29.09 1.11
N ILE B 75 -5.35 28.88 0.57
CA ILE B 75 -5.05 29.19 -0.82
C ILE B 75 -5.01 27.89 -1.62
N PRO B 76 -5.81 27.81 -2.72
CA PRO B 76 -5.74 26.63 -3.57
C PRO B 76 -4.59 26.72 -4.58
N GLU B 77 -4.20 25.56 -5.10
CA GLU B 77 -3.14 25.45 -6.08
C GLU B 77 -3.61 26.04 -7.42
N PHE B 78 -2.72 26.74 -8.12
CA PHE B 78 -3.05 27.22 -9.46
C PHE B 78 -2.85 26.06 -10.45
N PRO B 79 -3.93 25.67 -11.16
CA PRO B 79 -3.85 24.48 -12.00
C PRO B 79 -3.28 24.79 -13.38
N ILE B 80 -2.34 23.97 -13.87
CA ILE B 80 -1.76 24.10 -15.22
C ILE B 80 -1.66 22.72 -15.88
N ALA B 81 -2.41 22.50 -16.95
CA ALA B 81 -2.34 21.21 -17.66
C ALA B 81 -0.97 20.98 -18.30
N PRO B 82 -0.49 19.73 -18.28
CA PRO B 82 0.81 19.38 -18.88
C PRO B 82 1.00 19.93 -20.29
N GLU B 83 -0.05 19.87 -21.11
CA GLU B 83 0.03 20.23 -22.53
C GLU B 83 0.31 21.71 -22.79
N ILE B 84 -0.01 22.58 -21.83
CA ILE B 84 0.20 24.01 -22.01
C ILE B 84 1.38 24.57 -21.21
N ALA B 85 2.03 23.71 -20.42
CA ALA B 85 3.00 24.19 -19.42
C ALA B 85 4.21 24.89 -20.04
N LEU B 86 4.72 24.34 -21.13
CA LEU B 86 5.93 24.88 -21.73
C LEU B 86 5.69 26.27 -22.34
N GLU B 87 4.62 26.41 -23.12
CA GLU B 87 4.26 27.71 -23.71
C GLU B 87 3.90 28.75 -22.65
N LEU B 88 3.19 28.32 -21.61
CA LEU B 88 2.84 29.21 -20.51
C LEU B 88 4.10 29.74 -19.80
N LEU B 89 5.10 28.87 -19.62
CA LEU B 89 6.38 29.25 -19.00
C LEU B 89 7.06 30.36 -19.83
N MET B 90 7.05 30.18 -21.14
CA MET B 90 7.65 31.16 -22.05
C MET B 90 6.93 32.50 -21.95
N ALA B 91 5.59 32.48 -21.87
CA ALA B 91 4.83 33.71 -21.75
C ALA B 91 5.12 34.39 -20.42
N ALA B 92 5.17 33.61 -19.34
CA ALA B 92 5.41 34.14 -18.01
C ALA B 92 6.78 34.80 -17.93
N ASN B 93 7.77 34.21 -18.59
CA ASN B 93 9.12 34.79 -18.65
C ASN B 93 9.17 36.12 -19.45
N PHE B 94 8.48 36.18 -20.58
CA PHE B 94 8.36 37.42 -21.37
C PHE B 94 7.63 38.52 -20.61
N LEU B 95 6.53 38.14 -19.95
CA LEU B 95 5.66 39.07 -19.22
C LEU B 95 6.13 39.40 -17.79
N ASP B 96 7.16 38.69 -17.32
CA ASP B 96 7.70 38.87 -15.96
C ASP B 96 6.63 38.78 -14.88
N CYS B 97 5.87 37.68 -14.87
CA CYS B 97 4.78 37.55 -13.90
C CYS B 97 4.74 36.18 -13.21
N VAL C 11 24.49 32.74 11.72
CA VAL C 11 23.52 33.83 12.08
C VAL C 11 22.16 33.24 12.42
N LEU C 12 21.49 32.63 11.45
CA LEU C 12 20.19 31.99 11.71
C LEU C 12 20.39 30.66 12.40
N ARG C 13 20.07 30.63 13.69
CA ARG C 13 20.19 29.40 14.49
C ARG C 13 19.21 29.49 15.65
N SER C 14 18.79 28.33 16.17
CA SER C 14 17.94 28.32 17.33
C SER C 14 18.73 28.86 18.53
N VAL C 15 18.01 29.55 19.42
CA VAL C 15 18.54 29.94 20.74
C VAL C 15 18.35 28.79 21.74
N ASN C 16 19.38 28.46 22.51
CA ASN C 16 19.33 27.34 23.46
C ASN C 16 18.67 27.75 24.80
N SER C 17 17.34 27.91 24.78
CA SER C 17 16.62 28.48 25.93
C SER C 17 16.23 27.46 26.99
N ARG C 18 15.95 26.23 26.57
CA ARG C 18 15.47 25.18 27.48
C ARG C 18 14.07 25.39 28.08
N GLU C 19 13.29 26.36 27.59
CA GLU C 19 11.91 26.55 28.05
C GLU C 19 10.91 25.92 27.07
N PRO C 20 10.19 24.88 27.51
CA PRO C 20 9.28 24.16 26.60
C PRO C 20 8.20 25.04 25.99
N SER C 21 7.80 24.69 24.77
CA SER C 21 6.72 25.35 24.05
C SER C 21 6.06 24.30 23.17
N GLN C 22 4.77 24.06 23.44
CA GLN C 22 3.98 23.09 22.69
C GLN C 22 3.35 23.78 21.48
N VAL C 23 3.40 23.10 20.34
CA VAL C 23 3.00 23.69 19.05
C VAL C 23 2.13 22.68 18.28
N ILE C 24 1.16 23.19 17.52
CA ILE C 24 0.43 22.41 16.52
C ILE C 24 0.90 22.79 15.12
N PHE C 25 1.57 21.86 14.43
CA PHE C 25 1.86 22.02 13.01
C PHE C 25 0.57 21.62 12.29
N ASN C 27 -1.07 21.46 8.55
CA ASN C 27 -0.80 21.53 7.11
C ASN C 27 -2.09 21.87 6.34
N ARG C 28 -2.22 23.12 5.94
CA ARG C 28 -3.36 23.56 5.16
C ARG C 28 -2.93 23.81 3.71
N SER C 29 -2.12 22.91 3.19
CA SER C 29 -1.66 22.98 1.82
C SER C 29 -2.01 21.64 1.20
N PRO C 30 -1.95 21.55 -0.13
CA PRO C 30 -2.18 20.24 -0.76
C PRO C 30 -0.87 19.46 -0.95
N ARG C 31 0.24 19.94 -0.39
CA ARG C 31 1.53 19.26 -0.52
C ARG C 31 1.83 18.37 0.71
N VAL C 32 2.74 17.41 0.53
CA VAL C 32 3.36 16.71 1.66
C VAL C 32 4.43 17.66 2.24
N VAL C 33 4.39 17.89 3.54
CA VAL C 33 5.20 18.93 4.18
C VAL C 33 6.35 18.36 4.98
N LEU C 34 7.54 18.91 4.74
CA LEU C 34 8.75 18.57 5.50
C LEU C 34 9.06 19.73 6.45
N PRO C 35 8.92 19.52 7.78
CA PRO C 35 9.40 20.54 8.71
C PRO C 35 10.91 20.47 8.85
N VAL C 36 11.54 21.65 8.95
CA VAL C 36 12.99 21.75 9.11
C VAL C 36 13.31 22.65 10.32
N TRP C 37 14.03 22.08 11.29
CA TRP C 37 14.52 22.78 12.48
C TRP C 37 15.95 23.22 12.22
N LEU C 38 16.25 24.48 12.52
CA LEU C 38 17.61 24.98 12.41
C LEU C 38 18.29 24.78 13.77
N ASN C 39 19.32 23.94 13.81
CA ASN C 39 19.91 23.55 15.08
C ASN C 39 20.84 24.65 15.64
N PHE C 40 21.55 24.37 16.73
CA PHE C 40 22.31 25.42 17.42
C PHE C 40 23.53 25.93 16.65
N ASP C 41 23.94 25.20 15.59
CA ASP C 41 24.98 25.66 14.67
C ASP C 41 24.42 26.10 13.32
N GLY C 42 23.10 26.24 13.22
CA GLY C 42 22.45 26.67 11.98
C GLY C 42 22.29 25.61 10.90
N GLU C 43 22.56 24.34 11.23
CA GLU C 43 22.36 23.24 10.29
C GLU C 43 20.88 22.88 10.22
N PRO C 44 20.35 22.72 9.00
CA PRO C 44 18.99 22.28 8.84
C PRO C 44 18.84 20.81 9.24
N GLN C 45 17.93 20.53 10.17
CA GLN C 45 17.57 19.16 10.55
C GLN C 45 16.15 18.83 10.11
N PRO C 46 15.99 17.84 9.22
CA PRO C 46 14.65 17.46 8.78
C PRO C 46 13.91 16.65 9.86
N TYR C 47 12.58 16.74 9.86
CA TYR C 47 11.70 16.05 10.81
C TYR C 47 10.67 15.23 10.03
N PRO C 48 9.90 14.34 10.69
CA PRO C 48 8.94 13.51 9.95
C PRO C 48 7.92 14.35 9.14
N THR C 49 7.46 13.83 8.00
CA THR C 49 6.58 14.58 7.09
C THR C 49 5.12 14.61 7.55
N LEU C 50 4.34 15.58 7.03
CA LEU C 50 2.89 15.68 7.26
C LEU C 50 2.10 15.55 5.94
N PRO C 51 1.22 14.55 5.84
CA PRO C 51 0.38 14.47 4.63
C PRO C 51 -0.53 15.71 4.49
N PRO C 52 -1.05 15.96 3.27
CA PRO C 52 -1.93 17.12 3.04
C PRO C 52 -3.12 17.14 3.99
N GLY C 53 -3.40 18.30 4.58
CA GLY C 53 -4.57 18.46 5.43
C GLY C 53 -4.47 17.92 6.85
N THR C 54 -3.31 17.40 7.26
CA THR C 54 -3.15 16.76 8.56
C THR C 54 -2.45 17.68 9.57
N GLY C 55 -2.54 17.30 10.84
CA GLY C 55 -1.94 18.05 11.94
C GLY C 55 -1.16 17.17 12.90
N ARG C 56 -0.18 17.76 13.59
CA ARG C 56 0.59 17.05 14.62
C ARG C 56 0.83 17.97 15.81
N ARG C 57 0.64 17.45 17.02
CA ARG C 57 1.01 18.20 18.24
C ARG C 57 2.44 17.83 18.63
N ILE C 58 3.32 18.83 18.69
CA ILE C 58 4.74 18.57 18.90
C ILE C 58 5.34 19.42 20.01
N HIS C 59 6.44 18.93 20.58
CA HIS C 59 7.16 19.63 21.64
C HIS C 59 8.41 20.33 21.09
N SER C 60 8.43 21.65 21.19
CA SER C 60 9.60 22.45 20.81
C SER C 60 9.98 23.37 21.97
N TYR C 61 10.70 24.45 21.69
CA TYR C 61 11.20 25.35 22.73
C TYR C 61 11.16 26.82 22.29
N ARG C 62 11.06 27.72 23.27
CA ARG C 62 11.03 29.17 22.99
C ARG C 62 12.33 29.56 22.31
N GLY C 63 12.23 30.39 21.28
CA GLY C 63 13.42 30.83 20.56
C GLY C 63 13.97 29.87 19.51
N HIS C 64 13.35 28.69 19.34
CA HIS C 64 13.81 27.77 18.30
C HIS C 64 13.26 28.20 16.94
N LEU C 65 13.94 27.83 15.87
CA LEU C 65 13.59 28.31 14.53
C LEU C 65 13.22 27.16 13.60
N TRP C 66 12.15 27.36 12.82
CA TRP C 66 11.57 26.36 11.92
C TRP C 66 11.17 26.97 10.56
N LEU C 67 11.28 26.17 9.51
CA LEU C 67 10.73 26.52 8.22
C LEU C 67 10.13 25.26 7.61
N PHE C 68 9.40 25.41 6.50
CA PHE C 68 8.59 24.31 5.96
C PHE C 68 8.64 24.25 4.43
N ARG C 69 8.82 23.04 3.89
CA ARG C 69 9.01 22.82 2.46
C ARG C 69 8.12 21.69 1.97
N ASP C 70 7.91 21.63 0.65
CA ASP C 70 7.34 20.45 0.00
C ASP C 70 8.37 19.32 0.10
N ALA C 71 7.99 18.21 0.72
CA ALA C 71 8.91 17.11 0.98
C ALA C 71 9.52 16.47 -0.28
N GLY C 72 8.79 16.47 -1.39
CA GLY C 72 9.28 15.87 -2.63
C GLY C 72 10.09 16.79 -3.53
N THR C 73 9.77 18.07 -3.55
CA THR C 73 10.44 19.01 -4.50
C THR C 73 11.25 20.12 -3.84
N HIS C 74 11.09 20.27 -2.53
CA HIS C 74 11.65 21.38 -1.75
C HIS C 74 11.12 22.78 -2.07
N ASP C 75 10.00 22.89 -2.79
CA ASP C 75 9.34 24.20 -2.99
C ASP C 75 9.07 24.87 -1.63
N GLY C 76 9.17 26.19 -1.61
CA GLY C 76 8.96 26.98 -0.38
C GLY C 76 7.50 27.09 0.01
N LEU C 77 7.23 27.01 1.31
CA LEU C 77 5.89 27.16 1.89
C LEU C 77 5.89 28.24 2.96
N LEU C 78 4.72 28.79 3.30
CA LEU C 78 4.63 29.81 4.35
C LEU C 78 4.09 29.21 5.65
N VAL C 79 4.45 29.83 6.77
CA VAL C 79 3.90 29.46 8.06
C VAL C 79 3.48 30.73 8.78
N ASN C 80 2.23 30.75 9.22
CA ASN C 80 1.55 31.97 9.65
C ASN C 80 1.90 33.16 8.76
N GLN C 81 1.80 32.94 7.45
CA GLN C 81 1.98 33.98 6.42
C GLN C 81 3.41 34.45 6.20
N THR C 82 4.41 33.76 6.74
CA THR C 82 5.78 34.22 6.61
C THR C 82 6.77 33.04 6.48
N GLU C 83 8.06 33.35 6.41
CA GLU C 83 9.08 32.36 6.07
C GLU C 83 9.48 31.46 7.24
N LEU C 84 9.63 32.07 8.42
CA LEU C 84 10.16 31.40 9.60
C LEU C 84 9.14 31.39 10.72
N PHE C 85 9.16 30.33 11.51
CA PHE C 85 8.29 30.19 12.67
C PHE C 85 9.12 30.01 13.94
N VAL C 86 8.82 30.82 14.95
CA VAL C 86 9.50 30.78 16.24
C VAL C 86 8.48 30.56 17.36
N PRO C 87 8.54 29.38 18.03
CA PRO C 87 7.66 29.15 19.16
C PRO C 87 7.82 30.18 20.27
N SER C 88 6.69 30.63 20.80
CA SER C 88 6.67 31.62 21.87
C SER C 88 6.07 31.01 23.17
N LEU C 89 5.88 31.87 24.18
CA LEU C 89 5.35 31.43 25.46
C LEU C 89 3.90 30.94 25.33
N ASN C 90 3.64 29.72 25.81
CA ASN C 90 2.26 29.23 25.91
C ASN C 90 1.48 29.96 27.00
N VAL C 91 0.42 30.66 26.61
CA VAL C 91 -0.44 31.40 27.53
C VAL C 91 -1.68 30.54 27.85
N ASP C 92 -2.00 30.42 29.13
CA ASP C 92 -3.13 29.60 29.59
C ASP C 92 -2.95 28.10 29.26
N GLY C 93 -1.69 27.64 29.25
CA GLY C 93 -1.35 26.27 28.89
C GLY C 93 -1.78 25.82 27.51
N GLN C 94 -2.09 26.78 26.64
CA GLN C 94 -2.64 26.50 25.31
C GLN C 94 -1.51 26.43 24.25
N PRO C 95 -1.62 25.52 23.26
CA PRO C 95 -0.54 25.44 22.25
C PRO C 95 -0.55 26.60 21.25
N ILE C 96 0.59 26.82 20.61
CA ILE C 96 0.71 27.82 19.55
C ILE C 96 0.38 27.15 18.22
N PHE C 97 -0.48 27.78 17.41
CA PHE C 97 -0.78 27.25 16.08
C PHE C 97 0.21 27.71 15.01
N ALA C 98 0.80 26.76 14.30
CA ALA C 98 1.58 27.03 13.10
C ALA C 98 0.84 26.56 11.84
N ASN C 99 0.08 27.49 11.23
CA ASN C 99 -0.66 27.23 9.99
C ASN C 99 0.22 27.27 8.73
N ILE C 100 0.44 26.12 8.13
CA ILE C 100 1.31 26.00 6.95
C ILE C 100 0.47 26.05 5.69
N THR C 101 0.80 26.96 4.76
CA THR C 101 0.00 27.20 3.53
C THR C 101 0.84 27.34 2.27
N LEU C 102 0.21 27.18 1.11
CA LEU C 102 0.87 27.53 -0.15
C LEU C 102 1.09 29.04 -0.18
N PRO C 103 2.25 29.49 -0.68
CA PRO C 103 2.34 30.89 -1.11
C PRO C 103 1.53 31.11 -2.39
N VAL C 104 1.25 32.37 -2.72
CA VAL C 104 0.89 32.73 -4.09
C VAL C 104 2.19 32.78 -4.92
N TYR C 105 2.51 31.70 -5.60
CA TYR C 105 3.69 31.67 -6.48
C TYR C 105 3.48 32.58 -7.66
N THR C 106 4.58 33.14 -8.20
CA THR C 106 4.54 33.82 -9.48
C THR C 106 4.15 32.78 -10.52
N LEU C 107 3.58 33.23 -11.63
CA LEU C 107 3.21 32.32 -12.71
C LEU C 107 4.46 31.60 -13.25
N LYS C 108 5.58 32.33 -13.35
CA LYS C 108 6.83 31.72 -13.80
C LYS C 108 7.30 30.57 -12.89
N GLU C 109 7.31 30.79 -11.59
CA GLU C 109 7.74 29.72 -10.69
C GLU C 109 6.78 28.52 -10.70
N ARG C 110 5.48 28.78 -10.78
CA ARG C 110 4.51 27.69 -10.89
C ARG C 110 4.69 26.88 -12.20
N CYS C 111 4.97 27.54 -13.32
CA CYS C 111 5.26 26.82 -14.57
C CYS C 111 6.55 25.98 -14.44
N LEU C 112 7.59 26.54 -13.82
CA LEU C 112 8.82 25.78 -13.57
C LEU C 112 8.55 24.53 -12.73
N GLN C 113 7.69 24.63 -11.71
CA GLN C 113 7.34 23.46 -10.87
C GLN C 113 6.72 22.37 -11.73
N VAL C 114 5.71 22.74 -12.53
CA VAL C 114 5.01 21.77 -13.37
C VAL C 114 5.96 21.12 -14.39
N VAL C 115 6.78 21.94 -15.05
CA VAL C 115 7.74 21.42 -16.03
C VAL C 115 8.75 20.49 -15.33
N ARG C 116 9.27 20.87 -14.15
CA ARG C 116 10.19 19.99 -13.41
C ARG C 116 9.54 18.65 -13.06
N SER C 117 8.24 18.65 -12.76
CA SER C 117 7.53 17.40 -12.43
C SER C 117 7.30 16.46 -13.61
N LEU C 118 7.50 16.93 -14.83
CA LEU C 118 7.26 16.13 -16.03
C LEU C 118 8.52 15.73 -16.80
N VAL C 119 9.62 16.44 -16.58
CA VAL C 119 10.85 16.23 -17.36
C VAL C 119 11.99 15.86 -16.43
N LYS C 120 12.68 14.76 -16.73
CA LYS C 120 13.82 14.33 -15.91
C LYS C 120 14.96 15.33 -16.07
N PRO C 121 15.73 15.57 -15.00
CA PRO C 121 16.76 16.61 -15.09
C PRO C 121 17.74 16.48 -16.26
N GLU C 122 18.04 15.26 -16.69
CA GLU C 122 18.99 15.05 -17.81
C GLU C 122 18.46 15.62 -19.11
N ASN C 123 17.14 15.75 -19.20
CA ASN C 123 16.47 16.16 -20.44
C ASN C 123 16.11 17.66 -20.55
N TYR C 124 16.37 18.44 -19.49
CA TYR C 124 16.07 19.88 -19.52
C TYR C 124 16.69 20.57 -20.73
N ARG C 125 17.88 20.11 -21.12
CA ARG C 125 18.62 20.68 -22.23
C ARG C 125 18.01 20.36 -23.60
N ARG C 126 17.17 19.32 -23.67
CA ARG C 126 16.49 18.97 -24.92
C ARG C 126 15.27 19.87 -25.19
N LEU C 127 14.80 20.58 -24.16
CA LEU C 127 13.66 21.47 -24.32
C LEU C 127 14.01 22.65 -25.24
N ASP C 128 13.05 23.06 -26.05
CA ASP C 128 13.28 24.15 -26.98
C ASP C 128 12.93 25.50 -26.33
N ILE C 129 13.84 25.99 -25.52
CA ILE C 129 13.67 27.25 -24.78
C ILE C 129 15.00 27.98 -24.72
N VAL C 130 14.98 29.27 -24.38
CA VAL C 130 16.22 30.02 -24.22
C VAL C 130 17.10 29.47 -23.10
N ARG C 131 18.42 29.63 -23.24
CA ARG C 131 19.36 29.08 -22.28
C ARG C 131 19.03 29.52 -20.84
N SER C 132 18.57 30.76 -20.67
CA SER C 132 18.29 31.27 -19.32
C SER C 132 17.17 30.48 -18.59
N LEU C 133 16.20 29.97 -19.35
CA LEU C 133 15.14 29.14 -18.76
C LEU C 133 15.64 27.74 -18.41
N TYR C 134 16.63 27.23 -19.15
CA TYR C 134 17.30 25.97 -18.78
C TYR C 134 18.00 26.11 -17.44
N GLU C 135 18.71 27.22 -17.24
CA GLU C 135 19.33 27.53 -15.94
C GLU C 135 18.27 27.63 -14.83
N ASP C 136 17.17 28.32 -15.09
CA ASP C 136 16.09 28.47 -14.11
C ASP C 136 15.53 27.11 -13.66
N LEU C 137 15.36 26.19 -14.60
CA LEU C 137 14.93 24.81 -14.28
C LEU C 137 15.97 24.03 -13.42
N GLU C 138 17.24 24.08 -13.83
CA GLU C 138 18.32 23.39 -13.13
C GLU C 138 18.52 23.95 -11.73
N ASP C 139 18.28 25.26 -11.56
CA ASP C 139 18.44 25.91 -10.25
C ASP C 139 17.19 25.68 -9.38
N HIS C 140 16.96 24.43 -8.99
CA HIS C 140 15.73 24.08 -8.29
C HIS C 140 15.77 24.50 -6.82
N PRO C 141 14.60 24.59 -6.16
CA PRO C 141 14.57 25.03 -4.76
C PRO C 141 15.43 24.17 -3.85
N ASN C 142 16.03 24.80 -2.85
CA ASN C 142 16.99 24.17 -1.96
C ASN C 142 17.12 25.01 -0.69
N VAL C 143 17.13 24.36 0.46
CA VAL C 143 17.13 25.06 1.76
C VAL C 143 18.40 25.90 1.99
N GLN C 144 19.56 25.36 1.66
CA GLN C 144 20.82 26.09 1.83
C GLN C 144 20.80 27.46 1.13
N LYS C 145 20.37 27.47 -0.13
CA LYS C 145 20.24 28.69 -0.92
C LYS C 145 19.40 29.74 -0.19
N ASP C 146 18.28 29.30 0.39
CA ASP C 146 17.39 30.20 1.08
C ASP C 146 17.94 30.69 2.44
N LEU C 147 18.73 29.85 3.11
CA LEU C 147 19.35 30.28 4.36
C LEU C 147 20.38 31.37 4.11
N GLU C 148 21.12 31.25 3.00
CA GLU C 148 22.05 32.28 2.59
C GLU C 148 21.29 33.57 2.30
N ARG C 149 20.25 33.46 1.45
CA ARG C 149 19.43 34.62 1.10
C ARG C 149 18.95 35.36 2.34
N LEU C 150 18.34 34.66 3.29
CA LEU C 150 17.81 35.27 4.51
C LEU C 150 18.92 35.69 5.49
N THR C 151 19.93 36.40 4.98
CA THR C 151 21.07 36.83 5.78
C THR C 151 21.67 38.11 5.19
N MET D 1 -4.29 -4.03 -21.98
CA MET D 1 -3.20 -4.84 -22.60
C MET D 1 -2.98 -4.38 -24.03
N ASP D 2 -1.72 -4.25 -24.42
CA ASP D 2 -1.35 -3.84 -25.77
C ASP D 2 -1.29 -5.03 -26.72
N VAL D 3 -1.72 -4.81 -27.96
CA VAL D 3 -1.52 -5.78 -29.04
C VAL D 3 -0.69 -5.13 -30.13
N PHE D 4 0.20 -5.90 -30.75
CA PHE D 4 1.15 -5.39 -31.75
C PHE D 4 0.80 -5.92 -33.13
N LEU D 5 0.63 -5.00 -34.08
CA LEU D 5 0.00 -5.30 -35.37
C LEU D 5 0.83 -4.91 -36.58
N MET D 6 0.59 -5.64 -37.67
CA MET D 6 0.95 -5.25 -39.03
C MET D 6 -0.36 -5.02 -39.82
N ILE D 7 -0.58 -3.80 -40.30
CA ILE D 7 -1.74 -3.52 -41.15
C ILE D 7 -1.32 -3.51 -42.61
N ARG D 8 -1.85 -4.44 -43.41
CA ARG D 8 -1.30 -4.75 -44.71
C ARG D 8 -2.29 -4.62 -45.88
N ARG D 9 -1.84 -3.93 -46.93
CA ARG D 9 -2.55 -3.78 -48.20
C ARG D 9 -1.53 -3.71 -49.32
N HIS D 10 -1.72 -4.53 -50.36
CA HIS D 10 -0.82 -4.59 -51.51
C HIS D 10 0.64 -4.65 -51.03
N LYS D 11 1.44 -3.60 -51.25
CA LYS D 11 2.85 -3.60 -50.81
C LYS D 11 3.12 -2.62 -49.66
N THR D 12 2.05 -2.19 -48.98
CA THR D 12 2.11 -1.32 -47.81
C THR D 12 1.94 -2.18 -46.55
N THR D 13 2.77 -1.92 -45.54
CA THR D 13 2.72 -2.58 -44.25
C THR D 13 3.00 -1.57 -43.13
N ILE D 14 2.02 -1.33 -42.26
CA ILE D 14 2.17 -0.39 -41.15
C ILE D 14 2.40 -1.13 -39.84
N PHE D 15 3.48 -0.81 -39.13
CA PHE D 15 3.71 -1.33 -37.77
C PHE D 15 3.15 -0.37 -36.74
N THR D 16 2.25 -0.87 -35.89
CA THR D 16 1.72 -0.06 -34.80
C THR D 16 1.15 -0.95 -33.68
N ASP D 17 0.73 -0.32 -32.59
CA ASP D 17 0.09 -1.04 -31.49
C ASP D 17 -1.21 -0.36 -31.10
N ALA D 18 -2.03 -1.09 -30.35
CA ALA D 18 -3.31 -0.57 -29.84
C ALA D 18 -3.74 -1.39 -28.64
N LYS D 19 -4.79 -0.93 -27.95
CA LYS D 19 -5.27 -1.63 -26.77
C LYS D 19 -6.22 -2.75 -27.20
N GLU D 20 -6.21 -3.83 -26.42
CA GLU D 20 -7.09 -4.96 -26.66
C GLU D 20 -8.54 -4.49 -26.64
N SER D 21 -8.83 -3.52 -25.78
CA SER D 21 -10.17 -2.97 -25.56
C SER D 21 -10.59 -1.90 -26.56
N SER D 22 -9.70 -1.45 -27.44
CA SER D 22 -10.05 -0.44 -28.45
C SER D 22 -10.82 -1.07 -29.61
N THR D 23 -11.52 -0.23 -30.37
CA THR D 23 -12.44 -0.69 -31.39
C THR D 23 -11.84 -0.67 -32.79
N VAL D 24 -12.52 -1.38 -33.70
CA VAL D 24 -12.13 -1.48 -35.10
C VAL D 24 -12.18 -0.10 -35.75
N PHE D 25 -13.20 0.69 -35.39
CA PHE D 25 -13.37 2.03 -35.92
C PHE D 25 -12.20 2.91 -35.51
N GLU D 26 -11.77 2.81 -34.25
CA GLU D 26 -10.64 3.61 -33.75
C GLU D 26 -9.32 3.27 -34.44
N LEU D 27 -9.19 2.01 -34.88
CA LEU D 27 -8.03 1.59 -35.70
C LEU D 27 -8.09 2.15 -37.13
N LYS D 28 -9.29 2.35 -37.68
CA LYS D 28 -9.45 3.02 -38.98
C LYS D 28 -8.99 4.48 -38.89
N ARG D 29 -9.27 5.13 -37.76
CA ARG D 29 -8.78 6.50 -37.51
C ARG D 29 -7.24 6.57 -37.43
N ILE D 30 -6.59 5.51 -36.96
CA ILE D 30 -5.12 5.49 -36.94
C ILE D 30 -4.58 5.36 -38.37
N VAL D 31 -5.16 4.45 -39.14
CA VAL D 31 -4.81 4.34 -40.57
C VAL D 31 -5.06 5.67 -41.29
N GLU D 32 -6.17 6.35 -40.95
CA GLU D 32 -6.53 7.62 -41.59
C GLU D 32 -5.44 8.68 -41.44
N GLY D 33 -4.88 8.78 -40.23
CA GLY D 33 -3.82 9.72 -39.95
C GLY D 33 -2.54 9.44 -40.75
N ILE D 34 -2.29 8.17 -41.05
CA ILE D 34 -1.08 7.76 -41.76
C ILE D 34 -1.25 7.82 -43.29
N LEU D 35 -2.30 7.17 -43.81
CA LEU D 35 -2.46 7.03 -45.26
C LEU D 35 -3.49 7.99 -45.88
N LYS D 36 -4.02 8.91 -45.09
CA LYS D 36 -4.93 9.96 -45.57
C LYS D 36 -6.16 9.44 -46.30
N ARG D 37 -6.77 8.38 -45.77
CA ARG D 37 -8.06 7.89 -46.30
C ARG D 37 -9.06 7.74 -45.14
N PRO D 38 -10.28 8.23 -45.32
CA PRO D 38 -11.25 8.22 -44.23
C PRO D 38 -11.80 6.82 -43.90
N PRO D 39 -12.36 6.66 -42.68
CA PRO D 39 -12.87 5.36 -42.26
C PRO D 39 -13.86 4.72 -43.23
N ASP D 40 -14.76 5.51 -43.81
CA ASP D 40 -15.78 4.94 -44.71
C ASP D 40 -15.23 4.49 -46.08
N GLU D 41 -13.96 4.76 -46.35
CA GLU D 41 -13.27 4.20 -47.53
C GLU D 41 -12.29 3.08 -47.13
N GLN D 42 -12.47 2.52 -45.93
CA GLN D 42 -11.63 1.45 -45.43
C GLN D 42 -12.45 0.23 -45.06
N ARG D 43 -11.94 -0.96 -45.37
CA ARG D 43 -12.43 -2.22 -44.79
C ARG D 43 -11.26 -2.94 -44.14
N LEU D 44 -11.42 -3.38 -42.89
CA LEU D 44 -10.38 -4.11 -42.20
C LEU D 44 -10.77 -5.56 -42.06
N TYR D 45 -9.76 -6.44 -42.12
CA TYR D 45 -9.99 -7.87 -42.14
C TYR D 45 -9.12 -8.60 -41.13
N LYS D 46 -9.65 -9.72 -40.64
CA LYS D 46 -8.85 -10.75 -39.99
C LYS D 46 -8.94 -11.99 -40.86
N ASP D 47 -7.84 -12.34 -41.51
CA ASP D 47 -7.86 -13.36 -42.57
C ASP D 47 -8.89 -12.93 -43.64
N ASP D 48 -9.92 -13.74 -43.89
CA ASP D 48 -10.96 -13.37 -44.86
C ASP D 48 -12.21 -12.76 -44.23
N GLN D 49 -12.19 -12.50 -42.92
CA GLN D 49 -13.40 -12.05 -42.21
C GLN D 49 -13.43 -10.53 -42.07
N LEU D 50 -14.55 -9.92 -42.43
CA LEU D 50 -14.74 -8.49 -42.34
C LEU D 50 -15.05 -8.08 -40.90
N LEU D 51 -14.34 -7.07 -40.41
CA LEU D 51 -14.47 -6.62 -39.03
C LEU D 51 -15.45 -5.45 -38.92
N ASP D 52 -16.48 -5.60 -38.09
CA ASP D 52 -17.44 -4.52 -37.84
C ASP D 52 -16.81 -3.40 -36.99
N ASP D 53 -17.16 -2.15 -37.30
CA ASP D 53 -16.59 -0.98 -36.66
C ASP D 53 -16.67 -0.98 -35.13
N GLY D 54 -17.79 -1.46 -34.59
CA GLY D 54 -18.07 -1.33 -33.17
C GLY D 54 -17.48 -2.40 -32.27
N LYS D 55 -16.83 -3.41 -32.85
CA LYS D 55 -16.28 -4.52 -32.08
C LYS D 55 -14.87 -4.19 -31.58
N THR D 56 -14.47 -4.77 -30.44
CA THR D 56 -13.15 -4.52 -29.94
C THR D 56 -12.17 -5.45 -30.65
N LEU D 57 -10.90 -5.08 -30.60
CA LEU D 57 -9.86 -5.91 -31.19
C LEU D 57 -9.78 -7.28 -30.49
N GLY D 58 -9.95 -7.28 -29.16
CA GLY D 58 -9.93 -8.52 -28.36
C GLY D 58 -11.07 -9.48 -28.66
N GLU D 59 -12.24 -8.93 -28.99
CA GLU D 59 -13.41 -9.70 -29.44
C GLU D 59 -13.16 -10.39 -30.76
N GLY D 61 -10.35 -11.47 -31.70
CA GLY D 61 -9.26 -12.44 -31.57
C GLY D 61 -7.84 -11.90 -31.56
N PHE D 62 -7.67 -10.57 -31.49
CA PHE D 62 -6.34 -9.97 -31.34
C PHE D 62 -6.05 -9.82 -29.87
N THR D 63 -5.28 -10.76 -29.32
CA THR D 63 -4.92 -10.74 -27.90
C THR D 63 -3.44 -10.49 -27.69
N SER D 64 -3.10 -9.94 -26.54
CA SER D 64 -1.72 -9.56 -26.23
C SER D 64 -0.76 -10.72 -26.33
N GLN D 65 -1.23 -11.91 -25.99
CA GLN D 65 -0.37 -13.08 -26.05
C GLN D 65 -0.23 -13.70 -27.44
N THR D 66 -1.00 -13.24 -28.43
CA THR D 66 -0.79 -13.67 -29.83
C THR D 66 -0.21 -12.53 -30.69
N ALA D 67 -0.68 -11.31 -30.47
CA ALA D 67 -0.18 -10.16 -31.19
C ALA D 67 1.02 -9.54 -30.46
N ARG D 68 2.20 -10.12 -30.65
CA ARG D 68 3.40 -9.87 -29.83
C ARG D 68 4.38 -8.90 -30.51
N PRO D 69 5.17 -8.13 -29.72
CA PRO D 69 6.12 -7.16 -30.29
C PRO D 69 7.01 -7.77 -31.37
N GLN D 70 7.52 -8.97 -31.10
CA GLN D 70 8.51 -9.62 -31.98
C GLN D 70 7.87 -10.56 -33.00
N ALA D 71 6.53 -10.60 -33.02
CA ALA D 71 5.74 -11.47 -33.92
C ALA D 71 4.32 -10.91 -34.00
N PRO D 72 4.16 -9.74 -34.64
CA PRO D 72 2.86 -9.05 -34.63
C PRO D 72 1.81 -9.75 -35.50
N ALA D 73 0.53 -9.53 -35.17
CA ALA D 73 -0.61 -10.15 -35.87
C ALA D 73 -0.99 -9.29 -37.05
N THR D 74 -1.52 -9.91 -38.11
CA THR D 74 -1.82 -9.20 -39.35
C THR D 74 -3.28 -8.75 -39.45
N VAL D 75 -3.48 -7.49 -39.80
CA VAL D 75 -4.78 -6.94 -40.15
C VAL D 75 -4.75 -6.58 -41.63
N GLY D 76 -5.70 -7.13 -42.39
CA GLY D 76 -5.84 -6.81 -43.80
C GLY D 76 -6.59 -5.52 -43.99
N LEU D 77 -6.28 -4.80 -45.07
CA LEU D 77 -6.89 -3.52 -45.38
C LEU D 77 -7.21 -3.44 -46.87
N ALA D 78 -8.44 -3.04 -47.21
CA ALA D 78 -8.84 -2.74 -48.60
C ALA D 78 -9.46 -1.33 -48.69
N PHE D 79 -9.14 -0.60 -49.76
CA PHE D 79 -9.67 0.75 -49.98
C PHE D 79 -10.84 0.74 -50.97
N ARG D 80 -11.68 1.78 -50.87
CA ARG D 80 -12.76 2.03 -51.86
C ARG D 80 -12.34 3.09 -52.88
N ALA D 81 -12.34 2.72 -54.16
CA ALA D 81 -12.11 3.66 -55.25
C ALA D 81 -13.40 3.78 -56.07
N ASP D 82 -13.80 5.03 -56.35
CA ASP D 82 -15.08 5.30 -57.01
C ASP D 82 -16.24 4.65 -56.24
N ASP D 83 -17.15 3.98 -56.93
CA ASP D 83 -18.34 3.39 -56.31
C ASP D 83 -18.06 2.27 -55.30
N THR D 84 -17.17 1.34 -55.65
CA THR D 84 -17.04 0.06 -54.93
C THR D 84 -15.66 -0.20 -54.33
N PHE D 85 -15.60 -1.15 -53.40
CA PHE D 85 -14.34 -1.55 -52.75
C PHE D 85 -13.58 -2.56 -53.62
N GLU D 86 -12.25 -2.44 -53.60
CA GLU D 86 -11.38 -3.44 -54.20
C GLU D 86 -11.40 -4.73 -53.37
N ALA D 87 -10.87 -5.81 -53.94
CA ALA D 87 -10.71 -7.06 -53.21
C ALA D 87 -9.46 -7.01 -52.31
N LEU D 88 -9.48 -7.77 -51.23
CA LEU D 88 -8.34 -7.87 -50.32
C LEU D 88 -7.15 -8.48 -51.04
N ILE D 90 -2.98 -8.82 -50.49
CA ILE D 90 -1.76 -8.63 -49.69
C ILE D 90 -0.60 -9.35 -50.39
N GLU D 91 0.35 -8.58 -50.89
CA GLU D 91 1.51 -9.13 -51.56
C GLU D 91 2.42 -9.81 -50.56
N PRO D 92 2.88 -11.03 -50.87
CA PRO D 92 3.75 -11.76 -49.95
C PRO D 92 5.15 -11.16 -49.94
N PHE D 93 5.87 -11.32 -48.84
CA PHE D 93 7.26 -10.89 -48.78
C PHE D 93 8.08 -11.83 -49.67
N SER D 94 9.31 -11.43 -49.96
CA SER D 94 10.22 -12.25 -50.77
C SER D 94 10.52 -13.57 -50.07
N SER D 95 11.17 -14.47 -50.78
CA SER D 95 11.47 -15.81 -50.27
C SER D 95 12.94 -15.91 -49.89
N PRO D 96 13.23 -16.54 -48.74
CA PRO D 96 14.63 -16.74 -48.39
C PRO D 96 15.30 -17.72 -49.34
N PRO D 97 16.62 -17.61 -49.51
CA PRO D 97 17.35 -18.53 -50.39
C PRO D 97 17.57 -19.88 -49.71
N GLU D 98 18.05 -20.86 -50.49
CA GLU D 98 18.44 -22.16 -49.95
C GLU D 98 19.57 -21.99 -48.94
N LEU D 99 19.54 -22.77 -47.88
CA LEU D 99 20.60 -22.73 -46.86
C LEU D 99 21.94 -23.12 -47.45
N PRO D 100 22.98 -22.33 -47.17
CA PRO D 100 24.33 -22.70 -47.59
C PRO D 100 24.78 -24.05 -47.02
N ASP D 101 25.76 -24.67 -47.66
CA ASP D 101 26.21 -26.02 -47.29
C ASP D 101 26.76 -26.07 -45.85
N VAL D 102 27.47 -25.01 -45.46
CA VAL D 102 28.09 -24.95 -44.13
C VAL D 102 27.10 -24.77 -42.97
N MET D 103 25.85 -24.43 -43.28
CA MET D 103 24.77 -24.40 -42.28
C MET D 103 23.88 -25.62 -42.44
N MET E 1 1.64 11.84 -34.23
CA MET E 1 2.82 10.93 -34.18
C MET E 1 3.55 10.94 -35.51
N MET E 2 4.88 10.91 -35.44
CA MET E 2 5.71 10.98 -36.64
C MET E 2 6.04 9.57 -37.14
N TYR E 3 5.81 9.33 -38.43
CA TYR E 3 6.15 8.07 -39.06
C TYR E 3 7.15 8.29 -40.21
N VAL E 4 7.94 7.26 -40.52
CA VAL E 4 8.82 7.27 -41.70
C VAL E 4 8.59 6.01 -42.52
N LYS E 5 9.05 6.03 -43.78
CA LYS E 5 8.85 4.89 -44.69
C LYS E 5 10.19 4.27 -45.03
N LEU E 6 10.28 2.94 -44.90
CA LEU E 6 11.47 2.17 -45.25
C LEU E 6 11.12 1.19 -46.37
N ILE E 7 11.74 1.35 -47.53
CA ILE E 7 11.39 0.59 -48.73
C ILE E 7 12.45 -0.47 -49.04
N SER E 8 12.03 -1.73 -49.11
CA SER E 8 12.93 -2.86 -49.40
C SER E 8 13.36 -2.86 -50.87
N SER E 9 14.27 -3.76 -51.22
CA SER E 9 14.77 -3.86 -52.61
C SER E 9 13.72 -4.38 -53.61
N ASP E 10 12.75 -5.15 -53.10
CA ASP E 10 11.63 -5.66 -53.93
C ASP E 10 10.37 -4.76 -53.90
N GLY E 11 10.50 -3.55 -53.37
CA GLY E 11 9.40 -2.59 -53.40
C GLY E 11 8.41 -2.57 -52.24
N HIS E 12 8.62 -3.39 -51.21
CA HIS E 12 7.72 -3.32 -50.04
C HIS E 12 7.98 -2.06 -49.22
N GLU E 13 6.90 -1.35 -48.90
CA GLU E 13 6.97 -0.11 -48.14
C GLU E 13 6.50 -0.37 -46.70
N PHE E 14 7.44 -0.26 -45.77
CA PHE E 14 7.18 -0.46 -44.35
C PHE E 14 7.12 0.89 -43.64
N ILE E 15 6.04 1.13 -42.90
CA ILE E 15 5.80 2.40 -42.25
C ILE E 15 5.89 2.19 -40.75
N VAL E 16 6.89 2.81 -40.13
CA VAL E 16 7.16 2.63 -38.70
C VAL E 16 7.29 4.00 -38.02
N LYS E 17 7.05 4.05 -36.71
CA LYS E 17 7.28 5.26 -35.92
C LYS E 17 8.70 5.78 -36.12
N ARG E 18 8.83 7.10 -36.26
CA ARG E 18 10.12 7.74 -36.45
C ARG E 18 11.10 7.35 -35.33
N GLU E 19 10.65 7.53 -34.09
CA GLU E 19 11.40 7.12 -32.90
C GLU E 19 12.03 5.72 -33.05
N HIS E 20 11.27 4.76 -33.55
CA HIS E 20 11.74 3.38 -33.69
C HIS E 20 12.84 3.26 -34.74
N ALA E 21 12.65 3.92 -35.88
CA ALA E 21 13.65 3.90 -36.95
C ALA E 21 14.98 4.51 -36.51
N LEU E 22 14.96 5.46 -35.58
CA LEU E 22 16.19 6.06 -35.07
C LEU E 22 17.00 5.18 -34.10
N THR E 23 16.51 3.98 -33.79
CA THR E 23 17.38 2.94 -33.23
C THR E 23 18.70 2.87 -34.03
N SER E 24 18.60 3.00 -35.36
CA SER E 24 19.74 2.91 -36.27
C SER E 24 20.32 4.26 -36.61
N GLY E 25 21.57 4.48 -36.21
CA GLY E 25 22.31 5.67 -36.62
C GLY E 25 22.51 5.81 -38.12
N THR E 26 22.59 4.70 -38.85
CA THR E 26 22.67 4.75 -40.31
C THR E 26 21.40 5.34 -40.92
N ILE E 27 20.23 4.87 -40.46
CA ILE E 27 18.95 5.38 -40.96
C ILE E 27 18.80 6.87 -40.63
N LYS E 28 19.25 7.29 -39.46
CA LYS E 28 19.23 8.69 -39.06
C LYS E 28 19.99 9.58 -40.04
N ALA E 29 21.19 9.13 -40.45
CA ALA E 29 22.01 9.87 -41.41
C ALA E 29 21.40 9.85 -42.81
N MET E 30 20.68 8.79 -43.12
CA MET E 30 19.93 8.71 -44.38
C MET E 30 18.68 9.61 -44.42
N LEU E 31 18.11 9.95 -43.26
CA LEU E 31 16.93 10.82 -43.19
C LEU E 31 17.26 12.31 -43.30
N SER E 32 18.36 12.72 -42.67
CA SER E 32 18.81 14.12 -42.68
C SER E 32 20.29 14.14 -43.01
N GLY E 33 20.64 14.65 -44.20
CA GLY E 33 22.03 14.74 -44.61
C GLY E 33 22.22 14.97 -46.09
N ASN E 40 15.07 9.05 -52.83
CA ASN E 40 14.47 9.08 -51.50
C ASN E 40 13.76 10.41 -51.25
N GLU E 41 12.42 10.38 -51.28
CA GLU E 41 11.59 11.55 -50.93
C GLU E 41 11.67 11.86 -49.43
N THR E 42 11.00 12.93 -48.99
CA THR E 42 11.04 13.33 -47.59
C THR E 42 10.48 12.23 -46.70
N ASN E 43 11.21 11.88 -45.64
CA ASN E 43 10.80 10.83 -44.70
C ASN E 43 10.73 9.42 -45.28
N GLU E 44 11.43 9.18 -46.39
CA GLU E 44 11.50 7.85 -47.00
C GLU E 44 12.96 7.44 -47.21
N VAL E 45 13.24 6.14 -47.05
CA VAL E 45 14.57 5.61 -47.29
C VAL E 45 14.47 4.32 -48.09
N ASN E 46 15.26 4.22 -49.17
CA ASN E 46 15.30 3.03 -50.02
C ASN E 46 16.53 2.18 -49.72
N PHE E 47 16.33 0.87 -49.61
CA PHE E 47 17.41 -0.07 -49.34
C PHE E 47 17.54 -1.04 -50.51
N ARG E 48 18.56 -0.82 -51.34
CA ARG E 48 18.74 -1.61 -52.57
C ARG E 48 19.23 -3.02 -52.29
N GLU E 49 19.80 -3.24 -51.12
CA GLU E 49 20.41 -4.54 -50.76
C GLU E 49 19.62 -5.34 -49.75
N ILE E 50 18.53 -4.80 -49.23
CA ILE E 50 17.78 -5.48 -48.17
C ILE E 50 16.40 -5.88 -48.71
N PRO E 51 16.16 -7.19 -48.88
CA PRO E 51 14.84 -7.62 -49.34
C PRO E 51 13.78 -7.62 -48.24
N SER E 52 12.52 -7.75 -48.64
CA SER E 52 11.38 -7.66 -47.71
C SER E 52 11.36 -8.72 -46.60
N HIS E 53 11.85 -9.92 -46.89
CA HIS E 53 11.86 -10.97 -45.86
C HIS E 53 12.88 -10.69 -44.75
N VAL E 54 13.79 -9.75 -45.00
CA VAL E 54 14.78 -9.31 -44.02
C VAL E 54 14.37 -7.99 -43.35
N LEU E 55 13.90 -7.03 -44.14
CA LEU E 55 13.55 -5.71 -43.61
C LEU E 55 12.31 -5.73 -42.70
N SER E 56 11.34 -6.59 -43.02
CA SER E 56 10.20 -6.81 -42.11
C SER E 56 10.66 -7.25 -40.71
N LYS E 57 11.66 -8.12 -40.67
CA LYS E 57 12.23 -8.61 -39.42
C LYS E 57 12.98 -7.51 -38.69
N VAL E 58 13.60 -6.61 -39.44
CA VAL E 58 14.30 -5.48 -38.86
C VAL E 58 13.31 -4.58 -38.14
N CYS E 59 12.16 -4.34 -38.74
CA CYS E 59 11.11 -3.53 -38.12
C CYS E 59 10.52 -4.20 -36.87
N MET E 60 10.36 -5.52 -36.89
CA MET E 60 9.88 -6.23 -35.70
C MET E 60 10.90 -6.08 -34.54
N TYR E 61 12.19 -6.13 -34.86
CA TYR E 61 13.23 -5.88 -33.84
C TYR E 61 13.05 -4.51 -33.20
N PHE E 62 12.81 -3.46 -33.99
CA PHE E 62 12.60 -2.13 -33.40
C PHE E 62 11.50 -2.17 -32.35
N THR E 63 10.37 -2.79 -32.70
CA THR E 63 9.21 -2.88 -31.79
C THR E 63 9.60 -3.61 -30.49
N TYR E 64 10.23 -4.76 -30.64
CA TYR E 64 10.72 -5.59 -29.51
C TYR E 64 11.67 -4.79 -28.59
N LYS E 65 12.61 -4.09 -29.19
CA LYS E 65 13.59 -3.34 -28.43
C LYS E 65 12.97 -2.20 -27.64
N VAL E 66 12.10 -1.43 -28.29
CA VAL E 66 11.47 -0.28 -27.62
C VAL E 66 10.54 -0.80 -26.52
N ARG E 67 9.91 -1.94 -26.75
CA ARG E 67 9.02 -2.51 -25.75
C ARG E 67 9.74 -3.04 -24.53
N TYR E 68 10.83 -3.76 -24.72
CA TYR E 68 11.44 -4.51 -23.62
C TYR E 68 12.69 -3.86 -23.00
N THR E 69 13.20 -2.78 -23.59
CA THR E 69 14.41 -2.12 -23.05
C THR E 69 14.11 -1.53 -21.68
N ASN E 70 14.98 -1.85 -20.71
CA ASN E 70 14.81 -1.42 -19.31
C ASN E 70 13.42 -1.71 -18.77
N SER E 71 13.02 -2.97 -18.93
CA SER E 71 11.71 -3.44 -18.50
C SER E 71 11.90 -4.39 -17.32
N SER E 72 10.96 -4.33 -16.36
CA SER E 72 11.01 -5.19 -15.18
C SER E 72 10.44 -6.59 -15.48
N THR E 73 9.55 -6.68 -16.45
CA THR E 73 8.95 -7.97 -16.86
C THR E 73 9.98 -8.99 -17.34
N GLU E 74 9.52 -10.22 -17.57
CA GLU E 74 10.35 -11.24 -18.21
C GLU E 74 10.42 -10.94 -19.71
N ILE E 75 11.56 -11.24 -20.31
CA ILE E 75 11.86 -10.88 -21.68
C ILE E 75 11.91 -12.16 -22.50
N PRO E 76 11.15 -12.22 -23.61
CA PRO E 76 11.26 -13.39 -24.47
C PRO E 76 12.42 -13.26 -25.46
N GLU E 77 12.80 -14.39 -26.02
CA GLU E 77 13.90 -14.46 -26.97
C GLU E 77 13.44 -13.85 -28.28
N PHE E 78 14.30 -13.06 -28.94
CA PHE E 78 13.99 -12.60 -30.29
C PHE E 78 14.24 -13.74 -31.28
N PRO E 79 13.19 -14.19 -32.01
CA PRO E 79 13.32 -15.35 -32.90
C PRO E 79 13.91 -15.03 -34.28
N ILE E 80 14.86 -15.83 -34.73
CA ILE E 80 15.43 -15.68 -36.07
C ILE E 80 15.54 -17.06 -36.74
N ALA E 81 14.76 -17.28 -37.80
CA ALA E 81 14.81 -18.55 -38.52
C ALA E 81 16.18 -18.73 -39.17
N PRO E 82 16.70 -19.97 -39.21
CA PRO E 82 18.00 -20.21 -39.80
C PRO E 82 18.17 -19.64 -41.21
N GLU E 83 17.12 -19.70 -42.01
CA GLU E 83 17.19 -19.33 -43.43
C GLU E 83 17.45 -17.83 -43.69
N ILE E 84 17.14 -16.97 -42.73
CA ILE E 84 17.32 -15.52 -42.90
C ILE E 84 18.47 -14.95 -42.05
N ALA E 85 19.17 -15.81 -41.31
CA ALA E 85 20.14 -15.36 -40.32
C ALA E 85 21.33 -14.61 -40.92
N LEU E 86 21.89 -15.14 -41.99
CA LEU E 86 23.06 -14.54 -42.62
C LEU E 86 22.79 -13.17 -43.21
N GLU E 87 21.71 -13.06 -43.97
CA GLU E 87 21.28 -11.80 -44.52
C GLU E 87 20.95 -10.80 -43.41
N LEU E 88 20.30 -11.26 -42.34
CA LEU E 88 19.90 -10.36 -41.28
C LEU E 88 21.14 -9.81 -40.57
N LEU E 89 22.15 -10.66 -40.40
CA LEU E 89 23.43 -10.24 -39.82
C LEU E 89 24.04 -9.12 -40.64
N MET E 90 24.08 -9.30 -41.96
CA MET E 90 24.65 -8.27 -42.85
C MET E 90 23.85 -6.96 -42.73
N ALA E 91 22.53 -7.04 -42.75
CA ALA E 91 21.71 -5.85 -42.53
C ALA E 91 22.04 -5.17 -41.19
N ALA E 92 22.15 -5.94 -40.11
CA ALA E 92 22.40 -5.37 -38.79
C ALA E 92 23.73 -4.64 -38.74
N ASN E 93 24.74 -5.22 -39.40
CA ASN E 93 26.07 -4.59 -39.48
C ASN E 93 26.01 -3.23 -40.19
N PHE E 94 25.30 -3.18 -41.32
CA PHE E 94 25.17 -1.95 -42.11
C PHE E 94 24.40 -0.88 -41.34
N LEU E 95 23.37 -1.29 -40.60
CA LEU E 95 22.50 -0.36 -39.87
C LEU E 95 23.00 -0.03 -38.42
N ASP E 96 24.00 -0.77 -37.94
CA ASP E 96 24.57 -0.58 -36.59
C ASP E 96 23.50 -0.76 -35.51
N CYS E 97 22.76 -1.85 -35.56
CA CYS E 97 21.67 -2.07 -34.61
C CYS E 97 21.71 -3.49 -34.03
N VAL F 11 40.95 -6.14 -8.77
CA VAL F 11 39.91 -5.23 -8.21
C VAL F 11 38.60 -5.98 -7.96
N LEU F 12 38.02 -6.54 -9.01
CA LEU F 12 36.78 -7.31 -8.89
C LEU F 12 37.05 -8.65 -8.23
N ARG F 13 36.86 -8.70 -6.92
CA ARG F 13 37.01 -9.93 -6.13
C ARG F 13 35.97 -9.90 -5.02
N SER F 14 35.68 -11.05 -4.44
CA SER F 14 34.70 -11.09 -3.36
C SER F 14 35.36 -10.56 -2.10
N VAL F 15 34.59 -9.79 -1.34
CA VAL F 15 35.05 -9.31 -0.03
C VAL F 15 34.93 -10.49 0.93
N ASN F 16 35.93 -10.70 1.77
CA ASN F 16 35.87 -11.80 2.74
C ASN F 16 35.16 -11.36 4.03
N SER F 17 33.85 -11.09 3.93
CA SER F 17 33.09 -10.51 5.06
C SER F 17 32.69 -11.51 6.14
N ARG F 18 32.54 -12.79 5.79
CA ARG F 18 32.09 -13.81 6.74
C ARG F 18 30.73 -13.44 7.41
N GLU F 19 29.82 -12.85 6.64
CA GLU F 19 28.52 -12.42 7.14
C GLU F 19 27.39 -13.01 6.27
N PRO F 20 26.72 -14.09 6.74
CA PRO F 20 25.75 -14.82 5.90
C PRO F 20 24.64 -13.98 5.27
N SER F 21 24.27 -14.35 4.03
CA SER F 21 23.17 -13.73 3.29
C SER F 21 22.53 -14.79 2.40
N GLN F 22 21.23 -15.03 2.58
CA GLN F 22 20.49 -16.03 1.81
C GLN F 22 19.90 -15.40 0.54
N VAL F 23 19.94 -16.15 -0.54
CA VAL F 23 19.60 -15.65 -1.87
C VAL F 23 18.80 -16.71 -2.63
N ILE F 24 17.78 -16.27 -3.37
CA ILE F 24 17.08 -17.09 -4.33
C ILE F 24 17.59 -16.75 -5.72
N PHE F 25 18.23 -17.71 -6.38
CA PHE F 25 18.59 -17.56 -7.79
C PHE F 25 17.36 -17.99 -8.57
N ASN F 27 15.80 -18.23 -12.34
CA ASN F 27 16.08 -18.16 -13.78
C ASN F 27 14.83 -17.81 -14.60
N ARG F 28 14.65 -16.53 -14.92
CA ARG F 28 13.55 -16.10 -15.80
C ARG F 28 14.02 -15.92 -17.24
N SER F 29 14.77 -16.90 -17.74
CA SER F 29 15.25 -16.88 -19.10
C SER F 29 14.94 -18.23 -19.74
N PRO F 30 15.06 -18.30 -21.08
CA PRO F 30 14.92 -19.57 -21.79
C PRO F 30 16.23 -20.38 -21.90
N ARG F 31 17.31 -19.87 -21.31
CA ARG F 31 18.61 -20.52 -21.36
C ARG F 31 18.90 -21.37 -20.10
N VAL F 32 19.80 -22.35 -20.24
CA VAL F 32 20.40 -23.01 -19.09
C VAL F 32 21.42 -22.03 -18.51
N VAL F 33 21.29 -21.71 -17.23
CA VAL F 33 22.10 -20.65 -16.59
C VAL F 33 23.28 -21.22 -15.79
N LEU F 34 24.47 -20.66 -16.02
CA LEU F 34 25.67 -20.94 -15.24
C LEU F 34 25.94 -19.79 -14.29
N PRO F 35 25.76 -20.00 -12.97
CA PRO F 35 26.18 -18.96 -12.02
C PRO F 35 27.69 -19.00 -11.83
N VAL F 36 28.33 -17.83 -11.72
CA VAL F 36 29.78 -17.72 -11.56
C VAL F 36 30.09 -16.81 -10.37
N TRP F 37 30.82 -17.34 -9.38
CA TRP F 37 31.25 -16.57 -8.21
C TRP F 37 32.71 -16.14 -8.39
N LEU F 38 32.99 -14.87 -8.12
CA LEU F 38 34.35 -14.36 -8.19
C LEU F 38 35.03 -14.55 -6.83
N ASN F 39 36.04 -15.42 -6.80
CA ASN F 39 36.63 -15.81 -5.52
C ASN F 39 37.57 -14.73 -4.99
N PHE F 40 38.24 -15.00 -3.87
CA PHE F 40 39.03 -13.97 -3.20
C PHE F 40 40.25 -13.49 -4.00
N ASP F 41 40.72 -14.30 -4.95
CA ASP F 41 41.76 -13.88 -5.92
C ASP F 41 41.17 -13.36 -7.21
N GLY F 42 39.85 -13.22 -7.27
CA GLY F 42 39.19 -12.75 -8.48
C GLY F 42 39.13 -13.75 -9.62
N GLU F 43 39.37 -15.04 -9.33
CA GLU F 43 39.16 -16.10 -10.32
C GLU F 43 37.68 -16.47 -10.42
N PRO F 44 37.16 -16.67 -11.63
CA PRO F 44 35.77 -17.12 -11.75
C PRO F 44 35.60 -18.59 -11.32
N GLN F 45 34.69 -18.84 -10.39
CA GLN F 45 34.38 -20.20 -9.96
C GLN F 45 32.96 -20.55 -10.42
N PRO F 46 32.85 -21.53 -11.31
CA PRO F 46 31.52 -21.95 -11.78
C PRO F 46 30.78 -22.77 -10.73
N TYR F 47 29.46 -22.60 -10.66
CA TYR F 47 28.58 -23.36 -9.74
C TYR F 47 27.55 -24.18 -10.55
N PRO F 48 26.76 -25.06 -9.88
CA PRO F 48 25.80 -25.91 -10.62
C PRO F 48 24.78 -25.11 -11.45
N THR F 49 24.37 -25.64 -12.60
CA THR F 49 23.47 -24.94 -13.50
C THR F 49 22.00 -24.95 -13.06
N LEU F 50 21.21 -24.02 -13.62
CA LEU F 50 19.77 -23.95 -13.42
C LEU F 50 19.04 -24.09 -14.76
N PRO F 51 18.18 -25.13 -14.91
CA PRO F 51 17.42 -25.21 -16.16
C PRO F 51 16.47 -24.00 -16.30
N PRO F 52 15.96 -23.73 -17.51
CA PRO F 52 15.02 -22.64 -17.77
C PRO F 52 13.83 -22.62 -16.83
N GLY F 53 13.53 -21.46 -16.25
CA GLY F 53 12.32 -21.30 -15.45
C GLY F 53 12.34 -21.95 -14.09
N THR F 54 13.52 -22.26 -13.55
CA THR F 54 13.63 -22.88 -12.22
C THR F 54 14.36 -21.98 -11.23
N GLY F 55 14.28 -22.36 -9.95
CA GLY F 55 14.85 -21.58 -8.85
C GLY F 55 15.63 -22.44 -7.86
N ARG F 56 16.58 -21.82 -7.17
CA ARG F 56 17.30 -22.46 -6.07
C ARG F 56 17.56 -21.46 -4.95
N ARG F 57 17.39 -21.91 -3.70
CA ARG F 57 17.73 -21.11 -2.52
C ARG F 57 19.15 -21.47 -2.10
N ILE F 58 20.02 -20.47 -2.01
CA ILE F 58 21.45 -20.70 -1.78
C ILE F 58 22.02 -19.84 -0.66
N HIS F 59 23.10 -20.32 -0.05
CA HIS F 59 23.82 -19.58 1.02
C HIS F 59 25.07 -18.88 0.47
N SER F 60 25.14 -17.57 0.67
CA SER F 60 26.28 -16.77 0.22
C SER F 60 26.61 -15.79 1.32
N TYR F 61 27.30 -14.70 1.00
CA TYR F 61 27.76 -13.75 2.03
C TYR F 61 27.69 -12.32 1.51
N ARG F 62 27.51 -11.39 2.44
CA ARG F 62 27.41 -9.98 2.09
C ARG F 62 28.70 -9.55 1.43
N GLY F 63 28.59 -8.81 0.33
CA GLY F 63 29.77 -8.33 -0.40
C GLY F 63 30.42 -9.31 -1.39
N HIS F 64 29.90 -10.53 -1.50
CA HIS F 64 30.40 -11.49 -2.49
C HIS F 64 29.84 -11.14 -3.89
N LEU F 65 30.64 -11.39 -4.93
CA LEU F 65 30.31 -11.00 -6.30
C LEU F 65 29.90 -12.19 -7.19
N TRP F 66 28.80 -12.04 -7.93
CA TRP F 66 28.28 -13.09 -8.82
C TRP F 66 27.95 -12.52 -10.21
N LEU F 67 28.12 -13.35 -11.24
CA LEU F 67 27.53 -13.06 -12.55
C LEU F 67 26.93 -14.32 -13.13
N PHE F 68 26.19 -14.20 -14.23
CA PHE F 68 25.41 -15.32 -14.76
C PHE F 68 25.50 -15.41 -16.28
N ARG F 69 25.69 -16.62 -16.79
CA ARG F 69 25.90 -16.84 -18.22
C ARG F 69 25.03 -17.97 -18.75
N ASP F 70 24.84 -17.99 -20.06
CA ASP F 70 24.32 -19.15 -20.76
C ASP F 70 25.36 -20.26 -20.63
N ALA F 71 24.98 -21.39 -20.07
CA ALA F 71 25.93 -22.47 -19.76
C ALA F 71 26.56 -23.13 -20.99
N GLY F 72 25.87 -23.15 -22.12
CA GLY F 72 26.39 -23.77 -23.34
C GLY F 72 27.23 -22.81 -24.21
N THR F 73 26.85 -21.55 -24.25
CA THR F 73 27.49 -20.61 -25.15
C THR F 73 28.27 -19.50 -24.46
N HIS F 74 28.05 -19.31 -23.16
CA HIS F 74 28.61 -18.18 -22.39
C HIS F 74 28.08 -16.78 -22.77
N ASP F 75 27.02 -16.70 -23.56
CA ASP F 75 26.31 -15.42 -23.77
C ASP F 75 26.06 -14.77 -22.39
N GLY F 76 26.14 -13.46 -22.32
CA GLY F 76 25.91 -12.75 -21.07
C GLY F 76 24.43 -12.67 -20.71
N LEU F 77 24.13 -12.69 -19.41
CA LEU F 77 22.77 -12.51 -18.93
C LEU F 77 22.74 -11.40 -17.88
N LEU F 78 21.55 -10.88 -17.61
CA LEU F 78 21.36 -9.87 -16.58
C LEU F 78 20.82 -10.50 -15.29
N VAL F 79 21.13 -9.84 -14.18
CA VAL F 79 20.60 -10.17 -12.87
C VAL F 79 20.14 -8.86 -12.21
N ASN F 80 18.88 -8.84 -11.81
CA ASN F 80 18.22 -7.60 -11.39
C ASN F 80 18.55 -6.42 -12.30
N GLN F 81 18.46 -6.64 -13.60
CA GLN F 81 18.65 -5.59 -14.62
C GLN F 81 20.09 -5.15 -14.84
N THR F 82 21.07 -5.83 -14.24
CA THR F 82 22.47 -5.42 -14.40
C THR F 82 23.44 -6.60 -14.52
N GLU F 83 24.73 -6.32 -14.60
CA GLU F 83 25.75 -7.34 -14.85
C GLU F 83 26.15 -8.12 -13.60
N LEU F 84 26.41 -7.42 -12.50
CA LEU F 84 26.93 -8.04 -11.29
C LEU F 84 25.87 -8.07 -10.20
N PHE F 85 25.88 -9.13 -9.39
CA PHE F 85 24.99 -9.26 -8.25
C PHE F 85 25.78 -9.39 -6.95
N VAL F 86 25.41 -8.58 -5.97
CA VAL F 86 26.06 -8.56 -4.68
C VAL F 86 25.01 -8.77 -3.59
N PRO F 87 25.02 -9.92 -2.91
CA PRO F 87 24.05 -10.11 -1.83
C PRO F 87 24.19 -9.05 -0.75
N SER F 88 23.05 -8.62 -0.22
CA SER F 88 22.99 -7.59 0.80
C SER F 88 22.31 -8.14 2.07
N LEU F 89 22.04 -7.25 3.02
CA LEU F 89 21.40 -7.61 4.27
C LEU F 89 19.99 -8.19 4.07
N ASN F 90 19.73 -9.34 4.71
CA ASN F 90 18.39 -9.93 4.75
C ASN F 90 17.53 -9.26 5.83
N VAL F 91 16.60 -8.40 5.42
CA VAL F 91 15.72 -7.70 6.36
C VAL F 91 14.61 -8.65 6.85
N ASP F 92 14.49 -8.76 8.18
CA ASP F 92 13.54 -9.67 8.87
C ASP F 92 13.66 -11.14 8.44
N GLY F 93 14.87 -11.56 8.10
CA GLY F 93 15.13 -12.92 7.64
C GLY F 93 14.74 -13.24 6.20
N GLN F 94 14.23 -12.26 5.46
CA GLN F 94 13.79 -12.50 4.07
C GLN F 94 15.00 -12.63 3.12
N PRO F 95 14.98 -13.65 2.23
CA PRO F 95 16.09 -13.83 1.30
C PRO F 95 16.09 -12.78 0.20
N ILE F 96 17.25 -12.50 -0.37
CA ILE F 96 17.37 -11.56 -1.48
C ILE F 96 16.97 -12.29 -2.75
N PHE F 97 16.20 -11.65 -3.62
CA PHE F 97 15.85 -12.26 -4.88
C PHE F 97 16.84 -11.84 -5.95
N ALA F 98 17.46 -12.80 -6.63
CA ALA F 98 18.27 -12.56 -7.83
C ALA F 98 17.53 -13.01 -9.11
N ASN F 99 16.90 -12.05 -9.78
CA ASN F 99 16.16 -12.30 -11.02
C ASN F 99 17.00 -12.30 -12.28
N ILE F 100 17.23 -13.48 -12.82
CA ILE F 100 18.11 -13.68 -13.97
C ILE F 100 17.27 -13.67 -15.24
N THR F 101 17.63 -12.78 -16.19
CA THR F 101 16.87 -12.61 -17.43
C THR F 101 17.77 -12.46 -18.64
N LEU F 102 17.17 -12.59 -19.82
CA LEU F 102 17.86 -12.20 -21.05
C LEU F 102 18.01 -10.69 -21.04
N PRO F 103 19.18 -10.20 -21.50
CA PRO F 103 19.23 -8.80 -21.90
C PRO F 103 18.44 -8.59 -23.20
N VAL F 104 18.25 -7.33 -23.58
CA VAL F 104 17.89 -7.03 -24.95
C VAL F 104 19.17 -6.93 -25.76
N TYR F 105 19.55 -8.03 -26.39
CA TYR F 105 20.73 -8.05 -27.25
C TYR F 105 20.50 -7.12 -28.43
N THR F 106 21.57 -6.57 -28.97
CA THR F 106 21.50 -5.88 -30.24
C THR F 106 21.12 -6.93 -31.27
N LEU F 107 20.57 -6.48 -32.39
CA LEU F 107 20.21 -7.39 -33.47
C LEU F 107 21.47 -8.08 -34.02
N LYS F 108 22.56 -7.32 -34.13
CA LYS F 108 23.83 -7.90 -34.59
C LYS F 108 24.29 -9.04 -33.70
N GLU F 109 24.29 -8.83 -32.39
CA GLU F 109 24.76 -9.87 -31.48
C GLU F 109 23.83 -11.07 -31.49
N ARG F 110 22.53 -10.83 -31.63
CA ARG F 110 21.56 -11.93 -31.69
C ARG F 110 21.73 -12.73 -32.96
N CYS F 111 22.02 -12.05 -34.07
CA CYS F 111 22.32 -12.73 -35.32
C CYS F 111 23.57 -13.58 -35.21
N LEU F 112 24.62 -13.04 -34.59
CA LEU F 112 25.87 -13.80 -34.39
C LEU F 112 25.63 -15.07 -33.56
N GLN F 113 24.79 -14.98 -32.53
CA GLN F 113 24.45 -16.16 -31.71
C GLN F 113 23.83 -17.28 -32.55
N VAL F 114 22.86 -16.92 -33.37
CA VAL F 114 22.17 -17.89 -34.22
C VAL F 114 23.12 -18.52 -35.25
N VAL F 115 24.02 -17.72 -35.82
CA VAL F 115 25.00 -18.25 -36.77
C VAL F 115 26.00 -19.17 -36.07
N ARG F 116 26.50 -18.77 -34.91
CA ARG F 116 27.41 -19.63 -34.13
C ARG F 116 26.77 -20.97 -33.77
N SER F 117 25.46 -20.96 -33.49
CA SER F 117 24.75 -22.19 -33.13
C SER F 117 24.57 -23.14 -34.33
N LEU F 118 24.67 -22.62 -35.57
CA LEU F 118 24.49 -23.45 -36.77
C LEU F 118 25.78 -23.86 -37.48
N VAL F 119 26.82 -23.05 -37.38
CA VAL F 119 28.05 -23.28 -38.12
C VAL F 119 29.17 -23.63 -37.16
N LYS F 120 29.89 -24.72 -37.45
CA LYS F 120 31.03 -25.10 -36.62
C LYS F 120 32.17 -24.10 -36.82
N PRO F 121 32.98 -23.86 -35.77
CA PRO F 121 34.03 -22.84 -35.88
C PRO F 121 35.02 -23.00 -37.03
N GLU F 122 35.27 -24.23 -37.48
CA GLU F 122 36.21 -24.47 -38.59
C GLU F 122 35.65 -23.96 -39.91
N ASN F 123 34.35 -23.73 -39.97
CA ASN F 123 33.68 -23.33 -41.21
C ASN F 123 33.29 -21.85 -41.29
N TYR F 124 33.55 -21.06 -40.25
CA TYR F 124 33.21 -19.63 -40.30
C TYR F 124 33.84 -18.99 -41.53
N ARG F 125 35.08 -19.38 -41.83
CA ARG F 125 35.82 -18.81 -42.94
C ARG F 125 35.21 -19.07 -44.32
N ARG F 126 34.35 -20.09 -44.43
CA ARG F 126 33.71 -20.43 -45.71
C ARG F 126 32.48 -19.59 -46.00
N LEU F 127 31.97 -18.87 -44.99
CA LEU F 127 30.79 -18.03 -45.16
C LEU F 127 31.09 -16.82 -46.03
N ASP F 128 30.19 -16.51 -46.96
CA ASP F 128 30.39 -15.39 -47.89
C ASP F 128 30.01 -14.07 -47.21
N ILE F 129 30.93 -13.56 -46.39
CA ILE F 129 30.73 -12.33 -45.63
C ILE F 129 32.06 -11.60 -45.49
N VAL F 130 32.01 -10.32 -45.10
CA VAL F 130 33.21 -9.50 -44.94
C VAL F 130 34.09 -9.98 -43.79
N ARG F 131 35.40 -9.76 -43.94
CA ARG F 131 36.39 -10.25 -42.98
C ARG F 131 36.09 -9.86 -41.53
N SER F 132 35.60 -8.63 -41.32
CA SER F 132 35.31 -8.17 -39.97
C SER F 132 34.22 -9.02 -39.29
N LEU F 133 33.28 -9.55 -40.06
CA LEU F 133 32.26 -10.44 -39.51
C LEU F 133 32.81 -11.82 -39.14
N TYR F 134 33.84 -12.31 -39.84
CA TYR F 134 34.55 -13.54 -39.41
C TYR F 134 35.09 -13.31 -38.03
N GLU F 135 35.77 -12.18 -37.83
CA GLU F 135 36.35 -11.84 -36.52
C GLU F 135 35.29 -11.70 -35.45
N ASP F 136 34.15 -11.10 -35.78
CA ASP F 136 33.06 -10.95 -34.81
C ASP F 136 32.54 -12.32 -34.37
N LEU F 137 32.43 -13.26 -35.31
CA LEU F 137 32.02 -14.62 -34.99
C LEU F 137 33.04 -15.36 -34.09
N GLU F 138 34.33 -15.22 -34.42
CA GLU F 138 35.40 -15.93 -33.71
C GLU F 138 35.64 -15.36 -32.32
N ASP F 139 35.33 -14.09 -32.11
CA ASP F 139 35.49 -13.47 -30.80
C ASP F 139 34.21 -13.72 -29.99
N HIS F 140 34.00 -14.97 -29.60
CA HIS F 140 32.75 -15.34 -28.91
C HIS F 140 32.78 -14.90 -27.45
N PRO F 141 31.58 -14.76 -26.83
CA PRO F 141 31.51 -14.28 -25.45
C PRO F 141 32.38 -15.12 -24.53
N ASN F 142 32.91 -14.48 -23.49
CA ASN F 142 33.89 -15.08 -22.60
C ASN F 142 33.96 -14.25 -21.33
N VAL F 143 34.04 -14.91 -20.17
CA VAL F 143 33.99 -14.22 -18.87
C VAL F 143 35.22 -13.34 -18.62
N GLN F 144 36.41 -13.85 -18.93
CA GLN F 144 37.64 -13.10 -18.73
C GLN F 144 37.61 -11.73 -19.44
N LYS F 145 37.18 -11.74 -20.70
CA LYS F 145 37.03 -10.52 -21.49
C LYS F 145 36.19 -9.49 -20.78
N ASP F 146 35.06 -9.95 -20.22
CA ASP F 146 34.14 -9.04 -19.55
C ASP F 146 34.72 -8.55 -18.22
N LEU F 147 35.44 -9.42 -17.51
CA LEU F 147 36.07 -9.02 -16.24
C LEU F 147 37.08 -7.90 -16.47
N GLU F 148 37.85 -8.00 -17.56
CA GLU F 148 38.76 -6.94 -17.97
C GLU F 148 37.98 -5.68 -18.35
N ARG F 149 36.94 -5.83 -19.15
CA ARG F 149 36.15 -4.70 -19.63
C ARG F 149 35.37 -4.00 -18.51
N LEU F 150 34.97 -4.76 -17.50
CA LEU F 150 34.30 -4.19 -16.32
C LEU F 150 35.29 -3.45 -15.42
N THR F 151 36.56 -3.85 -15.46
CA THR F 151 37.63 -3.17 -14.71
C THR F 151 38.02 -1.86 -15.39
N GLN F 152 38.29 -1.92 -16.70
CA GLN F 152 38.61 -0.72 -17.48
C GLN F 152 37.50 0.34 -17.45
N GLU F 153 36.27 -0.07 -17.12
CA GLU F 153 35.16 0.86 -16.87
C GLU F 153 35.31 1.51 -15.48
N MET G 1 -16.47 -26.98 15.46
CA MET G 1 -15.55 -28.02 14.92
C MET G 1 -15.21 -27.72 13.45
N ASP G 2 -13.92 -27.55 13.16
CA ASP G 2 -13.46 -27.23 11.82
C ASP G 2 -13.30 -28.48 10.98
N VAL G 3 -13.51 -28.33 9.67
CA VAL G 3 -13.22 -29.36 8.70
C VAL G 3 -12.35 -28.78 7.59
N PHE G 4 -11.46 -29.59 7.06
CA PHE G 4 -10.46 -29.11 6.10
C PHE G 4 -10.67 -29.79 4.77
N LEU G 5 -10.74 -28.99 3.71
CA LEU G 5 -11.29 -29.40 2.43
C LEU G 5 -10.39 -29.09 1.23
N MET G 6 -10.50 -29.94 0.20
CA MET G 6 -10.07 -29.62 -1.15
C MET G 6 -11.31 -29.54 -2.03
N ILE G 7 -11.51 -28.41 -2.71
CA ILE G 7 -12.62 -28.25 -3.66
C ILE G 7 -12.09 -28.37 -5.10
N ARG G 8 -12.52 -29.42 -5.79
CA ARG G 8 -11.81 -29.86 -6.99
C ARG G 8 -12.65 -29.91 -8.30
N ARG G 9 -12.13 -29.24 -9.35
CA ARG G 9 -12.72 -29.25 -10.69
C ARG G 9 -11.61 -29.32 -11.73
N HIS G 10 -11.70 -30.28 -12.64
CA HIS G 10 -10.75 -30.44 -13.75
C HIS G 10 -9.32 -30.40 -13.16
N LYS G 11 -8.52 -29.37 -13.47
CA LYS G 11 -7.16 -29.23 -12.93
C LYS G 11 -7.05 -28.10 -11.89
N THR G 12 -8.16 -27.77 -11.26
CA THR G 12 -8.25 -26.72 -10.25
C THR G 12 -8.55 -27.37 -8.89
N THR G 13 -7.75 -27.02 -7.88
CA THR G 13 -7.94 -27.53 -6.51
C THR G 13 -7.84 -26.37 -5.51
N ILE G 14 -8.94 -26.07 -4.83
CA ILE G 14 -8.95 -25.05 -3.79
C ILE G 14 -8.79 -25.69 -2.40
N PHE G 15 -7.83 -25.19 -1.62
CA PHE G 15 -7.68 -25.57 -0.20
C PHE G 15 -8.35 -24.54 0.69
N THR G 16 -9.31 -24.98 1.51
CA THR G 16 -9.94 -24.08 2.50
C THR G 16 -10.58 -24.89 3.61
N ASP G 17 -11.04 -24.20 4.65
CA ASP G 17 -11.71 -24.82 5.78
C ASP G 17 -13.04 -24.14 6.05
N ALA G 18 -13.84 -24.76 6.92
CA ALA G 18 -15.16 -24.27 7.31
C ALA G 18 -15.60 -25.02 8.57
N LYS G 19 -16.77 -24.67 9.10
CA LYS G 19 -17.31 -25.34 10.28
C LYS G 19 -18.18 -26.54 9.91
N GLU G 20 -18.24 -27.53 10.80
CA GLU G 20 -19.20 -28.63 10.65
C GLU G 20 -20.63 -28.09 10.51
N SER G 21 -20.93 -27.01 11.22
CA SER G 21 -22.27 -26.44 11.24
C SER G 21 -22.61 -25.55 10.03
N SER G 22 -21.62 -25.18 9.22
CA SER G 22 -21.86 -24.33 8.04
C SER G 22 -22.54 -25.11 6.90
N THR G 23 -23.23 -24.40 6.02
CA THR G 23 -24.01 -25.04 4.96
C THR G 23 -23.29 -25.15 3.63
N VAL G 24 -23.84 -25.99 2.77
CA VAL G 24 -23.37 -26.15 1.40
C VAL G 24 -23.41 -24.81 0.65
N PHE G 25 -24.48 -24.04 0.87
CA PHE G 25 -24.64 -22.75 0.22
C PHE G 25 -23.52 -21.77 0.60
N GLU G 26 -23.15 -21.76 1.86
CA GLU G 26 -22.10 -20.86 2.35
C GLU G 26 -20.73 -21.24 1.79
N LEU G 27 -20.56 -22.53 1.49
CA LEU G 27 -19.37 -23.01 0.81
C LEU G 27 -19.35 -22.54 -0.66
N LYS G 28 -20.51 -22.54 -1.31
CA LYS G 28 -20.63 -21.98 -2.66
C LYS G 28 -20.28 -20.47 -2.72
N ARG G 29 -20.60 -19.72 -1.66
CA ARG G 29 -20.18 -18.31 -1.59
C ARG G 29 -18.66 -18.18 -1.57
N ILE G 30 -17.99 -19.06 -0.83
CA ILE G 30 -16.53 -19.04 -0.76
C ILE G 30 -15.95 -19.28 -2.16
N VAL G 31 -16.50 -20.25 -2.88
CA VAL G 31 -16.07 -20.53 -4.24
C VAL G 31 -16.30 -19.32 -5.18
N GLU G 32 -17.42 -18.63 -4.98
CA GLU G 32 -17.76 -17.44 -5.78
C GLU G 32 -16.77 -16.30 -5.60
N GLY G 33 -16.30 -16.11 -4.37
CA GLY G 33 -15.25 -15.13 -4.08
C GLY G 33 -13.95 -15.44 -4.81
N ILE G 34 -13.65 -16.72 -4.97
CA ILE G 34 -12.41 -17.17 -5.59
C ILE G 34 -12.48 -17.27 -7.12
N LEU G 35 -13.40 -18.08 -7.63
CA LEU G 35 -13.48 -18.35 -9.07
C LEU G 35 -14.49 -17.50 -9.84
N LYS G 36 -15.16 -16.57 -9.14
CA LYS G 36 -16.04 -15.56 -9.76
C LYS G 36 -17.22 -16.17 -10.54
N ARG G 37 -17.90 -17.11 -9.91
CA ARG G 37 -19.10 -17.72 -10.48
C ARG G 37 -20.14 -17.84 -9.38
N PRO G 38 -21.39 -17.39 -9.62
CA PRO G 38 -22.38 -17.38 -8.54
C PRO G 38 -22.86 -18.78 -8.14
N PRO G 39 -23.45 -18.92 -6.93
CA PRO G 39 -23.95 -20.21 -6.41
C PRO G 39 -24.86 -20.99 -7.36
N ASP G 40 -25.74 -20.29 -8.08
CA ASP G 40 -26.70 -20.95 -8.98
C ASP G 40 -26.05 -21.51 -10.26
N GLU G 41 -24.77 -21.22 -10.51
CA GLU G 41 -24.01 -21.87 -11.58
C GLU G 41 -23.07 -22.97 -11.08
N GLN G 42 -23.13 -23.30 -9.79
CA GLN G 42 -22.28 -24.33 -9.19
C GLN G 42 -23.06 -25.53 -8.70
N ARG G 43 -22.52 -26.73 -8.93
CA ARG G 43 -22.96 -27.92 -8.20
C ARG G 43 -21.78 -28.47 -7.40
N LEU G 44 -22.04 -28.84 -6.14
CA LEU G 44 -21.04 -29.46 -5.26
C LEU G 44 -21.44 -30.90 -4.95
N TYR G 45 -20.44 -31.78 -4.89
CA TYR G 45 -20.64 -33.21 -4.73
C TYR G 45 -19.78 -33.80 -3.60
N LYS G 46 -20.35 -34.78 -2.90
CA LYS G 46 -19.58 -35.73 -2.09
C LYS G 46 -19.53 -37.04 -2.87
N ASP G 47 -18.37 -37.36 -3.44
CA ASP G 47 -18.27 -38.40 -4.45
C ASP G 47 -19.33 -38.10 -5.53
N ASP G 48 -20.21 -39.04 -5.84
CA ASP G 48 -21.25 -38.83 -6.86
C ASP G 48 -22.53 -38.17 -6.32
N GLN G 49 -22.63 -37.97 -5.00
CA GLN G 49 -23.86 -37.42 -4.40
C GLN G 49 -23.88 -35.90 -4.48
N LEU G 50 -24.84 -35.37 -5.23
CA LEU G 50 -25.12 -33.93 -5.31
C LEU G 50 -25.55 -33.39 -3.96
N LEU G 51 -24.89 -32.33 -3.50
CA LEU G 51 -25.15 -31.78 -2.17
C LEU G 51 -26.24 -30.72 -2.22
N ASP G 52 -27.18 -30.79 -1.27
CA ASP G 52 -28.29 -29.84 -1.16
C ASP G 52 -27.83 -28.59 -0.41
N ASP G 53 -28.23 -27.42 -0.92
CA ASP G 53 -27.80 -26.12 -0.38
C ASP G 53 -28.06 -25.92 1.12
N GLY G 54 -29.19 -26.41 1.61
CA GLY G 54 -29.61 -26.16 2.98
C GLY G 54 -29.05 -27.10 4.04
N LYS G 55 -28.24 -28.07 3.64
CA LYS G 55 -27.67 -29.05 4.56
C LYS G 55 -26.33 -28.60 5.10
N THR G 56 -26.03 -29.00 6.33
CA THR G 56 -24.72 -28.70 6.91
C THR G 56 -23.68 -29.70 6.40
N LEU G 57 -22.41 -29.33 6.51
CA LEU G 57 -21.32 -30.20 6.08
C LEU G 57 -21.27 -31.44 6.98
N GLY G 58 -21.53 -31.26 8.27
CA GLY G 58 -21.60 -32.37 9.23
C GLY G 58 -22.64 -33.44 8.89
N GLU G 59 -23.84 -32.99 8.52
CA GLU G 59 -24.91 -33.89 8.06
C GLU G 59 -24.49 -34.69 6.84
N GLY G 61 -21.57 -35.61 6.22
CA GLY G 61 -20.53 -36.56 6.58
C GLY G 61 -19.11 -36.02 6.56
N PHE G 62 -18.96 -34.72 6.41
CA PHE G 62 -17.66 -34.08 6.57
C PHE G 62 -17.50 -33.79 8.04
N THR G 63 -16.66 -34.56 8.72
CA THR G 63 -16.41 -34.43 10.16
C THR G 63 -14.94 -34.16 10.44
N SER G 64 -14.68 -33.58 11.61
CA SER G 64 -13.34 -33.12 11.95
C SER G 64 -12.32 -34.24 11.95
N GLN G 65 -12.73 -35.46 12.26
CA GLN G 65 -11.80 -36.58 12.26
C GLN G 65 -11.57 -37.21 10.88
N THR G 66 -12.40 -36.90 9.89
CA THR G 66 -12.16 -37.39 8.52
C THR G 66 -11.67 -36.30 7.57
N ALA G 67 -12.00 -35.05 7.84
CA ALA G 67 -11.53 -33.92 7.03
C ALA G 67 -10.42 -33.18 7.78
N ARG G 68 -9.22 -33.76 7.75
CA ARG G 68 -8.10 -33.30 8.61
C ARG G 68 -7.18 -32.30 7.90
N PRO G 69 -6.60 -31.35 8.64
CA PRO G 69 -5.66 -30.40 8.02
C PRO G 69 -4.61 -31.08 7.13
N GLN G 70 -3.97 -32.13 7.64
CA GLN G 70 -2.91 -32.84 6.90
C GLN G 70 -3.40 -33.92 5.93
N ALA G 71 -4.72 -34.13 5.90
CA ALA G 71 -5.36 -35.05 4.95
C ALA G 71 -6.81 -34.58 4.69
N PRO G 72 -6.98 -33.49 3.93
CA PRO G 72 -8.31 -32.88 3.76
C PRO G 72 -9.26 -33.74 2.93
N ALA G 73 -10.55 -33.57 3.14
CA ALA G 73 -11.58 -34.30 2.37
C ALA G 73 -11.93 -33.56 1.08
N THR G 74 -12.38 -34.31 0.06
CA THR G 74 -12.60 -33.76 -1.27
C THR G 74 -14.09 -33.45 -1.52
N VAL G 75 -14.34 -32.24 -2.02
CA VAL G 75 -15.65 -31.84 -2.52
C VAL G 75 -15.52 -31.58 -4.03
N GLY G 76 -16.35 -32.25 -4.82
CA GLY G 76 -16.34 -32.10 -6.29
C GLY G 76 -17.10 -30.87 -6.74
N LEU G 77 -16.72 -30.30 -7.88
CA LEU G 77 -17.33 -29.07 -8.38
C LEU G 77 -17.53 -29.11 -9.89
N ALA G 78 -18.75 -28.77 -10.33
CA ALA G 78 -19.09 -28.62 -11.75
C ALA G 78 -19.77 -27.27 -11.95
N PHE G 79 -19.47 -26.63 -13.08
CA PHE G 79 -20.05 -25.33 -13.46
C PHE G 79 -21.16 -25.43 -14.49
N ARG G 80 -22.09 -24.47 -14.45
CA ARG G 80 -23.11 -24.34 -15.48
C ARG G 80 -22.63 -23.36 -16.54
N ALA G 81 -22.47 -23.85 -17.76
CA ALA G 81 -21.98 -23.05 -18.88
C ALA G 81 -23.13 -22.86 -19.84
N ASP G 82 -23.46 -21.60 -20.12
CA ASP G 82 -24.61 -21.28 -20.96
C ASP G 82 -25.87 -21.98 -20.40
N ASP G 83 -26.58 -22.77 -21.21
CA ASP G 83 -27.87 -23.34 -20.77
C ASP G 83 -27.77 -24.36 -19.61
N THR G 84 -26.82 -25.29 -19.69
CA THR G 84 -26.82 -26.48 -18.81
C THR G 84 -25.50 -26.76 -18.08
N PHE G 85 -25.57 -27.63 -17.08
CA PHE G 85 -24.40 -27.99 -16.27
C PHE G 85 -23.48 -29.00 -16.96
N GLU G 86 -22.17 -28.77 -16.85
CA GLU G 86 -21.18 -29.76 -17.27
C GLU G 86 -21.18 -30.91 -16.26
N ALA G 87 -20.68 -32.07 -16.69
CA ALA G 87 -20.52 -33.19 -15.79
C ALA G 87 -19.34 -33.00 -14.80
N LEU G 88 -19.32 -33.82 -13.76
CA LEU G 88 -18.27 -33.77 -12.76
C LEU G 88 -17.01 -34.42 -13.35
N ILE G 90 -12.83 -34.57 -12.47
CA ILE G 90 -11.64 -34.21 -11.69
C ILE G 90 -10.40 -34.93 -12.26
N GLU G 91 -9.40 -34.16 -12.71
CA GLU G 91 -8.16 -34.77 -13.21
C GLU G 91 -7.32 -35.28 -12.04
N PRO G 92 -6.79 -36.52 -12.13
CA PRO G 92 -5.92 -37.00 -11.06
C PRO G 92 -4.57 -36.30 -11.07
N PHE G 93 -3.94 -36.22 -9.90
CA PHE G 93 -2.56 -35.74 -9.77
C PHE G 93 -1.62 -36.72 -10.48
N SER G 94 -0.40 -36.27 -10.74
CA SER G 94 0.58 -37.10 -11.46
C SER G 94 0.91 -38.39 -10.70
N SER G 95 1.41 -39.39 -11.42
CA SER G 95 1.85 -40.65 -10.82
C SER G 95 3.29 -40.56 -10.31
N PRO G 96 3.54 -41.07 -9.10
CA PRO G 96 4.92 -41.14 -8.64
C PRO G 96 5.71 -42.21 -9.40
N PRO G 97 7.04 -42.06 -9.47
CA PRO G 97 7.85 -43.06 -10.13
C PRO G 97 7.98 -44.31 -9.26
N GLU G 98 8.45 -45.41 -9.85
CA GLU G 98 8.77 -46.62 -9.09
C GLU G 98 9.83 -46.28 -8.03
N LEU G 99 9.68 -46.85 -6.84
CA LEU G 99 10.69 -46.67 -5.79
C LEU G 99 12.05 -47.09 -6.33
N PRO G 100 13.06 -46.23 -6.17
CA PRO G 100 14.41 -46.65 -6.53
C PRO G 100 14.84 -47.90 -5.76
N ASP G 101 15.72 -48.71 -6.35
CA ASP G 101 16.10 -50.00 -5.76
C ASP G 101 16.57 -49.88 -4.30
N VAL G 102 17.26 -48.79 -3.96
CA VAL G 102 17.72 -48.56 -2.57
C VAL G 102 16.61 -48.33 -1.53
N MET G 103 15.37 -48.11 -1.98
CA MET G 103 14.24 -47.83 -1.10
C MET G 103 13.23 -48.98 -1.08
N MET H 1 -10.92 -12.34 2.20
CA MET H 1 -9.81 -13.32 2.40
C MET H 1 -8.98 -13.46 1.13
N MET H 2 -7.70 -13.13 1.21
CA MET H 2 -6.83 -13.19 0.03
C MET H 2 -6.33 -14.60 -0.19
N TYR H 3 -6.39 -15.04 -1.45
CA TYR H 3 -5.86 -16.33 -1.89
C TYR H 3 -4.78 -16.10 -2.95
N VAL H 4 -3.96 -17.12 -3.19
CA VAL H 4 -2.95 -17.06 -4.23
C VAL H 4 -2.93 -18.39 -4.97
N LYS H 5 -2.32 -18.41 -6.15
CA LYS H 5 -2.32 -19.59 -7.02
C LYS H 5 -0.92 -20.17 -7.20
N LEU H 6 -0.78 -21.46 -6.95
CA LEU H 6 0.49 -22.16 -7.09
C LEU H 6 0.32 -23.28 -8.13
N ILE H 7 1.16 -23.27 -9.18
CA ILE H 7 0.97 -24.16 -10.33
C ILE H 7 2.07 -25.21 -10.48
N SER H 8 1.70 -26.48 -10.53
CA SER H 8 2.68 -27.57 -10.66
C SER H 8 3.22 -27.68 -12.09
N SER H 9 4.25 -28.49 -12.27
CA SER H 9 4.87 -28.67 -13.58
C SER H 9 3.91 -29.31 -14.59
N ASP H 10 3.05 -30.20 -14.12
CA ASP H 10 2.06 -30.88 -14.97
C ASP H 10 0.72 -30.11 -15.13
N GLY H 11 0.71 -28.82 -14.79
CA GLY H 11 -0.44 -27.94 -15.06
C GLY H 11 -1.54 -27.87 -14.01
N HIS H 12 -1.38 -28.52 -12.87
CA HIS H 12 -2.39 -28.43 -11.80
C HIS H 12 -2.29 -27.08 -11.09
N GLU H 13 -3.45 -26.45 -10.88
CA GLU H 13 -3.53 -25.13 -10.23
C GLU H 13 -4.11 -25.21 -8.82
N PHE H 14 -3.25 -24.95 -7.84
CA PHE H 14 -3.62 -24.99 -6.42
C PHE H 14 -3.88 -23.58 -5.86
N ILE H 15 -5.07 -23.37 -5.30
CA ILE H 15 -5.43 -22.08 -4.72
C ILE H 15 -5.50 -22.21 -3.20
N VAL H 16 -4.71 -21.40 -2.50
CA VAL H 16 -4.59 -21.48 -1.04
C VAL H 16 -4.63 -20.09 -0.43
N LYS H 17 -5.00 -20.00 0.84
CA LYS H 17 -4.99 -18.72 1.55
C LYS H 17 -3.59 -18.12 1.53
N ARG H 18 -3.51 -16.81 1.28
CA ARG H 18 -2.25 -16.08 1.25
C ARG H 18 -1.44 -16.31 2.52
N GLU H 19 -2.05 -16.06 3.68
CA GLU H 19 -1.40 -16.24 5.00
C GLU H 19 -0.76 -17.64 5.15
N HIS H 20 -1.44 -18.66 4.65
CA HIS H 20 -0.94 -20.02 4.70
C HIS H 20 0.31 -20.18 3.83
N ALA H 21 0.29 -19.55 2.66
CA ALA H 21 1.41 -19.63 1.74
C ALA H 21 2.64 -18.92 2.27
N LEU H 22 2.43 -17.85 3.04
CA LEU H 22 3.55 -17.11 3.62
C LEU H 22 4.35 -17.90 4.67
N THR H 23 3.86 -19.07 5.06
CA THR H 23 4.65 -20.08 5.79
C THR H 23 6.00 -20.33 5.13
N SER H 24 6.02 -20.43 3.79
CA SER H 24 7.26 -20.54 3.03
C SER H 24 7.96 -19.20 2.95
N GLY H 25 9.21 -19.15 3.40
CA GLY H 25 10.04 -17.95 3.26
C GLY H 25 10.27 -17.61 1.80
N THR H 26 10.45 -18.64 0.98
CA THR H 26 10.67 -18.46 -0.44
C THR H 26 9.45 -17.89 -1.15
N ILE H 27 8.27 -18.48 -0.87
CA ILE H 27 7.04 -18.00 -1.49
C ILE H 27 6.76 -16.56 -1.08
N LYS H 28 6.98 -16.21 0.19
CA LYS H 28 6.78 -14.83 0.61
C LYS H 28 7.62 -13.87 -0.24
N ALA H 29 8.87 -14.24 -0.48
CA ALA H 29 9.77 -13.44 -1.33
C ALA H 29 9.31 -13.38 -2.79
N MET H 30 8.86 -14.52 -3.34
CA MET H 30 8.30 -14.54 -4.71
C MET H 30 7.18 -13.53 -4.86
N LEU H 31 6.23 -13.57 -3.94
CA LEU H 31 5.06 -12.70 -4.00
C LEU H 31 5.37 -11.22 -3.77
N SER H 32 6.58 -10.90 -3.31
CA SER H 32 7.03 -9.51 -3.19
C SER H 32 8.10 -9.18 -4.23
N GLY H 33 7.88 -9.62 -5.47
CA GLY H 33 8.79 -9.30 -6.58
C GLY H 33 10.12 -10.00 -6.48
N THR H 42 2.19 -10.03 -8.80
CA THR H 42 1.70 -11.29 -9.36
C THR H 42 1.26 -12.23 -8.24
N ASN H 43 -0.04 -12.56 -8.22
CA ASN H 43 -0.60 -13.52 -7.23
C ASN H 43 -0.58 -14.98 -7.71
N GLU H 44 0.22 -15.27 -8.74
CA GLU H 44 0.44 -16.63 -9.21
C GLU H 44 1.93 -16.95 -9.09
N VAL H 45 2.25 -18.23 -8.96
CA VAL H 45 3.64 -18.67 -8.98
C VAL H 45 3.71 -20.02 -9.69
N ASN H 46 4.61 -20.13 -10.66
CA ASN H 46 4.76 -21.34 -11.45
C ASN H 46 5.95 -22.14 -10.97
N PHE H 47 5.77 -23.44 -10.77
CA PHE H 47 6.86 -24.33 -10.33
C PHE H 47 7.14 -25.39 -11.41
N ARG H 48 8.00 -25.05 -12.37
CA ARG H 48 8.30 -25.93 -13.51
C ARG H 48 8.93 -27.29 -13.17
N GLU H 49 9.53 -27.41 -11.97
CA GLU H 49 10.16 -28.66 -11.53
C GLU H 49 9.36 -29.46 -10.52
N ILE H 50 8.19 -28.98 -10.10
CA ILE H 50 7.47 -29.63 -9.01
C ILE H 50 6.12 -30.19 -9.48
N PRO H 51 6.02 -31.53 -9.60
CA PRO H 51 4.81 -32.16 -10.08
C PRO H 51 3.69 -32.12 -9.05
N SER H 52 2.45 -32.31 -9.51
CA SER H 52 1.26 -32.17 -8.66
C SER H 52 1.22 -33.15 -7.48
N HIS H 53 1.73 -34.36 -7.66
CA HIS H 53 1.76 -35.30 -6.53
C HIS H 53 2.69 -34.85 -5.41
N VAL H 54 3.63 -33.94 -5.73
CA VAL H 54 4.44 -33.31 -4.68
C VAL H 54 3.79 -32.02 -4.15
N LEU H 55 3.36 -31.14 -5.06
CA LEU H 55 2.92 -29.80 -4.67
C LEU H 55 1.64 -29.81 -3.83
N SER H 56 0.77 -30.80 -4.10
CA SER H 56 -0.47 -30.92 -3.30
C SER H 56 -0.14 -31.21 -1.84
N LYS H 57 0.88 -32.04 -1.62
CA LYS H 57 1.36 -32.32 -0.26
C LYS H 57 1.96 -31.07 0.41
N VAL H 58 2.69 -30.26 -0.36
CA VAL H 58 3.18 -28.99 0.16
C VAL H 58 2.05 -28.11 0.70
N CYS H 59 0.94 -28.02 -0.02
CA CYS H 59 -0.24 -27.25 0.45
C CYS H 59 -0.87 -27.85 1.71
N MET H 60 -0.88 -29.18 1.81
CA MET H 60 -1.38 -29.83 3.01
C MET H 60 -0.50 -29.42 4.21
N TYR H 61 0.83 -29.42 4.04
CA TYR H 61 1.73 -28.98 5.12
C TYR H 61 1.43 -27.57 5.59
N PHE H 62 1.10 -26.66 4.68
CA PHE H 62 0.77 -25.27 5.07
C PHE H 62 -0.39 -25.30 6.06
N THR H 63 -1.43 -26.03 5.70
CA THR H 63 -2.63 -26.15 6.52
C THR H 63 -2.30 -26.69 7.92
N TYR H 64 -1.53 -27.78 7.94
CA TYR H 64 -1.08 -28.44 9.17
C TYR H 64 -0.28 -27.49 10.05
N LYS H 65 0.70 -26.81 9.47
CA LYS H 65 1.53 -25.87 10.23
C LYS H 65 0.77 -24.74 10.92
N VAL H 66 -0.13 -24.06 10.20
CA VAL H 66 -0.91 -22.95 10.76
C VAL H 66 -1.86 -23.46 11.85
N ARG H 67 -2.48 -24.61 11.63
CA ARG H 67 -3.41 -25.17 12.62
C ARG H 67 -2.71 -25.53 13.92
N TYR H 68 -1.58 -26.23 13.83
CA TYR H 68 -0.97 -26.82 15.03
C TYR H 68 0.17 -26.00 15.68
N THR H 69 0.66 -24.96 15.01
CA THR H 69 1.67 -24.06 15.61
C THR H 69 1.07 -23.21 16.74
N ASN H 70 1.65 -23.33 17.93
CA ASN H 70 1.19 -22.58 19.11
C ASN H 70 -0.19 -23.04 19.61
N SER H 71 -0.42 -24.34 19.60
CA SER H 71 -1.73 -24.92 19.95
C SER H 71 -1.65 -25.85 21.16
N SER H 72 -2.74 -25.93 21.90
CA SER H 72 -2.84 -26.78 23.09
C SER H 72 -3.15 -28.23 22.71
N THR H 73 -4.01 -28.40 21.70
CA THR H 73 -4.45 -29.74 21.29
C THR H 73 -3.27 -30.59 20.79
N GLU H 74 -3.31 -31.88 21.12
CA GLU H 74 -2.27 -32.83 20.80
C GLU H 74 -1.99 -32.88 19.29
N ILE H 75 -0.71 -32.90 18.93
CA ILE H 75 -0.25 -32.77 17.56
C ILE H 75 -0.06 -34.15 16.93
N PRO H 76 -0.73 -34.42 15.79
CA PRO H 76 -0.53 -35.69 15.10
C PRO H 76 0.65 -35.64 14.12
N GLU H 77 1.10 -36.81 13.68
CA GLU H 77 2.17 -36.91 12.70
C GLU H 77 1.76 -36.32 11.34
N PHE H 78 2.71 -35.72 10.62
CA PHE H 78 2.48 -35.33 9.22
C PHE H 78 2.85 -36.51 8.31
N PRO H 79 1.87 -37.05 7.57
CA PRO H 79 2.11 -38.29 6.82
C PRO H 79 2.76 -38.05 5.45
N ILE H 80 3.71 -38.90 5.08
CA ILE H 80 4.40 -38.82 3.80
C ILE H 80 4.63 -40.23 3.23
N ALA H 81 4.04 -40.50 2.07
CA ALA H 81 4.19 -41.82 1.44
C ALA H 81 5.63 -42.04 0.96
N PRO H 82 6.14 -43.27 1.07
CA PRO H 82 7.50 -43.56 0.62
C PRO H 82 7.74 -43.19 -0.85
N GLU H 83 6.72 -43.33 -1.68
CA GLU H 83 6.87 -43.09 -3.13
C GLU H 83 7.15 -41.62 -3.45
N ILE H 84 6.69 -40.71 -2.60
CA ILE H 84 6.85 -39.27 -2.85
C ILE H 84 7.91 -38.58 -1.97
N ALA H 85 8.48 -39.31 -1.03
CA ALA H 85 9.40 -38.71 -0.05
C ALA H 85 10.61 -38.01 -0.69
N LEU H 86 11.24 -38.66 -1.66
CA LEU H 86 12.45 -38.10 -2.26
C LEU H 86 12.16 -36.77 -2.95
N GLU H 87 11.10 -36.76 -3.75
CA GLU H 87 10.72 -35.54 -4.48
C GLU H 87 10.27 -34.42 -3.54
N LEU H 88 9.57 -34.77 -2.47
CA LEU H 88 9.12 -33.77 -1.49
C LEU H 88 10.30 -33.12 -0.71
N LEU H 89 11.35 -33.90 -0.43
CA LEU H 89 12.54 -33.35 0.20
C LEU H 89 13.21 -32.27 -0.66
N MET H 90 13.26 -32.50 -1.97
CA MET H 90 13.82 -31.51 -2.91
C MET H 90 12.97 -30.23 -2.91
N ALA H 91 11.65 -30.37 -2.93
CA ALA H 91 10.78 -29.21 -2.94
C ALA H 91 10.95 -28.40 -1.64
N ALA H 92 11.05 -29.11 -0.52
CA ALA H 92 11.13 -28.46 0.79
C ALA H 92 12.41 -27.62 0.94
N ASN H 93 13.52 -28.13 0.44
CA ASN H 93 14.76 -27.35 0.45
C ASN H 93 14.55 -25.97 -0.22
N PHE H 94 14.04 -25.99 -1.45
CA PHE H 94 13.83 -24.76 -2.23
C PHE H 94 12.84 -23.77 -1.59
N LEU H 95 11.75 -24.28 -1.03
CA LEU H 95 10.71 -23.40 -0.47
C LEU H 95 10.98 -22.85 0.96
N ASP H 96 12.06 -23.30 1.62
CA ASP H 96 12.39 -22.86 3.00
C ASP H 96 11.19 -23.00 3.96
N CYS H 97 10.68 -24.21 4.08
CA CYS H 97 9.47 -24.45 4.87
C CYS H 97 9.51 -25.78 5.63
N VAL I 11 28.27 -27.14 31.80
CA VAL I 11 27.17 -26.23 32.22
C VAL I 11 25.85 -26.99 32.40
N LEU I 12 25.39 -27.67 31.36
CA LEU I 12 24.16 -28.46 31.45
C LEU I 12 24.40 -29.80 32.17
N ARG I 13 24.18 -29.80 33.48
CA ARG I 13 24.22 -31.01 34.30
C ARG I 13 23.12 -30.90 35.32
N SER I 14 22.87 -32.00 36.04
CA SER I 14 21.87 -31.99 37.11
C SER I 14 22.47 -31.34 38.35
N VAL I 15 21.62 -30.63 39.10
CA VAL I 15 22.00 -30.11 40.41
C VAL I 15 21.86 -31.26 41.39
N ASN I 16 22.89 -31.52 42.20
CA ASN I 16 22.83 -32.58 43.20
C ASN I 16 22.13 -32.10 44.49
N SER I 17 20.83 -31.83 44.39
CA SER I 17 20.03 -31.29 45.50
C SER I 17 19.68 -32.32 46.57
N ARG I 18 19.47 -33.57 46.16
CA ARG I 18 19.02 -34.63 47.08
C ARG I 18 17.65 -34.32 47.72
N GLU I 19 16.77 -33.68 46.95
CA GLU I 19 15.38 -33.40 47.37
C GLU I 19 14.42 -34.14 46.45
N PRO I 20 13.75 -35.19 46.96
CA PRO I 20 12.83 -35.94 46.10
C PRO I 20 11.76 -35.06 45.43
N SER I 21 11.43 -35.39 44.18
CA SER I 21 10.35 -34.74 43.44
C SER I 21 9.68 -35.83 42.60
N GLN I 22 8.37 -35.99 42.80
CA GLN I 22 7.60 -36.97 42.04
C GLN I 22 7.00 -36.35 40.78
N VAL I 23 7.16 -37.07 39.66
CA VAL I 23 6.82 -36.59 38.32
C VAL I 23 5.95 -37.61 37.59
N ILE I 24 5.03 -37.13 36.74
CA ILE I 24 4.35 -37.97 35.76
C ILE I 24 4.91 -37.71 34.35
N PHE I 25 5.60 -38.70 33.79
CA PHE I 25 6.01 -38.66 32.38
C PHE I 25 4.80 -39.11 31.56
N ASN I 27 3.23 -39.45 27.77
CA ASN I 27 3.59 -39.44 26.33
C ASN I 27 2.37 -39.10 25.47
N ARG I 28 2.24 -37.85 25.08
CA ARG I 28 1.15 -37.40 24.20
C ARG I 28 1.65 -37.24 22.76
N SER I 29 2.43 -38.20 22.29
CA SER I 29 2.98 -38.22 20.94
C SER I 29 2.70 -39.59 20.34
N PRO I 30 2.92 -39.74 19.03
CA PRO I 30 2.79 -41.04 18.39
C PRO I 30 4.11 -41.82 18.32
N ARG I 31 5.16 -41.34 19.01
CA ARG I 31 6.46 -42.00 19.02
C ARG I 31 6.67 -42.83 20.28
N VAL I 32 7.54 -43.84 20.20
CA VAL I 32 8.05 -44.54 21.38
C VAL I 32 9.09 -43.57 21.95
N VAL I 33 8.93 -43.18 23.21
CA VAL I 33 9.77 -42.12 23.79
C VAL I 33 10.89 -42.67 24.68
N LEU I 34 12.09 -42.13 24.46
CA LEU I 34 13.27 -42.40 25.28
C LEU I 34 13.53 -41.18 26.19
N PRO I 35 13.28 -41.33 27.51
CA PRO I 35 13.70 -40.30 28.45
C PRO I 35 15.20 -40.35 28.70
N VAL I 36 15.82 -39.18 28.79
CA VAL I 36 17.26 -39.07 28.95
C VAL I 36 17.56 -38.14 30.14
N TRP I 37 18.28 -38.66 31.15
CA TRP I 37 18.68 -37.88 32.33
C TRP I 37 20.11 -37.38 32.16
N LEU I 38 20.36 -36.08 32.38
CA LEU I 38 21.73 -35.58 32.39
C LEU I 38 22.31 -35.81 33.79
N ASN I 39 23.37 -36.60 33.88
CA ASN I 39 23.94 -36.92 35.18
C ASN I 39 24.84 -35.78 35.69
N PHE I 40 25.48 -35.97 36.83
CA PHE I 40 26.19 -34.87 37.50
C PHE I 40 27.44 -34.37 36.76
N ASP I 41 27.95 -35.19 35.84
CA ASP I 41 29.01 -34.79 34.89
C ASP I 41 28.47 -34.23 33.56
N GLY I 42 27.15 -34.16 33.41
CA GLY I 42 26.55 -33.66 32.17
C GLY I 42 26.39 -34.71 31.09
N GLU I 43 26.63 -35.98 31.44
CA GLU I 43 26.52 -37.09 30.50
C GLU I 43 25.07 -37.58 30.35
N PRO I 44 24.60 -37.79 29.11
CA PRO I 44 23.22 -38.29 28.97
C PRO I 44 23.06 -39.74 29.42
N GLN I 45 22.01 -40.02 30.17
CA GLN I 45 21.75 -41.37 30.69
C GLN I 45 20.35 -41.83 30.30
N PRO I 46 20.26 -42.86 29.46
CA PRO I 46 18.94 -43.31 29.01
C PRO I 46 18.17 -44.08 30.07
N TYR I 47 16.84 -43.96 30.01
CA TYR I 47 15.92 -44.59 30.94
C TYR I 47 14.93 -45.47 30.14
N PRO I 48 14.07 -46.24 30.81
CA PRO I 48 13.16 -47.11 30.05
C PRO I 48 12.20 -46.35 29.13
N THR I 49 11.89 -46.95 27.98
CA THR I 49 11.04 -46.29 26.99
C THR I 49 9.56 -46.31 27.35
N LEU I 50 8.80 -45.38 26.78
CA LEU I 50 7.35 -45.24 26.99
C LEU I 50 6.59 -45.39 25.68
N PRO I 51 5.70 -46.40 25.56
CA PRO I 51 4.94 -46.50 24.30
C PRO I 51 4.00 -45.30 24.14
N PRO I 52 3.57 -45.01 22.90
CA PRO I 52 2.65 -43.93 22.58
C PRO I 52 1.37 -43.94 23.42
N GLY I 53 0.96 -42.78 23.93
CA GLY I 53 -0.28 -42.67 24.69
C GLY I 53 -0.25 -43.21 26.13
N THR I 54 0.93 -43.56 26.65
CA THR I 54 1.06 -44.10 28.01
C THR I 54 1.74 -43.11 28.95
N GLY I 55 1.52 -43.32 30.25
CA GLY I 55 2.08 -42.46 31.28
C GLY I 55 2.61 -43.26 32.47
N ARG I 56 3.65 -42.74 33.12
CA ARG I 56 4.20 -43.34 34.34
C ARG I 56 4.57 -42.31 35.40
N ARG I 57 4.28 -42.66 36.64
CA ARG I 57 4.68 -41.88 37.82
C ARG I 57 6.08 -42.39 38.21
N ILE I 58 7.05 -41.47 38.22
CA ILE I 58 8.46 -41.79 38.46
C ILE I 58 9.06 -40.87 39.55
N HIS I 59 10.12 -41.35 40.20
CA HIS I 59 10.81 -40.61 41.27
C HIS I 59 12.08 -39.96 40.74
N SER I 60 12.17 -38.63 40.85
CA SER I 60 13.35 -37.87 40.43
C SER I 60 13.71 -36.88 41.54
N TYR I 61 14.43 -35.82 41.21
CA TYR I 61 14.89 -34.85 42.24
C TYR I 61 14.84 -33.41 41.74
N ARG I 62 14.64 -32.50 42.68
CA ARG I 62 14.47 -31.11 42.34
C ARG I 62 15.77 -30.62 41.73
N GLY I 63 15.69 -29.90 40.61
CA GLY I 63 16.89 -29.40 39.94
C GLY I 63 17.57 -30.37 38.97
N HIS I 64 17.05 -31.60 38.86
CA HIS I 64 17.60 -32.55 37.89
C HIS I 64 17.15 -32.19 36.44
N LEU I 65 17.95 -32.60 35.47
CA LEU I 65 17.70 -32.23 34.06
C LEU I 65 17.33 -33.44 33.21
N TRP I 66 16.27 -33.27 32.42
CA TRP I 66 15.78 -34.30 31.51
C TRP I 66 15.52 -33.76 30.11
N LEU I 67 15.65 -34.63 29.11
CA LEU I 67 15.08 -34.36 27.78
C LEU I 67 14.49 -35.65 27.19
N PHE I 68 13.77 -35.53 26.07
CA PHE I 68 13.01 -36.65 25.53
C PHE I 68 13.16 -36.79 24.01
N ARG I 69 13.37 -38.02 23.56
CA ARG I 69 13.65 -38.33 22.15
C ARG I 69 12.84 -39.52 21.65
N ASP I 70 12.72 -39.63 20.32
CA ASP I 70 12.24 -40.85 19.67
C ASP I 70 13.26 -41.93 19.97
N ALA I 71 12.82 -43.05 20.55
CA ALA I 71 13.72 -44.11 20.97
C ALA I 71 14.42 -44.83 19.83
N GLY I 72 13.84 -44.78 18.63
CA GLY I 72 14.43 -45.47 17.48
C GLY I 72 15.35 -44.59 16.63
N THR I 73 14.92 -43.35 16.39
CA THR I 73 15.61 -42.45 15.47
C THR I 73 16.36 -41.29 16.14
N HIS I 74 16.12 -41.08 17.43
CA HIS I 74 16.64 -39.94 18.17
C HIS I 74 16.13 -38.55 17.77
N ASP I 75 15.07 -38.49 16.95
CA ASP I 75 14.39 -37.21 16.67
C ASP I 75 14.03 -36.52 17.98
N GLY I 76 14.16 -35.20 18.01
CA GLY I 76 13.90 -34.43 19.23
C GLY I 76 12.42 -34.25 19.47
N LEU I 77 12.03 -34.21 20.74
CA LEU I 77 10.62 -34.03 21.13
C LEU I 77 10.51 -32.91 22.15
N LEU I 78 9.29 -32.41 22.36
CA LEU I 78 9.08 -31.32 23.32
C LEU I 78 8.53 -31.88 24.61
N VAL I 79 8.84 -31.21 25.70
CA VAL I 79 8.28 -31.52 27.01
C VAL I 79 7.79 -30.20 27.61
N ASN I 80 6.51 -30.14 27.94
CA ASN I 80 5.87 -28.89 28.32
C ASN I 80 6.23 -27.72 27.37
N GLN I 81 6.18 -28.01 26.07
CA GLN I 81 6.40 -27.03 25.01
C GLN I 81 7.83 -26.47 24.91
N THR I 82 8.80 -27.10 25.57
CA THR I 82 10.18 -26.66 25.45
C THR I 82 11.15 -27.86 25.44
N GLU I 83 12.44 -27.56 25.46
CA GLU I 83 13.49 -28.56 25.25
C GLU I 83 13.81 -29.38 26.47
N LEU I 84 14.06 -28.69 27.58
CA LEU I 84 14.46 -29.31 28.85
C LEU I 84 13.34 -29.30 29.89
N PHE I 85 13.29 -30.36 30.71
CA PHE I 85 12.38 -30.44 31.86
C PHE I 85 13.18 -30.54 33.16
N VAL I 86 12.82 -29.70 34.13
CA VAL I 86 13.43 -29.68 35.47
C VAL I 86 12.36 -29.91 36.52
N PRO I 87 12.42 -31.03 37.27
CA PRO I 87 11.42 -31.21 38.33
C PRO I 87 11.51 -30.12 39.40
N SER I 88 10.36 -29.70 39.87
CA SER I 88 10.28 -28.67 40.89
C SER I 88 9.64 -29.27 42.14
N LEU I 89 9.45 -28.41 43.13
CA LEU I 89 8.85 -28.76 44.40
C LEU I 89 7.39 -29.25 44.27
N ASN I 90 7.07 -30.41 44.83
CA ASN I 90 5.69 -30.88 44.90
C ASN I 90 4.90 -30.11 45.96
N VAL I 91 3.84 -29.42 45.56
CA VAL I 91 2.96 -28.76 46.53
C VAL I 91 1.78 -29.66 46.89
N ASP I 92 1.60 -29.88 48.19
CA ASP I 92 0.49 -30.67 48.72
C ASP I 92 0.31 -32.06 48.07
N GLY I 93 1.42 -32.74 47.84
CA GLY I 93 1.41 -34.10 47.31
C GLY I 93 1.01 -34.26 45.85
N GLN I 94 0.97 -33.16 45.10
CA GLN I 94 0.71 -33.23 43.67
C GLN I 94 2.00 -33.47 42.90
N PRO I 95 2.00 -34.46 42.00
CA PRO I 95 3.17 -34.70 41.17
C PRO I 95 3.27 -33.65 40.08
N ILE I 96 4.46 -33.48 39.51
CA ILE I 96 4.66 -32.52 38.42
C ILE I 96 4.41 -33.24 37.11
N PHE I 97 3.62 -32.66 36.22
CA PHE I 97 3.38 -33.29 34.91
C PHE I 97 4.46 -32.91 33.91
N ALA I 98 5.04 -33.90 33.25
CA ALA I 98 5.91 -33.67 32.10
C ALA I 98 5.19 -34.18 30.85
N ASN I 99 4.52 -33.28 30.14
CA ASN I 99 3.79 -33.64 28.93
C ASN I 99 4.68 -33.66 27.69
N ILE I 100 4.85 -34.85 27.11
CA ILE I 100 5.73 -35.04 25.97
C ILE I 100 4.91 -35.05 24.68
N THR I 101 5.27 -34.17 23.73
CA THR I 101 4.54 -33.98 22.47
C THR I 101 5.47 -33.91 21.27
N LEU I 102 4.91 -34.17 20.08
CA LEU I 102 5.62 -33.89 18.83
C LEU I 102 5.81 -32.39 18.64
N PRO I 103 6.99 -31.97 18.14
CA PRO I 103 7.07 -30.60 17.65
C PRO I 103 6.36 -30.48 16.31
N VAL I 104 6.07 -29.25 15.89
CA VAL I 104 5.76 -29.02 14.51
C VAL I 104 7.06 -28.94 13.74
N TYR I 105 7.49 -30.05 13.17
CA TYR I 105 8.71 -30.08 12.39
C TYR I 105 8.60 -29.24 11.14
N THR I 106 9.74 -28.75 10.64
CA THR I 106 9.75 -28.20 9.29
C THR I 106 9.47 -29.35 8.33
N LEU I 107 8.93 -28.99 7.17
CA LEU I 107 8.66 -29.98 6.12
C LEU I 107 9.95 -30.67 5.73
N LYS I 108 11.02 -29.88 5.57
CA LYS I 108 12.34 -30.41 5.24
C LYS I 108 12.79 -31.46 6.23
N GLU I 109 12.76 -31.13 7.52
CA GLU I 109 13.18 -32.06 8.56
C GLU I 109 12.32 -33.35 8.54
N ARG I 110 11.03 -33.18 8.36
CA ARG I 110 10.14 -34.33 8.27
C ARG I 110 10.46 -35.21 7.05
N CYS I 111 10.75 -34.59 5.92
CA CYS I 111 11.15 -35.34 4.73
C CYS I 111 12.47 -36.09 5.01
N LEU I 112 13.43 -35.41 5.64
CA LEU I 112 14.68 -36.06 6.04
C LEU I 112 14.38 -37.32 6.86
N GLN I 113 13.47 -37.21 7.82
CA GLN I 113 13.14 -38.36 8.68
C GLN I 113 12.68 -39.57 7.88
N VAL I 114 11.74 -39.37 6.97
CA VAL I 114 11.18 -40.46 6.18
C VAL I 114 12.23 -41.07 5.22
N VAL I 115 13.08 -40.24 4.63
CA VAL I 115 14.13 -40.74 3.72
C VAL I 115 15.17 -41.54 4.53
N ARG I 116 15.55 -41.05 5.72
CA ARG I 116 16.45 -41.82 6.60
C ARG I 116 15.88 -43.21 6.95
N SER I 117 14.57 -43.31 7.10
CA SER I 117 13.89 -44.56 7.47
C SER I 117 13.77 -45.56 6.30
N LEU I 118 14.08 -45.12 5.08
CA LEU I 118 14.01 -45.98 3.90
C LEU I 118 15.40 -46.26 3.29
N VAL I 119 16.28 -45.26 3.33
CA VAL I 119 17.61 -45.36 2.74
C VAL I 119 18.68 -45.57 3.82
N LYS I 120 19.62 -46.46 3.54
CA LYS I 120 20.71 -46.77 4.48
C LYS I 120 21.76 -45.66 4.45
N PRO I 121 22.54 -45.52 5.53
CA PRO I 121 23.55 -44.44 5.58
C PRO I 121 24.68 -44.51 4.54
N GLU I 122 24.91 -45.67 3.92
CA GLU I 122 25.92 -45.78 2.86
C GLU I 122 25.41 -45.19 1.54
N ASN I 123 24.08 -45.21 1.37
CA ASN I 123 23.46 -44.94 0.07
C ASN I 123 22.92 -43.52 -0.13
N TYR I 124 23.01 -42.66 0.88
CA TYR I 124 22.54 -41.26 0.75
C TYR I 124 23.10 -40.58 -0.51
N ARG I 125 24.39 -40.71 -0.73
CA ARG I 125 25.07 -40.00 -1.82
C ARG I 125 24.82 -40.64 -3.20
N ARG I 126 24.11 -41.77 -3.24
CA ARG I 126 23.61 -42.34 -4.48
C ARG I 126 22.24 -41.73 -4.91
N LEU I 127 21.68 -40.84 -4.10
CA LEU I 127 20.40 -40.17 -4.43
C LEU I 127 20.58 -38.99 -5.38
N ASP I 128 19.62 -38.81 -6.29
CA ASP I 128 19.70 -37.72 -7.23
C ASP I 128 19.16 -36.43 -6.62
N ILE I 129 19.96 -35.80 -5.75
CA ILE I 129 19.60 -34.52 -5.12
C ILE I 129 20.80 -33.57 -5.02
N VAL I 130 20.53 -32.29 -4.74
CA VAL I 130 21.59 -31.28 -4.64
C VAL I 130 22.56 -31.57 -3.49
N ARG I 131 23.84 -31.35 -3.76
CA ARG I 131 24.92 -31.74 -2.86
C ARG I 131 24.65 -31.44 -1.38
N SER I 132 24.20 -30.22 -1.10
CA SER I 132 23.98 -29.76 0.28
C SER I 132 23.02 -30.63 1.09
N LEU I 133 22.08 -31.30 0.40
CA LEU I 133 21.14 -32.22 1.05
C LEU I 133 21.79 -33.53 1.55
N TYR I 134 22.96 -33.89 1.01
CA TYR I 134 23.68 -35.06 1.51
C TYR I 134 24.16 -34.84 2.94
N GLU I 135 24.83 -33.69 3.15
CA GLU I 135 25.25 -33.27 4.49
C GLU I 135 24.06 -33.13 5.43
N ASP I 136 22.91 -32.72 4.90
CA ASP I 136 21.69 -32.64 5.71
C ASP I 136 21.24 -34.01 6.19
N LEU I 137 21.31 -35.03 5.33
CA LEU I 137 20.91 -36.40 5.69
C LEU I 137 21.86 -37.01 6.71
N GLU I 138 23.16 -36.87 6.46
CA GLU I 138 24.16 -37.49 7.32
C GLU I 138 24.21 -36.89 8.73
N ASP I 139 23.70 -35.67 8.89
CA ASP I 139 23.67 -35.00 10.17
C ASP I 139 22.50 -35.53 11.06
N HIS I 140 22.59 -36.81 11.43
CA HIS I 140 21.56 -37.48 12.24
C HIS I 140 21.21 -36.70 13.49
N PRO I 141 19.94 -36.76 13.91
CA PRO I 141 19.64 -36.23 15.23
C PRO I 141 20.51 -36.94 16.29
N ASN I 142 21.01 -36.18 17.26
CA ASN I 142 22.05 -36.67 18.17
C ASN I 142 21.99 -35.81 19.43
N VAL I 143 21.87 -36.45 20.59
CA VAL I 143 21.71 -35.72 21.85
C VAL I 143 22.94 -34.85 22.18
N GLN I 144 24.14 -35.41 22.07
CA GLN I 144 25.35 -34.65 22.39
C GLN I 144 25.44 -33.39 21.51
N LYS I 145 25.09 -33.52 20.23
CA LYS I 145 25.10 -32.36 19.32
C LYS I 145 24.16 -31.26 19.81
N ASP I 146 22.96 -31.64 20.25
CA ASP I 146 21.98 -30.66 20.73
C ASP I 146 22.41 -30.01 22.02
N LEU I 147 23.08 -30.76 22.89
CA LEU I 147 23.56 -30.20 24.16
C LEU I 147 24.58 -29.10 23.90
N GLU I 148 25.44 -29.31 22.92
CA GLU I 148 26.42 -28.30 22.51
C GLU I 148 25.70 -27.02 22.05
N ARG I 149 24.71 -27.19 21.17
CA ARG I 149 23.92 -26.07 20.63
C ARG I 149 23.24 -25.23 21.70
N LEU I 150 22.61 -25.89 22.67
CA LEU I 150 21.87 -25.18 23.71
C LEU I 150 22.80 -24.29 24.53
N THR I 151 23.93 -24.86 24.93
CA THR I 151 24.95 -24.14 25.70
C THR I 151 25.38 -22.83 25.01
N GLN I 152 25.63 -22.90 23.69
CA GLN I 152 26.12 -21.75 22.93
C GLN I 152 25.10 -20.60 22.73
N GLU I 153 23.81 -20.90 22.85
CA GLU I 153 22.76 -19.90 22.60
C GLU I 153 22.73 -18.80 23.66
N MET J 1 -33.36 12.90 36.33
CA MET J 1 -32.24 12.05 35.85
C MET J 1 -31.86 12.46 34.43
N ASP J 2 -30.57 12.51 34.14
CA ASP J 2 -30.09 12.83 32.80
C ASP J 2 -30.00 11.57 31.93
N VAL J 3 -30.41 11.72 30.67
CA VAL J 3 -30.16 10.72 29.62
C VAL J 3 -29.26 11.35 28.57
N PHE J 4 -28.35 10.55 28.01
CA PHE J 4 -27.35 11.01 27.02
C PHE J 4 -27.56 10.32 25.67
N LEU J 5 -27.64 11.13 24.62
CA LEU J 5 -28.16 10.71 23.32
C LEU J 5 -27.26 11.05 22.12
N MET J 6 -27.44 10.28 21.04
CA MET J 6 -27.00 10.69 19.72
C MET J 6 -28.24 10.82 18.82
N ILE J 7 -28.44 11.99 18.22
CA ILE J 7 -29.54 12.18 17.26
C ILE J 7 -28.96 12.09 15.84
N ARG J 8 -29.40 11.09 15.07
CA ARG J 8 -28.70 10.71 13.86
C ARG J 8 -29.57 10.72 12.59
N ARG J 9 -29.04 11.33 11.52
CA ARG J 9 -29.68 11.38 10.21
C ARG J 9 -28.59 11.42 9.16
N HIS J 10 -28.67 10.48 8.21
CA HIS J 10 -27.74 10.43 7.08
C HIS J 10 -26.30 10.40 7.65
N LYS J 11 -25.46 11.41 7.36
CA LYS J 11 -24.10 11.46 7.94
C LYS J 11 -23.95 12.52 9.04
N THR J 12 -25.07 12.89 9.64
CA THR J 12 -25.12 13.87 10.71
C THR J 12 -25.40 13.14 12.05
N THR J 13 -24.64 13.52 13.09
CA THR J 13 -24.83 12.98 14.46
C THR J 13 -24.74 14.11 15.50
N ILE J 14 -25.84 14.40 16.18
CA ILE J 14 -25.86 15.37 17.27
C ILE J 14 -25.68 14.70 18.65
N PHE J 15 -24.68 15.13 19.41
CA PHE J 15 -24.48 14.66 20.78
C PHE J 15 -25.17 15.65 21.73
N THR J 16 -26.11 15.17 22.55
CA THR J 16 -26.78 16.03 23.52
C THR J 16 -27.36 15.21 24.67
N ASP J 17 -27.69 15.89 25.75
CA ASP J 17 -28.38 15.27 26.87
C ASP J 17 -29.72 15.94 27.14
N ALA J 18 -30.55 15.27 27.94
CA ALA J 18 -31.86 15.79 28.31
C ALA J 18 -32.34 15.06 29.56
N LYS J 19 -33.43 15.53 30.15
CA LYS J 19 -34.01 14.87 31.32
C LYS J 19 -34.92 13.71 30.91
N GLU J 20 -34.91 12.65 31.70
CA GLU J 20 -35.84 11.54 31.50
C GLU J 20 -37.29 12.02 31.42
N SER J 21 -37.64 13.04 32.20
CA SER J 21 -39.00 13.58 32.22
C SER J 21 -39.31 14.58 31.10
N SER J 22 -38.29 14.97 30.31
CA SER J 22 -38.52 15.90 29.21
C SER J 22 -39.21 15.17 28.05
N THR J 23 -39.76 15.93 27.09
CA THR J 23 -40.61 15.38 26.05
C THR J 23 -39.91 15.29 24.69
N VAL J 24 -40.50 14.49 23.81
CA VAL J 24 -40.05 14.35 22.42
C VAL J 24 -40.11 15.69 21.68
N PHE J 25 -41.17 16.45 21.89
CA PHE J 25 -41.24 17.81 21.34
C PHE J 25 -40.03 18.66 21.75
N GLU J 26 -39.62 18.57 23.02
CA GLU J 26 -38.52 19.39 23.53
C GLU J 26 -37.18 18.99 22.89
N LEU J 27 -37.07 17.72 22.52
CA LEU J 27 -35.93 17.26 21.76
C LEU J 27 -35.93 17.81 20.32
N LYS J 28 -37.10 17.90 19.70
CA LYS J 28 -37.25 18.54 18.37
C LYS J 28 -36.84 20.04 18.40
N ARG J 29 -37.09 20.74 19.51
CA ARG J 29 -36.65 22.13 19.64
C ARG J 29 -35.11 22.26 19.63
N ILE J 30 -34.43 21.27 20.22
CA ILE J 30 -32.97 21.23 20.19
C ILE J 30 -32.44 21.05 18.77
N VAL J 31 -33.07 20.13 18.03
CA VAL J 31 -32.72 19.85 16.64
C VAL J 31 -32.93 21.12 15.80
N GLU J 32 -34.03 21.83 16.07
CA GLU J 32 -34.36 23.08 15.36
C GLU J 32 -33.26 24.13 15.47
N GLY J 33 -32.78 24.36 16.69
CA GLY J 33 -31.71 25.34 16.93
C GLY J 33 -30.46 24.99 16.15
N ILE J 34 -30.20 23.71 15.95
CA ILE J 34 -28.97 23.27 15.34
C ILE J 34 -29.10 23.15 13.82
N LEU J 35 -30.11 22.44 13.34
CA LEU J 35 -30.23 22.17 11.89
C LEU J 35 -31.24 23.05 11.18
N LYS J 36 -31.85 24.00 11.92
CA LYS J 36 -32.70 25.05 11.36
C LYS J 36 -33.92 24.54 10.62
N ARG J 37 -34.62 23.59 11.25
CA ARG J 37 -35.84 23.02 10.70
C ARG J 37 -36.86 22.87 11.83
N PRO J 38 -38.07 23.42 11.66
CA PRO J 38 -39.05 23.40 12.74
C PRO J 38 -39.55 22.00 13.13
N PRO J 39 -40.09 21.85 14.35
CA PRO J 39 -40.56 20.56 14.84
C PRO J 39 -41.52 19.83 13.89
N ASP J 40 -42.46 20.55 13.29
CA ASP J 40 -43.43 19.91 12.39
C ASP J 40 -42.81 19.36 11.09
N GLU J 41 -41.55 19.71 10.81
CA GLU J 41 -40.83 19.16 9.65
C GLU J 41 -39.87 18.03 10.02
N GLN J 42 -39.98 17.54 11.27
CA GLN J 42 -39.14 16.43 11.78
C GLN J 42 -39.97 15.20 12.18
N ARG J 43 -39.40 14.03 11.96
CA ARG J 43 -39.87 12.81 12.60
C ARG J 43 -38.71 12.26 13.41
N LEU J 44 -38.97 11.88 14.67
CA LEU J 44 -37.96 11.22 15.50
C LEU J 44 -38.36 9.78 15.73
N TYR J 45 -37.35 8.90 15.77
CA TYR J 45 -37.57 7.46 15.87
C TYR J 45 -36.74 6.79 16.98
N LYS J 46 -37.33 5.81 17.64
CA LYS J 46 -36.56 4.85 18.39
C LYS J 46 -36.56 3.54 17.61
N ASP J 47 -35.40 3.20 17.04
CA ASP J 47 -35.30 2.13 16.05
C ASP J 47 -36.24 2.46 14.89
N ASP J 48 -37.18 1.59 14.56
CA ASP J 48 -38.13 1.88 13.50
C ASP J 48 -39.45 2.49 14.01
N GLN J 49 -39.54 2.77 15.31
CA GLN J 49 -40.78 3.28 15.90
C GLN J 49 -40.82 4.81 15.98
N LEU J 50 -41.84 5.38 15.34
CA LEU J 50 -42.08 6.83 15.36
C LEU J 50 -42.44 7.31 16.76
N LEU J 51 -41.78 8.36 17.23
CA LEU J 51 -42.04 8.88 18.58
C LEU J 51 -43.11 9.99 18.57
N ASP J 52 -44.01 9.95 19.55
CA ASP J 52 -45.06 10.95 19.74
C ASP J 52 -44.57 12.16 20.54
N ASP J 53 -44.84 13.36 20.03
CA ASP J 53 -44.44 14.62 20.67
C ASP J 53 -44.72 14.72 22.18
N GLY J 54 -45.89 14.24 22.61
CA GLY J 54 -46.33 14.40 24.00
C GLY J 54 -45.73 13.43 25.01
N LYS J 55 -45.02 12.41 24.53
CA LYS J 55 -44.44 11.41 25.43
C LYS J 55 -43.10 11.85 26.02
N THR J 56 -42.80 11.35 27.22
CA THR J 56 -41.52 11.60 27.84
C THR J 56 -40.50 10.62 27.28
N LEU J 57 -39.23 10.99 27.38
CA LEU J 57 -38.15 10.13 26.93
C LEU J 57 -38.14 8.82 27.72
N GLY J 58 -38.39 8.91 29.03
CA GLY J 58 -38.48 7.73 29.89
C GLY J 58 -39.57 6.76 29.47
N GLU J 59 -40.75 7.31 29.14
CA GLU J 59 -41.84 6.49 28.59
C GLU J 59 -41.46 5.80 27.27
N GLY J 61 -38.52 4.68 26.66
CA GLY J 61 -37.43 3.73 26.94
C GLY J 61 -36.03 4.28 27.01
N PHE J 62 -35.87 5.60 26.97
CA PHE J 62 -34.56 6.19 27.18
C PHE J 62 -34.42 6.45 28.67
N THR J 63 -33.65 5.61 29.35
CA THR J 63 -33.44 5.74 30.79
C THR J 63 -32.00 6.00 31.14
N SER J 64 -31.76 6.51 32.35
CA SER J 64 -30.43 6.94 32.76
C SER J 64 -29.41 5.81 32.77
N GLN J 65 -29.87 4.59 33.01
CA GLN J 65 -28.96 3.44 33.05
C GLN J 65 -28.75 2.78 31.67
N THR J 66 -29.50 3.21 30.64
CA THR J 66 -29.30 2.70 29.28
C THR J 66 -28.73 3.75 28.30
N ALA J 67 -28.96 5.02 28.58
CA ALA J 67 -28.47 6.12 27.77
C ALA J 67 -27.37 6.83 28.55
N ARG J 68 -26.16 6.28 28.50
CA ARG J 68 -25.05 6.66 29.39
C ARG J 68 -24.07 7.65 28.72
N PRO J 69 -23.41 8.53 29.50
CA PRO J 69 -22.50 9.48 28.86
C PRO J 69 -21.47 8.81 27.94
N GLN J 70 -20.87 7.73 28.43
CA GLN J 70 -19.86 6.99 27.68
C GLN J 70 -20.42 5.98 26.68
N ALA J 71 -21.75 5.81 26.64
CA ALA J 71 -22.39 4.90 25.70
C ALA J 71 -23.82 5.38 25.43
N PRO J 72 -23.96 6.52 24.73
CA PRO J 72 -25.26 7.16 24.58
C PRO J 72 -26.21 6.36 23.69
N ALA J 73 -27.52 6.54 23.90
CA ALA J 73 -28.54 5.86 23.10
C ALA J 73 -28.85 6.67 21.84
N THR J 74 -29.29 5.99 20.79
CA THR J 74 -29.54 6.60 19.48
C THR J 74 -31.02 6.94 19.19
N VAL J 75 -31.26 8.15 18.71
CA VAL J 75 -32.57 8.61 18.25
C VAL J 75 -32.44 8.93 16.77
N GLY J 76 -33.25 8.28 15.93
CA GLY J 76 -33.26 8.53 14.49
C GLY J 76 -34.06 9.77 14.13
N LEU J 77 -33.71 10.42 13.02
CA LEU J 77 -34.31 11.68 12.58
C LEU J 77 -34.53 11.66 11.06
N ALA J 78 -35.73 12.09 10.62
CA ALA J 78 -36.04 12.26 9.18
C ALA J 78 -36.75 13.60 8.97
N PHE J 79 -36.41 14.29 7.87
CA PHE J 79 -36.99 15.60 7.54
C PHE J 79 -38.07 15.50 6.46
N ARG J 80 -38.94 16.50 6.42
CA ARG J 80 -39.87 16.65 5.32
C ARG J 80 -39.18 17.33 4.13
N ALA J 81 -39.46 16.85 2.93
CA ALA J 81 -38.89 17.42 1.70
C ALA J 81 -39.95 17.56 0.60
N ASP J 82 -40.43 18.80 0.40
CA ASP J 82 -41.48 19.10 -0.59
C ASP J 82 -42.78 18.30 -0.39
N ASP J 83 -43.38 18.44 0.79
CA ASP J 83 -44.70 17.84 1.12
C ASP J 83 -44.62 16.52 1.87
N THR J 84 -43.78 15.59 1.39
CA THR J 84 -43.69 14.25 2.00
C THR J 84 -42.34 14.03 2.69
N PHE J 85 -42.37 13.25 3.77
CA PHE J 85 -41.19 12.94 4.54
C PHE J 85 -40.30 11.96 3.79
N GLU J 86 -39.00 12.18 3.86
CA GLU J 86 -38.01 11.19 3.43
C GLU J 86 -38.06 10.01 4.41
N ALA J 87 -37.53 8.87 3.98
CA ALA J 87 -37.44 7.71 4.84
C ALA J 87 -36.32 7.89 5.89
N LEU J 88 -36.41 7.17 6.99
CA LEU J 88 -35.35 7.12 7.98
C LEU J 88 -34.10 6.48 7.35
N ILE J 90 -29.83 6.15 8.35
CA ILE J 90 -28.67 6.47 9.19
C ILE J 90 -27.43 5.78 8.60
N GLU J 91 -26.45 6.56 8.15
CA GLU J 91 -25.22 5.97 7.60
C GLU J 91 -24.36 5.40 8.73
N PRO J 92 -23.91 4.14 8.58
CA PRO J 92 -23.02 3.55 9.58
C PRO J 92 -21.66 4.27 9.65
N PHE J 93 -21.05 4.27 10.83
CA PHE J 93 -19.67 4.72 10.96
C PHE J 93 -18.76 3.75 10.20
N SER J 94 -17.53 4.18 9.93
CA SER J 94 -16.53 3.34 9.27
C SER J 94 -16.23 2.05 10.06
N SER J 95 -15.66 1.07 9.37
CA SER J 95 -15.28 -0.20 9.98
C SER J 95 -13.84 -0.09 10.44
N PRO J 96 -13.54 -0.58 11.65
CA PRO J 96 -12.15 -0.66 12.09
C PRO J 96 -11.35 -1.65 11.26
N PRO J 97 -10.04 -1.43 11.13
CA PRO J 97 -9.21 -2.40 10.43
C PRO J 97 -8.96 -3.64 11.27
N GLU J 98 -8.42 -4.70 10.65
CA GLU J 98 -8.06 -5.92 11.37
C GLU J 98 -7.00 -5.61 12.44
N LEU J 99 -7.04 -6.33 13.56
CA LEU J 99 -6.01 -6.20 14.58
C LEU J 99 -4.64 -6.59 14.02
N PRO J 100 -3.62 -5.71 14.16
CA PRO J 100 -2.27 -6.07 13.71
C PRO J 100 -1.73 -7.30 14.44
N ASP J 101 -0.76 -7.98 13.85
CA ASP J 101 -0.19 -9.21 14.44
C ASP J 101 0.06 -9.06 15.95
N VAL J 102 0.74 -8.00 16.34
CA VAL J 102 1.19 -7.82 17.74
C VAL J 102 0.08 -7.48 18.76
N MET J 103 -1.16 -7.28 18.30
CA MET J 103 -2.29 -6.94 19.18
C MET J 103 -3.26 -8.10 19.44
N LYS J 104 -2.91 -9.29 18.97
CA LYS J 104 -3.72 -10.49 19.25
C LYS J 104 -2.80 -11.61 19.71
N MET K 1 -27.48 27.96 23.59
CA MET K 1 -26.50 26.86 23.74
C MET K 1 -25.62 26.78 22.50
N MET K 2 -24.32 27.02 22.66
CA MET K 2 -23.40 27.00 21.53
C MET K 2 -22.91 25.58 21.24
N TYR K 3 -22.93 25.24 19.97
CA TYR K 3 -22.47 23.96 19.46
C TYR K 3 -21.35 24.20 18.46
N VAL K 4 -20.60 23.15 18.14
CA VAL K 4 -19.56 23.18 17.12
C VAL K 4 -19.58 21.87 16.33
N LYS K 5 -19.12 21.93 15.09
CA LYS K 5 -19.11 20.76 14.20
C LYS K 5 -17.69 20.21 13.99
N LEU K 6 -17.53 18.91 14.21
CA LEU K 6 -16.26 18.19 13.97
C LEU K 6 -16.49 17.11 12.90
N ILE K 7 -15.67 17.13 11.85
CA ILE K 7 -15.90 16.32 10.65
C ILE K 7 -14.80 15.27 10.48
N SER K 8 -15.21 14.01 10.37
CA SER K 8 -14.27 12.88 10.23
C SER K 8 -13.70 12.77 8.81
N SER K 9 -12.75 11.87 8.62
CA SER K 9 -12.08 11.71 7.32
C SER K 9 -13.04 11.15 6.28
N ASP K 10 -13.92 10.26 6.73
CA ASP K 10 -14.97 9.66 5.90
C ASP K 10 -16.25 10.52 5.76
N GLY K 11 -16.19 11.80 6.17
CA GLY K 11 -17.27 12.76 5.89
C GLY K 11 -18.44 12.81 6.88
N HIS K 12 -18.33 12.10 8.01
CA HIS K 12 -19.35 12.21 9.08
C HIS K 12 -19.22 13.51 9.86
N GLU K 13 -20.36 14.14 10.11
CA GLU K 13 -20.41 15.44 10.75
C GLU K 13 -20.97 15.30 12.18
N PHE K 14 -20.11 15.50 13.16
CA PHE K 14 -20.47 15.39 14.57
C PHE K 14 -20.69 16.77 15.18
N ILE K 15 -21.87 16.99 15.79
CA ILE K 15 -22.19 18.28 16.38
C ILE K 15 -22.27 18.14 17.90
N VAL K 16 -21.37 18.84 18.60
CA VAL K 16 -21.25 18.71 20.07
C VAL K 16 -21.26 20.09 20.72
N LYS K 17 -21.65 20.17 21.99
CA LYS K 17 -21.63 21.44 22.71
C LYS K 17 -20.22 22.00 22.73
N ARG K 18 -20.12 23.32 22.54
CA ARG K 18 -18.84 24.03 22.53
C ARG K 18 -18.08 23.74 23.81
N GLU K 19 -18.76 23.90 24.94
CA GLU K 19 -18.15 23.61 26.25
C GLU K 19 -17.46 22.24 26.27
N HIS K 20 -18.14 21.22 25.77
CA HIS K 20 -17.58 19.86 25.75
C HIS K 20 -16.32 19.77 24.85
N ALA K 21 -16.37 20.35 23.66
CA ALA K 21 -15.24 20.30 22.73
C ALA K 21 -13.98 20.99 23.27
N LEU K 22 -14.16 22.06 24.06
CA LEU K 22 -13.03 22.72 24.71
C LEU K 22 -12.26 21.87 25.73
N THR K 23 -12.75 20.68 26.06
CA THR K 23 -11.93 19.62 26.71
C THR K 23 -10.57 19.39 26.04
N SER K 24 -10.56 19.39 24.71
CA SER K 24 -9.34 19.25 23.93
C SER K 24 -8.64 20.60 23.85
N GLY K 25 -7.41 20.67 24.34
CA GLY K 25 -6.60 21.89 24.22
C GLY K 25 -6.36 22.26 22.76
N THR K 26 -6.17 21.23 21.92
CA THR K 26 -6.00 21.43 20.50
C THR K 26 -7.23 22.06 19.84
N ILE K 27 -8.42 21.52 20.12
CA ILE K 27 -9.64 22.08 19.57
C ILE K 27 -9.83 23.53 20.04
N LYS K 28 -9.54 23.79 21.31
CA LYS K 28 -9.65 25.15 21.84
C LYS K 28 -8.84 26.19 21.05
N ALA K 29 -7.60 25.85 20.73
CA ALA K 29 -6.76 26.72 19.91
C ALA K 29 -7.29 26.83 18.47
N MET K 30 -7.77 25.72 17.95
CA MET K 30 -8.25 25.63 16.56
C MET K 30 -9.47 26.51 16.28
N LEU K 31 -10.35 26.63 17.27
CA LEU K 31 -11.50 27.51 17.14
C LEU K 31 -11.07 28.96 17.31
N SER K 32 -10.19 29.21 18.28
CA SER K 32 -9.73 30.57 18.58
C SER K 32 -8.42 30.88 17.83
N THR K 42 -13.89 30.34 13.91
CA THR K 42 -14.45 29.18 13.23
C THR K 42 -15.36 28.38 14.16
N ASN K 43 -16.41 27.77 13.60
CA ASN K 43 -17.27 26.80 14.31
C ASN K 43 -17.22 25.38 13.75
N GLU K 44 -16.42 25.17 12.70
CA GLU K 44 -16.19 23.83 12.14
C GLU K 44 -14.72 23.50 12.15
N VAL K 45 -14.41 22.22 12.36
CA VAL K 45 -13.06 21.71 12.30
C VAL K 45 -13.05 20.40 11.52
N ASN K 46 -12.15 20.29 10.55
CA ASN K 46 -12.02 19.08 9.74
C ASN K 46 -10.84 18.24 10.17
N PHE K 47 -11.04 16.93 10.31
CA PHE K 47 -9.98 16.00 10.69
C PHE K 47 -9.77 14.95 9.60
N ARG K 48 -8.87 15.25 8.68
CA ARG K 48 -8.65 14.42 7.50
C ARG K 48 -8.04 13.04 7.74
N GLU K 49 -7.40 12.78 8.88
CA GLU K 49 -6.93 11.40 9.15
C GLU K 49 -7.63 10.72 10.33
N ILE K 50 -8.71 11.31 10.85
CA ILE K 50 -9.49 10.65 11.91
C ILE K 50 -10.84 10.13 11.40
N PRO K 51 -10.97 8.80 11.23
CA PRO K 51 -12.23 8.25 10.74
C PRO K 51 -13.35 8.25 11.79
N SER K 52 -14.58 7.99 11.36
CA SER K 52 -15.77 8.20 12.19
C SER K 52 -15.87 7.21 13.35
N HIS K 53 -15.37 5.99 13.17
CA HIS K 53 -15.36 5.00 14.27
C HIS K 53 -14.43 5.40 15.40
N VAL K 54 -13.48 6.31 15.14
CA VAL K 54 -12.62 6.90 16.16
C VAL K 54 -13.23 8.20 16.71
N LEU K 55 -13.60 9.13 15.82
CA LEU K 55 -14.09 10.45 16.23
C LEU K 55 -15.38 10.40 17.05
N SER K 56 -16.24 9.41 16.76
CA SER K 56 -17.46 9.24 17.55
C SER K 56 -17.11 8.92 18.99
N LYS K 57 -16.10 8.08 19.19
CA LYS K 57 -15.62 7.76 20.54
C LYS K 57 -15.02 8.96 21.25
N VAL K 58 -14.30 9.81 20.51
CA VAL K 58 -13.74 11.03 21.09
C VAL K 58 -14.86 11.90 21.68
N CYS K 59 -15.97 12.01 20.96
CA CYS K 59 -17.11 12.81 21.41
C CYS K 59 -17.73 12.20 22.67
N MET K 60 -17.82 10.88 22.71
CA MET K 60 -18.31 10.22 23.91
C MET K 60 -17.38 10.54 25.09
N TYR K 61 -16.06 10.54 24.88
CA TYR K 61 -15.12 10.88 25.95
C TYR K 61 -15.39 12.28 26.52
N PHE K 62 -15.64 13.26 25.66
CA PHE K 62 -15.97 14.62 26.11
C PHE K 62 -17.15 14.62 27.07
N THR K 63 -18.22 13.91 26.69
CA THR K 63 -19.43 13.80 27.49
C THR K 63 -19.12 13.18 28.86
N TYR K 64 -18.39 12.07 28.84
CA TYR K 64 -17.97 11.34 30.04
C TYR K 64 -17.14 12.25 30.97
N LYS K 65 -16.14 12.92 30.40
CA LYS K 65 -15.29 13.79 31.19
C LYS K 65 -16.06 14.93 31.87
N VAL K 66 -16.92 15.64 31.12
CA VAL K 66 -17.66 16.76 31.69
C VAL K 66 -18.62 16.28 32.80
N ARG K 67 -19.28 15.16 32.55
CA ARG K 67 -20.19 14.57 33.51
C ARG K 67 -19.51 14.17 34.82
N TYR K 68 -18.36 13.51 34.72
CA TYR K 68 -17.75 12.88 35.91
C TYR K 68 -16.64 13.70 36.58
N THR K 69 -16.16 14.75 35.94
CA THR K 69 -15.18 15.64 36.58
C THR K 69 -15.81 16.38 37.77
N ASN K 70 -15.08 16.36 38.89
CA ASN K 70 -15.56 16.81 40.22
C ASN K 70 -17.04 16.51 40.50
N SER K 71 -17.35 15.21 40.51
CA SER K 71 -18.68 14.70 40.81
C SER K 71 -18.64 13.80 42.05
N SER K 72 -19.79 13.63 42.69
CA SER K 72 -19.91 12.80 43.89
C SER K 72 -20.24 11.33 43.55
N THR K 73 -21.03 11.11 42.51
CA THR K 73 -21.44 9.75 42.12
C THR K 73 -20.26 8.94 41.61
N GLU K 74 -20.34 7.62 41.79
CA GLU K 74 -19.22 6.71 41.52
C GLU K 74 -18.89 6.70 40.04
N ILE K 75 -17.60 6.72 39.73
CA ILE K 75 -17.12 6.88 38.38
C ILE K 75 -16.93 5.51 37.76
N PRO K 76 -17.59 5.25 36.62
CA PRO K 76 -17.37 3.98 35.91
C PRO K 76 -16.21 4.09 34.90
N GLU K 77 -15.81 2.93 34.38
CA GLU K 77 -14.73 2.83 33.43
C GLU K 77 -15.17 3.40 32.09
N PHE K 78 -14.25 4.07 31.39
CA PHE K 78 -14.44 4.44 30.00
C PHE K 78 -14.06 3.26 29.10
N PRO K 79 -15.02 2.73 28.34
CA PRO K 79 -14.77 1.50 27.59
C PRO K 79 -14.13 1.77 26.21
N ILE K 80 -13.19 0.92 25.83
CA ILE K 80 -12.51 1.03 24.55
C ILE K 80 -12.32 -0.36 23.94
N ALA K 81 -12.99 -0.64 22.83
CA ALA K 81 -12.84 -1.95 22.19
C ALA K 81 -11.43 -2.10 21.61
N PRO K 82 -10.86 -3.31 21.68
CA PRO K 82 -9.49 -3.53 21.21
C PRO K 82 -9.22 -3.07 19.76
N GLU K 83 -10.22 -3.17 18.89
CA GLU K 83 -10.06 -2.91 17.46
C GLU K 83 -9.91 -1.44 17.14
N ILE K 84 -10.31 -0.56 18.06
CA ILE K 84 -10.11 0.86 17.85
C ILE K 84 -9.04 1.50 18.74
N ALA K 85 -8.52 0.76 19.70
CA ALA K 85 -7.60 1.34 20.70
C ALA K 85 -6.40 2.09 20.09
N LEU K 86 -5.79 1.54 19.05
CA LEU K 86 -4.59 2.17 18.49
C LEU K 86 -4.85 3.52 17.79
N GLU K 87 -5.87 3.57 16.95
CA GLU K 87 -6.25 4.80 16.27
C GLU K 87 -6.75 5.85 17.24
N LEU K 88 -7.42 5.41 18.30
CA LEU K 88 -7.87 6.32 19.32
C LEU K 88 -6.70 6.92 20.09
N LEU K 89 -5.65 6.13 20.35
CA LEU K 89 -4.43 6.63 21.03
C LEU K 89 -3.78 7.76 20.20
N MET K 90 -3.64 7.54 18.89
CA MET K 90 -3.14 8.57 17.97
C MET K 90 -4.00 9.84 18.01
N ALA K 91 -5.32 9.69 17.99
CA ALA K 91 -6.19 10.84 18.01
C ALA K 91 -6.06 11.61 19.33
N ALA K 92 -5.97 10.88 20.43
CA ALA K 92 -5.89 11.48 21.75
C ALA K 92 -4.58 12.26 21.92
N ASN K 93 -3.49 11.72 21.41
CA ASN K 93 -2.22 12.42 21.44
C ASN K 93 -2.28 13.76 20.66
N PHE K 94 -2.84 13.72 19.46
CA PHE K 94 -2.98 14.94 18.63
C PHE K 94 -3.86 15.99 19.31
N LEU K 95 -4.99 15.54 19.88
CA LEU K 95 -5.98 16.45 20.46
C LEU K 95 -5.71 16.93 21.91
N ASP K 96 -4.66 16.40 22.55
CA ASP K 96 -4.29 16.81 23.92
C ASP K 96 -5.47 16.72 24.88
N CYS K 97 -6.06 15.52 24.96
CA CYS K 97 -7.18 15.30 25.84
C CYS K 97 -7.17 13.91 26.46
N VAL L 11 11.71 11.64 52.60
CA VAL L 11 10.75 12.67 53.10
C VAL L 11 9.35 12.09 53.25
N LEU L 12 8.85 11.40 52.22
CA LEU L 12 7.52 10.77 52.28
C LEU L 12 7.60 9.43 53.03
N ARG L 13 7.26 9.47 54.31
CA ARG L 13 7.32 8.26 55.13
C ARG L 13 6.29 8.36 56.24
N SER L 14 5.95 7.21 56.83
CA SER L 14 5.06 7.17 57.97
C SER L 14 5.77 7.75 59.18
N VAL L 15 5.00 8.43 60.03
CA VAL L 15 5.47 8.90 61.34
C VAL L 15 5.24 7.80 62.36
N ASN L 16 6.22 7.52 63.21
CA ASN L 16 6.10 6.43 64.18
C ASN L 16 5.36 6.87 65.46
N SER L 17 4.05 7.12 65.31
CA SER L 17 3.22 7.66 66.39
C SER L 17 2.89 6.64 67.46
N ARG L 18 2.67 5.40 67.06
CA ARG L 18 2.23 4.34 67.96
C ARG L 18 0.79 4.53 68.47
N GLU L 19 0.07 5.54 68.00
CA GLU L 19 -1.34 5.74 68.39
C GLU L 19 -2.30 5.08 67.39
N PRO L 20 -3.08 4.07 67.82
CA PRO L 20 -3.98 3.35 66.89
C PRO L 20 -5.02 4.22 66.21
N SER L 21 -5.36 3.88 64.97
CA SER L 21 -6.42 4.52 64.23
C SER L 21 -7.13 3.46 63.38
N GLN L 22 -8.44 3.33 63.58
CA GLN L 22 -9.26 2.37 62.85
C GLN L 22 -9.83 2.97 61.56
N VAL L 23 -9.67 2.24 60.46
CA VAL L 23 -10.01 2.72 59.12
C VAL L 23 -10.86 1.71 58.38
N ILE L 24 -11.74 2.20 57.50
CA ILE L 24 -12.42 1.37 56.50
C ILE L 24 -11.82 1.66 55.12
N PHE L 25 -11.16 0.66 54.52
CA PHE L 25 -10.76 0.75 53.12
C PHE L 25 -11.99 0.32 52.31
N ASN L 27 -13.52 0.05 48.46
CA ASN L 27 -13.19 0.06 47.03
C ASN L 27 -14.46 0.41 46.24
N ARG L 28 -14.58 1.67 45.86
CA ARG L 28 -15.66 2.13 45.00
C ARG L 28 -15.16 2.32 43.57
N SER L 29 -14.34 1.37 43.11
CA SER L 29 -13.86 1.38 41.73
C SER L 29 -14.18 0.04 41.11
N PRO L 30 -14.00 -0.11 39.78
CA PRO L 30 -14.15 -1.40 39.14
C PRO L 30 -12.85 -2.23 39.11
N ARG L 31 -11.76 -1.74 39.72
CA ARG L 31 -10.46 -2.44 39.68
C ARG L 31 -10.21 -3.28 40.95
N VAL L 32 -9.36 -4.30 40.85
CA VAL L 32 -8.82 -5.00 42.03
C VAL L 32 -7.77 -4.05 42.61
N VAL L 33 -7.93 -3.68 43.89
CA VAL L 33 -7.11 -2.64 44.51
C VAL L 33 -5.99 -3.22 45.39
N LEU L 34 -4.80 -2.68 45.19
CA LEU L 34 -3.62 -2.96 46.02
C LEU L 34 -3.35 -1.77 46.96
N PRO L 35 -3.61 -1.93 48.26
CA PRO L 35 -3.22 -0.89 49.24
C PRO L 35 -1.71 -0.94 49.44
N VAL L 36 -1.07 0.23 49.49
CA VAL L 36 0.40 0.34 49.72
C VAL L 36 0.71 1.25 50.91
N TRP L 37 1.31 0.69 51.97
CA TRP L 37 1.78 1.45 53.15
C TRP L 37 3.23 1.93 52.94
N LEU L 38 3.47 3.22 53.16
CA LEU L 38 4.85 3.71 53.19
C LEU L 38 5.47 3.50 54.57
N ASN L 39 6.51 2.67 54.63
CA ASN L 39 7.10 2.30 55.92
C ASN L 39 7.99 3.42 56.49
N PHE L 40 8.62 3.18 57.64
CA PHE L 40 9.34 4.22 58.36
C PHE L 40 10.58 4.73 57.62
N ASP L 41 10.96 4.04 56.54
CA ASP L 41 12.06 4.46 55.67
C ASP L 41 11.59 5.08 54.36
N GLY L 42 10.28 5.10 54.12
CA GLY L 42 9.73 5.57 52.83
C GLY L 42 9.58 4.48 51.77
N GLU L 43 9.83 3.23 52.15
CA GLU L 43 9.72 2.09 51.24
C GLU L 43 8.26 1.61 51.12
N PRO L 44 7.76 1.48 49.88
CA PRO L 44 6.39 0.98 49.69
C PRO L 44 6.22 -0.49 50.11
N GLN L 45 5.20 -0.76 50.94
CA GLN L 45 4.94 -2.11 51.41
C GLN L 45 3.54 -2.56 51.01
N PRO L 46 3.43 -3.59 50.16
CA PRO L 46 2.12 -4.04 49.70
C PRO L 46 1.32 -4.82 50.75
N TYR L 47 -0.01 -4.64 50.72
CA TYR L 47 -0.95 -5.29 51.65
C TYR L 47 -1.98 -6.07 50.82
N PRO L 48 -2.78 -6.94 51.48
CA PRO L 48 -3.71 -7.78 50.72
C PRO L 48 -4.69 -7.00 49.83
N THR L 49 -5.06 -7.59 48.71
CA THR L 49 -5.89 -6.88 47.73
C THR L 49 -7.38 -6.87 48.10
N LEU L 50 -8.11 -5.92 47.51
CA LEU L 50 -9.56 -5.79 47.68
C LEU L 50 -10.29 -5.90 46.35
N PRO L 51 -11.15 -6.92 46.18
CA PRO L 51 -11.95 -7.00 44.93
C PRO L 51 -12.86 -5.79 44.75
N PRO L 52 -13.28 -5.52 43.50
CA PRO L 52 -14.17 -4.39 43.21
C PRO L 52 -15.40 -4.38 44.10
N GLY L 53 -15.78 -3.21 44.60
CA GLY L 53 -17.02 -3.08 45.38
C GLY L 53 -17.01 -3.56 46.83
N THR L 54 -15.86 -4.02 47.33
CA THR L 54 -15.76 -4.54 48.69
C THR L 54 -15.11 -3.55 49.65
N GLY L 55 -15.36 -3.77 50.95
CA GLY L 55 -14.77 -2.95 52.00
C GLY L 55 -14.20 -3.81 53.14
N ARG L 56 -13.21 -3.28 53.84
CA ARG L 56 -12.63 -3.94 55.00
C ARG L 56 -12.24 -2.95 56.08
N ARG L 57 -12.51 -3.34 57.33
CA ARG L 57 -12.13 -2.57 58.52
C ARG L 57 -10.74 -3.03 58.92
N ILE L 58 -9.77 -2.11 58.94
CA ILE L 58 -8.37 -2.45 59.21
C ILE L 58 -7.76 -1.61 60.34
N HIS L 59 -6.67 -2.13 60.93
CA HIS L 59 -5.94 -1.42 61.99
C HIS L 59 -4.67 -0.73 61.51
N SER L 60 -4.62 0.59 61.65
CA SER L 60 -3.44 1.39 61.31
C SER L 60 -3.09 2.35 62.47
N TYR L 61 -2.42 3.45 62.17
CA TYR L 61 -1.92 4.38 63.21
C TYR L 61 -1.94 5.82 62.71
N ARG L 62 -2.09 6.75 63.64
CA ARG L 62 -2.09 8.16 63.33
C ARG L 62 -0.77 8.52 62.67
N GLY L 63 -0.83 9.27 61.58
CA GLY L 63 0.36 9.76 60.90
C GLY L 63 0.98 8.80 59.90
N HIS L 64 0.38 7.63 59.71
CA HIS L 64 0.89 6.68 58.71
C HIS L 64 0.39 7.07 57.32
N LEU L 65 1.14 6.67 56.29
CA LEU L 65 0.85 7.07 54.91
C LEU L 65 0.49 5.87 54.04
N TRP L 66 -0.56 6.03 53.22
CA TRP L 66 -1.06 4.99 52.32
C TRP L 66 -1.33 5.54 50.92
N LEU L 67 -1.18 4.70 49.91
CA LEU L 67 -1.73 4.97 48.59
C LEU L 67 -2.34 3.69 47.99
N PHE L 68 -3.04 3.83 46.86
CA PHE L 68 -3.84 2.73 46.31
C PHE L 68 -3.66 2.63 44.80
N ARG L 69 -3.47 1.40 44.30
CA ARG L 69 -3.19 1.10 42.89
C ARG L 69 -4.00 -0.10 42.39
N ASP L 70 -4.11 -0.23 41.07
CA ASP L 70 -4.61 -1.43 40.42
C ASP L 70 -3.59 -2.54 40.67
N ALA L 71 -4.03 -3.64 41.27
CA ALA L 71 -3.12 -4.70 41.68
C ALA L 71 -2.48 -5.43 40.51
N GLY L 72 -3.12 -5.41 39.34
CA GLY L 72 -2.57 -6.06 38.14
C GLY L 72 -1.63 -5.19 37.29
N THR L 73 -2.02 -3.93 37.04
CA THR L 73 -1.29 -3.03 36.14
C THR L 73 -0.53 -1.88 36.82
N HIS L 74 -0.78 -1.67 38.10
CA HIS L 74 -0.28 -0.54 38.88
C HIS L 74 -0.79 0.88 38.52
N ASP L 75 -1.84 0.98 37.71
CA ASP L 75 -2.46 2.26 37.42
C ASP L 75 -2.79 2.97 38.75
N GLY L 76 -2.62 4.29 38.77
CA GLY L 76 -2.92 5.11 39.95
C GLY L 76 -4.41 5.24 40.20
N LEU L 77 -4.79 5.26 41.48
CA LEU L 77 -6.19 5.45 41.91
C LEU L 77 -6.27 6.58 42.94
N LEU L 78 -7.48 7.09 43.20
CA LEU L 78 -7.64 8.17 44.17
C LEU L 78 -8.21 7.64 45.48
N VAL L 79 -7.88 8.32 46.56
CA VAL L 79 -8.44 8.00 47.87
C VAL L 79 -8.91 9.29 48.52
N ASN L 80 -10.20 9.33 48.85
CA ASN L 80 -10.86 10.58 49.23
C ASN L 80 -10.46 11.74 48.30
N GLN L 81 -10.51 11.47 47.00
CA GLN L 81 -10.24 12.48 45.96
C GLN L 81 -8.79 12.96 45.84
N THR L 82 -7.84 12.31 46.50
CA THR L 82 -6.46 12.74 46.41
C THR L 82 -5.49 11.54 46.35
N GLU L 83 -4.20 11.83 46.40
CA GLU L 83 -3.16 10.83 46.14
C GLU L 83 -2.88 9.96 47.35
N LEU L 84 -2.71 10.63 48.49
CA LEU L 84 -2.27 10.00 49.73
C LEU L 84 -3.38 10.02 50.80
N PHE L 85 -3.43 8.98 51.61
CA PHE L 85 -4.36 8.89 52.76
C PHE L 85 -3.59 8.74 54.07
N VAL L 86 -3.97 9.55 55.06
CA VAL L 86 -3.33 9.58 56.38
C VAL L 86 -4.37 9.36 57.48
N PRO L 87 -4.32 8.22 58.18
CA PRO L 87 -5.25 8.02 59.29
C PRO L 87 -5.16 9.09 60.37
N SER L 88 -6.32 9.48 60.88
CA SER L 88 -6.44 10.52 61.90
C SER L 88 -7.04 9.94 63.21
N LEU L 89 -7.26 10.82 64.19
CA LEU L 89 -7.84 10.42 65.47
C LEU L 89 -9.30 10.01 65.30
N ASN L 90 -9.65 8.83 65.83
CA ASN L 90 -11.05 8.38 65.85
C ASN L 90 -11.87 9.18 66.83
N VAL L 91 -13.03 9.66 66.41
CA VAL L 91 -13.78 10.63 67.21
C VAL L 91 -14.66 10.00 68.30
N ASP L 92 -15.61 9.14 67.94
CA ASP L 92 -16.54 8.56 68.92
C ASP L 92 -16.73 7.07 68.64
N GLY L 93 -15.61 6.33 68.68
CA GLY L 93 -15.56 4.94 68.24
C GLY L 93 -15.86 4.80 66.76
N GLN L 94 -15.74 5.90 66.02
CA GLN L 94 -16.15 5.99 64.63
C GLN L 94 -14.90 5.82 63.76
N PRO L 95 -14.92 4.86 62.82
CA PRO L 95 -13.73 4.69 61.98
C PRO L 95 -13.62 5.81 60.93
N ILE L 96 -12.43 5.98 60.37
CA ILE L 96 -12.19 6.92 59.27
C ILE L 96 -12.39 6.17 57.94
N PHE L 97 -13.22 6.71 57.05
CA PHE L 97 -13.42 6.11 55.73
C PHE L 97 -12.36 6.53 54.73
N ALA L 98 -11.74 5.55 54.08
CA ALA L 98 -10.87 5.79 52.95
C ALA L 98 -11.60 5.32 51.69
N ASN L 99 -12.22 6.25 50.96
CA ASN L 99 -12.99 5.91 49.74
C ASN L 99 -12.07 5.94 48.53
N ILE L 100 -11.87 4.76 47.94
CA ILE L 100 -10.98 4.55 46.80
C ILE L 100 -11.80 4.53 45.52
N THR L 101 -11.46 5.40 44.55
CA THR L 101 -12.21 5.52 43.30
C THR L 101 -11.29 5.57 42.09
N LEU L 102 -11.89 5.35 40.91
CA LEU L 102 -11.20 5.61 39.64
C LEU L 102 -11.02 7.11 39.43
N PRO L 103 -9.83 7.54 38.99
CA PRO L 103 -9.72 8.90 38.45
C PRO L 103 -10.45 9.02 37.12
N VAL L 104 -10.78 10.24 36.72
CA VAL L 104 -11.10 10.55 35.33
C VAL L 104 -9.79 10.62 34.58
N TYR L 105 -9.34 9.51 34.00
CA TYR L 105 -8.11 9.50 33.23
C TYR L 105 -8.25 10.36 31.99
N THR L 106 -7.13 10.88 31.49
CA THR L 106 -7.14 11.53 30.20
C THR L 106 -7.42 10.45 29.16
N LEU L 107 -7.98 10.84 28.02
CA LEU L 107 -8.25 9.84 26.98
C LEU L 107 -6.98 9.12 26.57
N LYS L 108 -5.88 9.87 26.47
CA LYS L 108 -4.57 9.33 26.10
C LYS L 108 -4.10 8.28 27.10
N GLU L 109 -4.15 8.59 28.41
CA GLU L 109 -3.74 7.60 29.42
C GLU L 109 -4.60 6.34 29.38
N ARG L 110 -5.90 6.53 29.21
CA ARG L 110 -6.80 5.39 29.09
C ARG L 110 -6.48 4.50 27.86
N CYS L 111 -6.22 5.12 26.71
CA CYS L 111 -5.80 4.39 25.52
C CYS L 111 -4.44 3.66 25.77
N LEU L 112 -3.48 4.33 26.42
CA LEU L 112 -2.22 3.66 26.74
C LEU L 112 -2.48 2.40 27.57
N GLN L 113 -3.43 2.49 28.52
CA GLN L 113 -3.80 1.33 29.36
C GLN L 113 -4.26 0.17 28.52
N VAL L 114 -5.21 0.43 27.62
CA VAL L 114 -5.77 -0.64 26.81
C VAL L 114 -4.70 -1.20 25.86
N VAL L 115 -3.91 -0.33 25.23
CA VAL L 115 -2.86 -0.81 24.31
C VAL L 115 -1.82 -1.65 25.07
N ARG L 116 -1.40 -1.22 26.26
CA ARG L 116 -0.48 -2.02 27.09
C ARG L 116 -1.04 -3.40 27.42
N SER L 117 -2.36 -3.50 27.57
CA SER L 117 -2.99 -4.79 27.89
C SER L 117 -3.07 -5.72 26.68
N LEU L 118 -2.76 -5.22 25.48
CA LEU L 118 -2.84 -6.03 24.27
C LEU L 118 -1.51 -6.24 23.53
N VAL L 119 -0.46 -5.49 23.89
CA VAL L 119 0.82 -5.57 23.20
C VAL L 119 1.94 -5.79 24.20
N LYS L 120 2.77 -6.80 23.97
CA LYS L 120 3.85 -7.09 24.89
C LYS L 120 4.98 -6.10 24.65
N PRO L 121 5.72 -5.75 25.72
CA PRO L 121 6.74 -4.68 25.67
C PRO L 121 7.76 -4.77 24.52
N GLU L 122 8.09 -5.98 24.09
CA GLU L 122 9.06 -6.17 23.00
C GLU L 122 8.52 -5.66 21.67
N ASN L 123 7.20 -5.49 21.57
CA ASN L 123 6.55 -5.16 20.31
C ASN L 123 5.97 -3.74 20.21
N TYR L 124 6.15 -2.91 21.24
CA TYR L 124 5.66 -1.52 21.20
C TYR L 124 6.22 -0.76 20.00
N ARG L 125 7.52 -0.90 19.78
CA ARG L 125 8.21 -0.18 18.69
C ARG L 125 7.91 -0.77 17.31
N ARG L 126 7.19 -1.90 17.26
CA ARG L 126 6.67 -2.41 15.98
C ARG L 126 5.34 -1.73 15.57
N LEU L 127 4.74 -0.93 16.46
CA LEU L 127 3.45 -0.29 16.18
C LEU L 127 3.61 0.88 15.20
N ASP L 128 2.71 1.03 14.26
CA ASP L 128 2.83 2.10 13.28
C ASP L 128 2.28 3.39 13.88
N ILE L 129 3.05 3.98 14.78
CA ILE L 129 2.69 5.25 15.39
C ILE L 129 3.89 6.18 15.54
N VAL L 130 3.58 7.43 15.87
CA VAL L 130 4.55 8.49 16.17
C VAL L 130 5.56 8.04 17.25
N ARG L 131 6.85 8.29 17.00
CA ARG L 131 7.90 7.69 17.84
C ARG L 131 7.78 8.05 19.32
N SER L 132 7.35 9.28 19.61
CA SER L 132 7.14 9.75 21.00
C SER L 132 6.18 8.88 21.81
N LEU L 133 5.16 8.32 21.15
CA LEU L 133 4.22 7.39 21.79
C LEU L 133 4.89 6.06 22.27
N TYR L 134 6.05 5.72 21.70
CA TYR L 134 6.82 4.57 22.15
C TYR L 134 7.28 4.78 23.60
N GLU L 135 7.95 5.91 23.84
CA GLU L 135 8.33 6.33 25.21
C GLU L 135 7.12 6.38 26.16
N ASP L 136 6.01 6.93 25.68
CA ASP L 136 4.80 7.04 26.51
C ASP L 136 4.34 5.64 26.98
N LEU L 137 4.29 4.68 26.05
CA LEU L 137 3.93 3.28 26.37
C LEU L 137 4.88 2.61 27.35
N GLU L 138 6.19 2.78 27.14
CA GLU L 138 7.20 2.15 28.02
C GLU L 138 7.29 2.75 29.40
N ASP L 139 6.75 3.95 29.58
CA ASP L 139 6.72 4.57 30.91
C ASP L 139 5.54 3.98 31.72
N HIS L 140 5.67 2.71 32.09
CA HIS L 140 4.66 2.01 32.90
C HIS L 140 4.40 2.71 34.22
N PRO L 141 3.13 2.75 34.66
CA PRO L 141 2.85 3.24 36.01
C PRO L 141 3.69 2.48 37.04
N ASN L 142 4.25 3.21 37.99
CA ASN L 142 5.33 2.69 38.86
C ASN L 142 5.26 3.52 40.14
N VAL L 143 5.07 2.85 41.28
CA VAL L 143 4.90 3.53 42.57
C VAL L 143 6.15 4.35 42.90
N GLN L 144 7.32 3.73 42.75
CA GLN L 144 8.58 4.38 43.09
C GLN L 144 8.73 5.69 42.31
N LYS L 145 8.45 5.66 41.00
CA LYS L 145 8.48 6.89 40.20
C LYS L 145 7.48 7.96 40.68
N ASP L 146 6.30 7.56 41.14
CA ASP L 146 5.31 8.52 41.66
C ASP L 146 5.71 9.16 42.98
N LEU L 147 6.40 8.39 43.83
CA LEU L 147 6.89 8.92 45.09
C LEU L 147 7.98 9.96 44.84
N GLU L 148 8.83 9.71 43.85
CA GLU L 148 9.83 10.70 43.43
C GLU L 148 9.12 12.01 43.04
N ARG L 149 8.13 11.90 42.15
CA ARG L 149 7.37 13.07 41.69
C ARG L 149 6.69 13.84 42.84
N LEU L 150 5.91 13.14 43.66
CA LEU L 150 5.23 13.75 44.80
C LEU L 150 6.20 14.49 45.74
N THR L 151 7.37 13.90 45.99
CA THR L 151 8.40 14.53 46.83
C THR L 151 8.90 15.85 46.24
N GLN L 152 8.98 15.94 44.92
CA GLN L 152 9.27 17.21 44.26
C GLN L 152 8.05 18.14 44.33
N GLU L 153 7.87 18.76 45.50
CA GLU L 153 6.71 19.62 45.77
C GLU L 153 6.89 20.39 47.07
#